data_4D42
#
_entry.id   4D42
#
_cell.length_a   90.350
_cell.length_b   94.860
_cell.length_c   94.900
_cell.angle_alpha   98.19
_cell.angle_beta   97.22
_cell.angle_gamma   112.46
#
_symmetry.space_group_name_H-M   'P 1'
#
loop_
_entity.id
_entity.type
_entity.pdbx_description
1 polymer 'ENOYL-[ACYL-CARRIER-PROTEIN] REDUCTASE [NADPH]'
2 non-polymer 'GLUTAMIC ACID'
3 non-polymer 4-fluoro-5-hexyl-2-phenoxyphenol
4 non-polymer 'NADP NICOTINAMIDE-ADENINE-DINUCLEOTIDE PHOSPHATE'
5 water water
#
_entity_poly.entity_id   1
_entity_poly.type   'polypeptide(L)'
_entity_poly.pdbx_seq_one_letter_code
;MKHHHHHHPMSDYDIPTTENLYFQGAMVNLENKTYVIMGIANKRSIAFGVAKVLDQLGAKLVFTYRKERSRKELEKLLEQ
LNQPEAHLYQIDVQSDEEVINGFEQIGKDVGNIDGVYHSIAFANMEDLRGRFSETSREGFLLAQDISSYSLTIVAHEAKK
LMPEGGSIVATTYLGGEFAVQNYNVMGVAKASLEANVKYLALDLGPDNIRVNAISAGPIRTLSAKGVGGFNTILKEIEER
APLKRNVDQVEVGKTAAYLLSDLSSGVTGENIHVDSGFHAIK
;
_entity_poly.pdbx_strand_id   A,B,C,D,E,F,G,H
#
# COMPACT_ATOMS: atom_id res chain seq x y z
N VAL A 28 4.28 -41.40 29.98
CA VAL A 28 4.96 -42.46 29.15
C VAL A 28 6.08 -43.24 29.93
N ASN A 29 5.72 -44.04 30.94
CA ASN A 29 6.71 -44.99 31.49
C ASN A 29 6.87 -46.25 30.61
N LEU A 30 8.08 -46.56 30.16
CA LEU A 30 8.26 -47.72 29.29
C LEU A 30 8.89 -49.01 29.90
N GLU A 31 8.81 -49.17 31.23
CA GLU A 31 9.35 -50.38 31.83
C GLU A 31 8.53 -51.56 31.37
N ASN A 32 9.18 -52.71 31.27
CA ASN A 32 8.54 -53.88 30.69
C ASN A 32 8.04 -53.70 29.27
N LYS A 33 8.54 -52.66 28.58
CA LYS A 33 8.53 -52.59 27.12
C LYS A 33 9.92 -52.88 26.51
N THR A 34 9.87 -53.43 25.31
CA THR A 34 11.08 -53.80 24.60
C THR A 34 10.92 -53.22 23.20
N TYR A 35 11.93 -52.51 22.72
CA TYR A 35 11.90 -51.94 21.39
C TYR A 35 13.15 -52.30 20.61
N VAL A 36 13.00 -52.51 19.31
CA VAL A 36 14.17 -52.74 18.47
C VAL A 36 14.50 -51.40 17.75
N ILE A 37 15.77 -51.00 17.82
CA ILE A 37 16.21 -49.79 17.16
C ILE A 37 17.17 -50.13 16.03
N MET A 38 16.78 -49.76 14.82
CA MET A 38 17.60 -50.07 13.65
C MET A 38 18.28 -48.81 13.11
N GLY A 39 19.61 -48.84 13.05
CA GLY A 39 20.34 -47.80 12.37
C GLY A 39 21.19 -46.83 13.18
N ILE A 40 21.65 -47.23 14.37
CA ILE A 40 22.74 -46.48 15.00
C ILE A 40 24.07 -46.75 14.29
N ALA A 41 24.78 -45.71 13.87
CA ALA A 41 26.17 -45.83 13.40
C ALA A 41 27.15 -45.23 14.41
N ASN A 42 26.76 -44.14 15.09
CA ASN A 42 27.67 -43.45 16.02
C ASN A 42 26.87 -42.57 16.94
N LYS A 43 27.54 -41.79 17.79
CA LYS A 43 26.82 -41.01 18.80
C LYS A 43 25.92 -39.93 18.19
N ARG A 44 26.11 -39.59 16.91
CA ARG A 44 25.34 -38.53 16.26
CA ARG A 44 25.31 -38.52 16.31
C ARG A 44 24.11 -39.07 15.53
N SER A 45 24.01 -40.40 15.41
CA SER A 45 22.85 -41.01 14.76
C SER A 45 21.53 -40.55 15.41
N ILE A 46 20.55 -40.16 14.57
CA ILE A 46 19.20 -39.91 15.08
C ILE A 46 18.73 -41.06 15.97
N ALA A 47 19.01 -42.30 15.55
CA ALA A 47 18.49 -43.43 16.29
C ALA A 47 19.15 -43.54 17.70
N PHE A 48 20.34 -42.99 17.90
CA PHE A 48 20.89 -42.93 19.25
C PHE A 48 20.21 -41.86 20.12
N GLY A 49 19.70 -40.80 19.52
CA GLY A 49 18.78 -39.87 20.18
C GLY A 49 17.54 -40.60 20.69
N VAL A 50 16.91 -41.36 19.79
CA VAL A 50 15.84 -42.29 20.18
C VAL A 50 16.27 -43.23 21.33
N ALA A 51 17.37 -43.98 21.19
CA ALA A 51 17.84 -44.87 22.28
C ALA A 51 17.92 -44.19 23.64
N LYS A 52 18.60 -43.05 23.71
CA LYS A 52 18.80 -42.35 24.96
C LYS A 52 17.48 -42.07 25.66
N VAL A 53 16.50 -41.60 24.88
CA VAL A 53 15.21 -41.27 25.48
C VAL A 53 14.51 -42.55 25.98
N LEU A 54 14.48 -43.59 25.16
CA LEU A 54 13.73 -44.78 25.51
C LEU A 54 14.41 -45.42 26.70
N ASP A 55 15.75 -45.36 26.71
CA ASP A 55 16.51 -45.95 27.82
C ASP A 55 16.18 -45.21 29.11
N GLN A 56 16.08 -43.88 29.04
CA GLN A 56 15.80 -43.03 30.21
C GLN A 56 14.42 -43.34 30.74
N LEU A 57 13.52 -43.78 29.86
CA LEU A 57 12.14 -44.10 30.24
C LEU A 57 11.95 -45.56 30.68
N GLY A 58 13.04 -46.32 30.78
CA GLY A 58 12.99 -47.69 31.28
C GLY A 58 12.81 -48.77 30.23
N ALA A 59 12.84 -48.46 28.93
CA ALA A 59 12.65 -49.50 27.92
C ALA A 59 13.84 -50.49 27.95
N LYS A 60 13.59 -51.80 27.74
CA LYS A 60 14.66 -52.70 27.32
C LYS A 60 14.85 -52.45 25.83
N LEU A 61 16.09 -52.35 25.37
CA LEU A 61 16.37 -52.04 23.96
C LEU A 61 17.21 -53.14 23.29
N VAL A 62 16.98 -53.30 21.98
CA VAL A 62 17.70 -54.27 21.18
C VAL A 62 18.12 -53.47 19.95
N PHE A 63 19.36 -53.67 19.49
CA PHE A 63 19.87 -52.82 18.41
C PHE A 63 20.27 -53.67 17.23
N THR A 64 20.09 -53.13 16.03
CA THR A 64 20.60 -53.75 14.84
C THR A 64 21.52 -52.83 14.02
N TYR A 65 22.48 -53.39 13.30
CA TYR A 65 23.50 -52.57 12.65
C TYR A 65 23.89 -53.26 11.35
N ARG A 66 24.51 -52.53 10.43
CA ARG A 66 25.06 -53.15 9.22
C ARG A 66 26.59 -53.33 9.33
N LYS A 67 27.34 -52.26 9.53
CA LYS A 67 28.80 -52.31 9.40
C LYS A 67 29.45 -52.73 10.72
N GLU A 68 30.59 -53.44 10.64
CA GLU A 68 31.40 -53.76 11.80
CA GLU A 68 31.29 -53.78 11.86
C GLU A 68 31.62 -52.50 12.67
N ARG A 69 31.98 -51.40 12.03
CA ARG A 69 32.31 -50.18 12.76
C ARG A 69 31.13 -49.72 13.62
N SER A 70 29.92 -49.94 13.11
CA SER A 70 28.72 -49.51 13.83
C SER A 70 28.46 -50.36 15.08
N ARG A 71 28.74 -51.66 14.99
CA ARG A 71 28.63 -52.49 16.20
C ARG A 71 29.65 -52.06 17.26
N LYS A 72 30.87 -51.71 16.85
CA LYS A 72 31.91 -51.21 17.76
C LYS A 72 31.41 -49.95 18.48
N GLU A 73 30.89 -49.00 17.72
CA GLU A 73 30.37 -47.76 18.29
C GLU A 73 29.21 -48.05 19.24
N LEU A 74 28.33 -48.95 18.85
CA LEU A 74 27.24 -49.41 19.72
C LEU A 74 27.76 -49.97 21.02
N GLU A 75 28.79 -50.80 20.92
CA GLU A 75 29.33 -51.38 22.15
C GLU A 75 29.79 -50.30 23.13
N LYS A 76 30.52 -49.32 22.60
CA LYS A 76 30.98 -48.17 23.38
C LYS A 76 29.78 -47.30 23.85
N LEU A 77 28.78 -47.10 23.00
CA LEU A 77 27.69 -46.20 23.36
C LEU A 77 26.81 -46.82 24.45
N LEU A 78 26.76 -48.15 24.50
CA LEU A 78 25.98 -48.86 25.50
C LEU A 78 26.41 -48.54 26.95
N GLU A 79 27.67 -48.18 27.15
CA GLU A 79 28.18 -47.75 28.47
C GLU A 79 27.47 -46.50 29.05
N GLN A 80 27.03 -45.58 28.18
CA GLN A 80 26.21 -44.42 28.57
C GLN A 80 24.76 -44.73 28.94
N LEU A 81 24.28 -45.93 28.63
CA LEU A 81 22.85 -46.22 28.77
C LEU A 81 22.66 -47.16 29.96
N ASN A 82 21.42 -47.48 30.29
CA ASN A 82 21.17 -48.23 31.50
C ASN A 82 20.80 -49.64 31.12
N GLN A 83 21.12 -50.07 29.90
CA GLN A 83 20.79 -51.44 29.51
C GLN A 83 21.61 -52.47 30.30
N PRO A 84 20.98 -53.31 31.15
CA PRO A 84 21.82 -54.31 31.84
C PRO A 84 22.48 -55.28 30.85
N GLU A 85 22.01 -55.35 29.61
CA GLU A 85 22.41 -56.35 28.63
C GLU A 85 22.60 -55.77 27.22
N ALA A 86 23.69 -56.13 26.56
CA ALA A 86 23.91 -55.69 25.18
C ALA A 86 23.15 -56.64 24.25
N HIS A 87 22.14 -56.16 23.54
CA HIS A 87 21.43 -57.00 22.57
C HIS A 87 21.68 -56.51 21.13
N LEU A 88 22.67 -57.06 20.44
CA LEU A 88 23.10 -56.45 19.18
C LEU A 88 23.05 -57.44 18.02
N TYR A 89 22.37 -57.07 16.93
CA TYR A 89 22.18 -57.99 15.81
C TYR A 89 22.64 -57.33 14.52
N GLN A 90 23.41 -58.06 13.71
CA GLN A 90 23.78 -57.53 12.39
C GLN A 90 22.61 -57.79 11.44
N ILE A 91 22.07 -56.72 10.87
CA ILE A 91 21.05 -56.81 9.84
C ILE A 91 21.28 -55.80 8.72
N ASP A 92 21.71 -56.30 7.56
CA ASP A 92 21.71 -55.56 6.33
C ASP A 92 20.34 -55.74 5.70
N VAL A 93 19.55 -54.67 5.69
CA VAL A 93 18.19 -54.74 5.18
C VAL A 93 18.11 -54.97 3.67
N GLN A 94 19.24 -55.01 2.96
CA GLN A 94 19.23 -55.48 1.57
C GLN A 94 18.99 -57.00 1.48
N SER A 95 19.09 -57.69 2.60
CA SER A 95 19.02 -59.15 2.58
C SER A 95 17.77 -59.62 3.32
N ASP A 96 16.83 -60.22 2.59
CA ASP A 96 15.68 -60.87 3.22
C ASP A 96 16.11 -61.83 4.32
N GLU A 97 17.09 -62.69 4.04
CA GLU A 97 17.47 -63.73 4.97
CA GLU A 97 17.52 -63.72 4.95
C GLU A 97 17.96 -63.07 6.25
N GLU A 98 18.64 -61.93 6.15
CA GLU A 98 19.20 -61.29 7.35
C GLU A 98 18.09 -60.70 8.23
N VAL A 99 17.07 -60.10 7.60
CA VAL A 99 15.96 -59.49 8.35
C VAL A 99 15.16 -60.62 9.01
N ILE A 100 14.87 -61.66 8.22
CA ILE A 100 14.06 -62.78 8.70
C ILE A 100 14.79 -63.44 9.86
N ASN A 101 16.05 -63.82 9.66
CA ASN A 101 16.81 -64.53 10.70
C ASN A 101 17.14 -63.61 11.86
N GLY A 102 17.35 -62.33 11.59
CA GLY A 102 17.58 -61.35 12.66
C GLY A 102 16.42 -61.22 13.65
N PHE A 103 15.21 -60.93 13.15
CA PHE A 103 14.04 -60.84 14.02
C PHE A 103 13.69 -62.19 14.63
N GLU A 104 13.88 -63.29 13.93
CA GLU A 104 13.64 -64.56 14.59
C GLU A 104 14.59 -64.76 15.77
N GLN A 105 15.86 -64.42 15.56
CA GLN A 105 16.81 -64.56 16.67
C GLN A 105 16.48 -63.58 17.82
N ILE A 106 16.09 -62.35 17.50
CA ILE A 106 15.56 -61.41 18.49
C ILE A 106 14.43 -62.02 19.34
N GLY A 107 13.41 -62.61 18.71
CA GLY A 107 12.32 -63.22 19.47
C GLY A 107 12.78 -64.38 20.34
N LYS A 108 13.72 -65.18 19.87
CA LYS A 108 14.28 -66.25 20.71
C LYS A 108 15.05 -65.69 21.91
N ASP A 109 15.73 -64.57 21.73
CA ASP A 109 16.54 -64.02 22.81
C ASP A 109 15.76 -63.14 23.79
N VAL A 110 14.81 -62.33 23.31
CA VAL A 110 14.05 -61.42 24.20
C VAL A 110 12.54 -61.62 24.26
N GLY A 111 12.01 -62.46 23.38
CA GLY A 111 10.58 -62.69 23.35
C GLY A 111 9.91 -61.62 22.53
N ASN A 112 8.64 -61.41 22.81
CA ASN A 112 7.82 -60.44 22.09
C ASN A 112 8.31 -59.02 22.39
N ILE A 113 8.10 -58.15 21.41
CA ILE A 113 8.57 -56.78 21.44
C ILE A 113 7.35 -55.88 21.32
N ASP A 114 7.52 -54.59 21.62
CA ASP A 114 6.39 -53.69 21.58
C ASP A 114 6.52 -52.72 20.43
N GLY A 115 7.68 -52.66 19.77
CA GLY A 115 7.78 -51.80 18.58
C GLY A 115 9.16 -51.72 17.97
N VAL A 116 9.28 -51.03 16.84
CA VAL A 116 10.51 -50.94 16.10
C VAL A 116 10.71 -49.49 15.69
N TYR A 117 11.95 -49.00 15.83
CA TYR A 117 12.32 -47.67 15.35
C TYR A 117 13.22 -47.84 14.11
N HIS A 118 12.74 -47.46 12.95
CA HIS A 118 13.55 -47.63 11.75
C HIS A 118 14.21 -46.27 11.42
N SER A 119 15.53 -46.30 11.40
CA SER A 119 16.35 -45.13 11.18
C SER A 119 17.41 -45.45 10.10
N ILE A 120 16.94 -45.89 8.90
CA ILE A 120 17.80 -46.47 7.89
C ILE A 120 17.52 -45.85 6.51
N ALA A 121 18.56 -45.30 5.88
CA ALA A 121 18.43 -44.92 4.48
C ALA A 121 19.80 -44.97 3.86
N PHE A 122 19.85 -44.93 2.53
CA PHE A 122 21.13 -44.94 1.90
C PHE A 122 20.95 -44.44 0.46
N ALA A 123 21.86 -43.63 -0.07
CA ALA A 123 21.88 -43.42 -1.55
C ALA A 123 23.34 -43.15 -1.90
N ASN A 124 23.73 -43.39 -3.14
CA ASN A 124 25.09 -43.03 -3.61
C ASN A 124 25.31 -41.52 -3.61
N MET A 125 26.52 -41.06 -3.28
N MET A 125 26.53 -41.13 -3.22
CA MET A 125 26.73 -39.62 -3.07
CA MET A 125 27.09 -39.84 -3.50
C MET A 125 26.40 -38.74 -4.25
C MET A 125 26.94 -39.45 -4.98
N GLU A 126 26.82 -39.15 -5.44
N GLU A 126 27.17 -40.40 -5.88
CA GLU A 126 26.55 -38.34 -6.64
CA GLU A 126 27.17 -40.04 -7.30
C GLU A 126 25.07 -38.13 -6.87
C GLU A 126 25.79 -39.81 -7.95
N ASP A 127 24.23 -38.78 -6.07
N ASP A 127 24.72 -40.45 -7.48
CA ASP A 127 22.77 -38.70 -6.25
CA ASP A 127 23.42 -39.92 -7.86
C ASP A 127 22.14 -37.73 -5.25
C ASP A 127 22.99 -38.74 -6.99
N LEU A 128 22.98 -36.99 -4.51
N LEU A 128 23.25 -38.77 -5.68
CA LEU A 128 22.58 -36.03 -3.48
CA LEU A 128 22.96 -37.62 -4.83
C LEU A 128 23.05 -34.60 -3.77
C LEU A 128 23.57 -36.30 -5.35
N ARG A 129 23.15 -34.29 -5.05
N ARG A 129 24.80 -36.39 -5.85
CA ARG A 129 23.77 -33.06 -5.56
CA ARG A 129 25.57 -35.26 -6.34
C ARG A 129 23.51 -33.12 -7.05
C ARG A 129 25.68 -35.33 -7.87
N GLY A 130 23.58 -32.00 -7.73
N GLY A 130 24.51 -35.28 -8.49
CA GLY A 130 23.48 -32.04 -9.17
CA GLY A 130 24.34 -35.06 -9.92
C GLY A 130 22.04 -32.19 -9.64
C GLY A 130 22.92 -34.52 -9.99
N ARG A 131 21.90 -32.74 -10.85
N ARG A 131 22.50 -34.03 -11.15
CA ARG A 131 20.64 -32.81 -11.58
CA ARG A 131 21.17 -33.42 -11.34
C ARG A 131 20.01 -34.18 -11.39
C ARG A 131 20.11 -34.50 -11.12
N PHE A 132 18.91 -34.19 -10.65
CA PHE A 132 18.03 -35.33 -10.45
C PHE A 132 17.77 -36.12 -11.76
N SER A 133 17.60 -35.40 -12.86
CA SER A 133 17.22 -36.07 -14.11
C SER A 133 18.34 -36.99 -14.63
N GLU A 134 19.53 -36.90 -14.04
CA GLU A 134 20.63 -37.76 -14.47
C GLU A 134 20.80 -38.97 -13.52
N THR A 135 19.89 -39.10 -12.56
CA THR A 135 19.90 -40.27 -11.70
C THR A 135 19.97 -41.60 -12.52
N SER A 136 20.87 -42.50 -12.10
CA SER A 136 20.92 -43.84 -12.69
C SER A 136 19.82 -44.73 -12.13
N ARG A 137 19.45 -45.71 -12.95
CA ARG A 137 18.49 -46.72 -12.56
C ARG A 137 18.95 -47.47 -11.29
N GLU A 138 20.24 -47.80 -11.24
CA GLU A 138 20.79 -48.65 -10.18
C GLU A 138 20.80 -47.81 -8.90
N GLY A 139 21.18 -46.54 -9.06
CA GLY A 139 21.10 -45.58 -7.99
C GLY A 139 19.67 -45.33 -7.50
N PHE A 140 18.70 -45.20 -8.40
CA PHE A 140 17.35 -44.98 -7.94
C PHE A 140 16.82 -46.21 -7.21
N LEU A 141 17.06 -47.41 -7.73
CA LEU A 141 16.53 -48.61 -7.10
C LEU A 141 17.21 -48.96 -5.79
N LEU A 142 18.52 -48.72 -5.69
CA LEU A 142 19.26 -48.87 -4.43
C LEU A 142 18.67 -48.02 -3.28
N ALA A 143 18.39 -46.74 -3.57
CA ALA A 143 17.78 -45.88 -2.55
C ALA A 143 16.39 -46.36 -2.12
N GLN A 144 15.56 -46.79 -3.08
CA GLN A 144 14.24 -47.36 -2.75
C GLN A 144 14.33 -48.63 -1.90
N ASP A 145 15.22 -49.52 -2.31
CA ASP A 145 15.41 -50.77 -1.60
C ASP A 145 15.76 -50.56 -0.11
N ILE A 146 16.83 -49.82 0.16
CA ILE A 146 17.27 -49.69 1.54
C ILE A 146 16.37 -48.71 2.31
N SER A 147 15.92 -47.65 1.63
CA SER A 147 15.30 -46.54 2.35
C SER A 147 13.78 -46.69 2.45
N SER A 148 13.18 -47.56 1.62
CA SER A 148 11.73 -47.72 1.63
C SER A 148 11.32 -49.17 1.75
N TYR A 149 11.75 -50.03 0.82
CA TYR A 149 11.31 -51.41 0.92
C TYR A 149 11.69 -52.02 2.25
N SER A 150 12.87 -51.68 2.78
CA SER A 150 13.28 -52.21 4.07
C SER A 150 12.21 -52.08 5.13
N LEU A 151 11.44 -51.01 5.12
CA LEU A 151 10.41 -50.89 6.17
C LEU A 151 9.34 -52.01 6.03
N THR A 152 8.94 -52.30 4.80
CA THR A 152 7.88 -53.30 4.56
C THR A 152 8.30 -54.67 5.07
N ILE A 153 9.49 -55.10 4.63
CA ILE A 153 9.95 -56.40 5.15
C ILE A 153 10.21 -56.43 6.66
N VAL A 154 10.77 -55.34 7.18
CA VAL A 154 10.93 -55.26 8.66
C VAL A 154 9.56 -55.35 9.33
N ALA A 155 8.57 -54.62 8.80
CA ALA A 155 7.22 -54.73 9.41
C ALA A 155 6.68 -56.19 9.38
N HIS A 156 6.85 -56.87 8.25
CA HIS A 156 6.41 -58.27 8.12
C HIS A 156 7.05 -59.17 9.16
N GLU A 157 8.36 -59.06 9.34
CA GLU A 157 9.04 -59.93 10.34
C GLU A 157 8.76 -59.54 11.79
N ALA A 158 8.73 -58.23 12.02
CA ALA A 158 8.46 -57.67 13.35
C ALA A 158 7.04 -57.99 13.83
N LYS A 159 6.06 -57.97 12.91
CA LYS A 159 4.68 -58.36 13.25
C LYS A 159 4.63 -59.71 14.01
N LYS A 160 5.47 -60.66 13.58
CA LYS A 160 5.54 -61.99 14.20
C LYS A 160 5.81 -61.93 15.70
N LEU A 161 6.55 -60.91 16.13
CA LEU A 161 6.90 -60.72 17.53
C LEU A 161 5.98 -59.73 18.25
N MET A 162 4.88 -59.34 17.59
CA MET A 162 3.91 -58.43 18.22
C MET A 162 2.48 -58.99 18.20
N PRO A 163 2.24 -60.15 18.81
CA PRO A 163 0.88 -60.72 18.74
C PRO A 163 -0.20 -59.85 19.35
N GLU A 164 0.14 -59.00 20.31
CA GLU A 164 -0.84 -58.16 20.99
C GLU A 164 -0.90 -56.76 20.38
N GLY A 165 -0.08 -56.50 19.36
CA GLY A 165 -0.04 -55.17 18.79
C GLY A 165 1.26 -54.47 19.13
N GLY A 166 1.48 -53.31 18.54
CA GLY A 166 2.73 -52.64 18.78
C GLY A 166 2.80 -51.39 17.98
N SER A 167 4.01 -50.83 17.91
CA SER A 167 4.14 -49.57 17.17
C SER A 167 5.41 -49.53 16.35
N ILE A 168 5.27 -49.06 15.13
CA ILE A 168 6.45 -48.96 14.28
C ILE A 168 6.64 -47.54 13.70
N VAL A 169 7.87 -47.00 13.78
CA VAL A 169 8.09 -45.58 13.44
C VAL A 169 9.29 -45.54 12.50
N ALA A 170 9.16 -44.87 11.35
CA ALA A 170 10.29 -44.72 10.44
C ALA A 170 10.71 -43.23 10.44
N THR A 171 11.87 -42.90 9.86
CA THR A 171 12.38 -41.55 9.95
C THR A 171 12.38 -40.98 8.56
N THR A 172 11.69 -39.86 8.34
CA THR A 172 11.61 -39.30 6.99
C THR A 172 12.09 -37.81 6.97
N TYR A 173 12.11 -37.17 5.81
CA TYR A 173 12.54 -35.78 5.68
C TYR A 173 11.50 -35.10 4.77
N LEU A 174 11.32 -33.79 4.91
CA LEU A 174 10.35 -32.95 4.16
C LEU A 174 10.57 -33.02 2.67
N GLY A 175 11.79 -33.39 2.26
CA GLY A 175 12.10 -33.66 0.84
C GLY A 175 11.29 -34.79 0.21
N GLY A 176 10.57 -35.57 1.04
CA GLY A 176 9.67 -36.62 0.55
C GLY A 176 8.32 -35.98 0.19
N GLU A 177 8.05 -34.78 0.69
CA GLU A 177 6.79 -34.08 0.45
C GLU A 177 6.91 -32.97 -0.57
N PHE A 178 8.10 -32.37 -0.72
CA PHE A 178 8.35 -31.25 -1.68
C PHE A 178 9.70 -31.47 -2.32
N ALA A 179 9.98 -30.91 -3.50
CA ALA A 179 11.28 -31.01 -4.13
C ALA A 179 12.27 -30.04 -3.44
N VAL A 180 13.25 -30.58 -2.73
CA VAL A 180 14.26 -29.76 -2.04
C VAL A 180 15.55 -29.89 -2.83
N GLN A 181 16.06 -28.81 -3.41
CA GLN A 181 17.36 -28.83 -4.10
C GLN A 181 18.37 -29.76 -3.47
N ASN A 182 19.02 -30.61 -4.29
CA ASN A 182 20.08 -31.55 -3.85
C ASN A 182 19.62 -32.82 -3.17
N TYR A 183 18.42 -32.86 -2.59
CA TYR A 183 18.04 -34.08 -1.90
C TYR A 183 17.67 -35.19 -2.90
N ASN A 184 17.24 -34.78 -4.09
CA ASN A 184 17.16 -35.60 -5.31
C ASN A 184 16.64 -37.04 -5.10
N VAL A 185 17.49 -38.05 -5.31
CA VAL A 185 16.99 -39.44 -5.32
C VAL A 185 16.42 -39.77 -3.96
N MET A 186 16.92 -39.16 -2.91
CA MET A 186 16.43 -39.55 -1.55
C MET A 186 15.02 -38.99 -1.31
N GLY A 187 14.70 -37.92 -2.03
CA GLY A 187 13.37 -37.32 -1.91
C GLY A 187 12.30 -38.27 -2.45
N VAL A 188 12.56 -38.86 -3.63
CA VAL A 188 11.69 -39.87 -4.24
C VAL A 188 11.65 -41.09 -3.35
N ALA A 189 12.79 -41.50 -2.75
CA ALA A 189 12.72 -42.60 -1.79
C ALA A 189 11.95 -42.28 -0.51
N LYS A 190 12.02 -41.05 -0.04
CA LYS A 190 11.21 -40.72 1.15
C LYS A 190 9.73 -40.57 0.77
N ALA A 191 9.40 -40.12 -0.44
CA ALA A 191 7.97 -40.07 -0.79
C ALA A 191 7.42 -41.53 -0.81
N SER A 192 8.25 -42.46 -1.32
CA SER A 192 7.94 -43.90 -1.30
C SER A 192 7.79 -44.43 0.15
N LEU A 193 8.74 -44.12 1.03
CA LEU A 193 8.63 -44.49 2.46
C LEU A 193 7.37 -43.97 3.18
N GLU A 194 7.09 -42.68 3.00
CA GLU A 194 5.87 -42.12 3.59
C GLU A 194 4.57 -42.82 3.12
N ALA A 195 4.47 -43.19 1.85
CA ALA A 195 3.32 -43.99 1.37
C ALA A 195 3.39 -45.40 1.96
N ASN A 196 4.61 -45.91 2.15
CA ASN A 196 4.82 -47.25 2.70
C ASN A 196 4.23 -47.24 4.10
N VAL A 197 4.46 -46.16 4.85
CA VAL A 197 3.94 -46.02 6.21
C VAL A 197 2.39 -46.02 6.21
N LYS A 198 1.79 -45.32 5.26
CA LYS A 198 0.33 -45.32 5.14
C LYS A 198 -0.22 -46.72 4.77
N TYR A 199 0.39 -47.42 3.81
CA TYR A 199 -0.15 -48.71 3.38
C TYR A 199 0.06 -49.79 4.47
N LEU A 200 1.20 -49.76 5.19
CA LEU A 200 1.37 -50.60 6.36
C LEU A 200 0.39 -50.28 7.48
N ALA A 201 0.10 -48.98 7.67
CA ALA A 201 -0.85 -48.57 8.70
C ALA A 201 -2.21 -49.23 8.40
N LEU A 202 -2.63 -49.14 7.15
CA LEU A 202 -3.93 -49.71 6.74
C LEU A 202 -3.89 -51.24 6.88
N ASP A 203 -2.81 -51.89 6.45
CA ASP A 203 -2.74 -53.36 6.42
C ASP A 203 -2.65 -53.89 7.86
N LEU A 204 -1.82 -53.25 8.67
CA LEU A 204 -1.57 -53.85 9.99
C LEU A 204 -2.44 -53.31 11.14
N GLY A 205 -3.17 -52.22 10.90
CA GLY A 205 -4.17 -51.72 11.86
C GLY A 205 -5.10 -52.73 12.47
N PRO A 206 -5.62 -53.70 11.68
CA PRO A 206 -6.51 -54.69 12.33
C PRO A 206 -5.78 -55.61 13.29
N ASP A 207 -4.46 -55.61 13.21
CA ASP A 207 -3.61 -56.38 14.10
C ASP A 207 -3.21 -55.54 15.31
N ASN A 208 -3.69 -54.29 15.34
CA ASN A 208 -3.38 -53.37 16.41
C ASN A 208 -1.90 -52.96 16.42
N ILE A 209 -1.31 -52.84 15.22
CA ILE A 209 0.07 -52.43 15.08
C ILE A 209 0.01 -51.08 14.33
N ARG A 210 0.47 -50.02 14.98
CA ARG A 210 0.32 -48.70 14.41
C ARG A 210 1.62 -48.42 13.65
N VAL A 211 1.53 -47.62 12.59
CA VAL A 211 2.74 -47.39 11.85
C VAL A 211 2.73 -45.88 11.58
N ASN A 212 3.87 -45.24 11.84
CA ASN A 212 3.95 -43.78 11.72
C ASN A 212 5.33 -43.36 11.26
N ALA A 213 5.46 -42.07 10.98
CA ALA A 213 6.75 -41.51 10.58
C ALA A 213 7.04 -40.27 11.39
N ILE A 214 8.33 -40.04 11.66
CA ILE A 214 8.80 -38.75 12.12
C ILE A 214 9.57 -38.09 11.00
N SER A 215 9.09 -36.91 10.64
CA SER A 215 9.80 -36.07 9.69
C SER A 215 10.76 -35.12 10.42
N ALA A 216 12.03 -35.49 10.48
CA ALA A 216 13.01 -34.74 11.25
C ALA A 216 13.57 -33.61 10.40
N GLY A 217 13.74 -32.43 10.99
CA GLY A 217 14.59 -31.36 10.46
C GLY A 217 16.06 -31.74 10.31
N PRO A 218 16.81 -30.97 9.51
CA PRO A 218 18.25 -31.32 9.35
C PRO A 218 19.00 -31.38 10.70
N ILE A 219 19.77 -32.46 10.89
CA ILE A 219 20.65 -32.72 12.01
C ILE A 219 22.01 -33.20 11.50
N ARG A 220 23.09 -32.68 12.06
CA ARG A 220 24.41 -33.12 11.66
C ARG A 220 24.65 -34.58 12.05
N THR A 221 24.74 -35.47 11.06
CA THR A 221 25.03 -36.88 11.27
C THR A 221 26.00 -37.32 10.18
N LEU A 222 26.50 -38.54 10.29
CA LEU A 222 27.36 -39.08 9.25
C LEU A 222 26.71 -39.03 7.84
N SER A 223 25.46 -39.47 7.73
CA SER A 223 24.71 -39.39 6.48
C SER A 223 24.51 -37.98 5.94
N ALA A 224 24.25 -37.02 6.82
CA ALA A 224 24.20 -35.64 6.40
C ALA A 224 25.43 -35.15 5.64
N LYS A 225 26.62 -35.71 5.88
CA LYS A 225 27.78 -35.28 5.11
C LYS A 225 27.66 -35.62 3.62
N GLY A 226 26.79 -36.56 3.26
CA GLY A 226 26.61 -36.91 1.85
C GLY A 226 25.68 -36.03 1.03
N VAL A 227 24.97 -35.10 1.67
CA VAL A 227 23.95 -34.33 0.99
C VAL A 227 24.48 -32.95 0.62
N GLY A 228 24.57 -32.61 -0.66
CA GLY A 228 24.94 -31.26 -1.02
C GLY A 228 24.11 -30.15 -0.39
N GLY A 229 24.77 -29.06 -0.01
CA GLY A 229 24.09 -27.87 0.47
C GLY A 229 23.47 -28.04 1.83
N PHE A 230 23.89 -29.07 2.59
CA PHE A 230 23.32 -29.29 3.95
C PHE A 230 23.50 -28.07 4.89
N ASN A 231 24.69 -27.50 4.97
CA ASN A 231 24.90 -26.35 5.85
C ASN A 231 24.00 -25.17 5.51
N THR A 232 23.90 -24.82 4.24
CA THR A 232 22.96 -23.80 3.82
C THR A 232 21.54 -24.03 4.35
N ILE A 233 21.07 -25.27 4.35
CA ILE A 233 19.73 -25.58 4.82
C ILE A 233 19.61 -25.36 6.33
N LEU A 234 20.58 -25.84 7.10
CA LEU A 234 20.66 -25.59 8.55
C LEU A 234 20.50 -24.11 8.89
N LYS A 235 21.24 -23.26 8.19
CA LYS A 235 21.16 -21.84 8.44
C LYS A 235 19.79 -21.29 8.06
N GLU A 236 19.15 -21.87 7.06
CA GLU A 236 17.92 -21.25 6.63
C GLU A 236 16.81 -21.63 7.59
N ILE A 237 16.95 -22.77 8.28
CA ILE A 237 16.01 -23.15 9.34
C ILE A 237 16.10 -22.13 10.48
N GLU A 238 17.31 -21.78 10.89
CA GLU A 238 17.54 -20.86 12.00
C GLU A 238 16.93 -19.53 11.69
N GLU A 239 17.07 -19.11 10.45
CA GLU A 239 16.53 -17.83 10.00
C GLU A 239 15.03 -17.82 9.69
N ARG A 240 14.43 -18.95 9.30
CA ARG A 240 13.08 -18.95 8.72
CA ARG A 240 13.07 -18.90 8.76
C ARG A 240 12.02 -19.75 9.47
N ALA A 241 12.40 -20.83 10.13
CA ALA A 241 11.41 -21.66 10.84
C ALA A 241 10.84 -20.93 12.03
N PRO A 242 9.55 -21.19 12.38
CA PRO A 242 8.85 -20.61 13.54
C PRO A 242 9.73 -20.59 14.79
N LEU A 243 10.34 -21.71 15.17
CA LEU A 243 11.13 -21.66 16.39
C LEU A 243 12.50 -20.97 16.22
N LYS A 244 12.90 -20.62 14.99
CA LYS A 244 14.20 -19.95 14.77
C LYS A 244 15.40 -20.66 15.36
N ARG A 245 15.43 -21.99 15.25
CA ARG A 245 16.53 -22.80 15.73
C ARG A 245 16.37 -24.18 15.06
N ASN A 246 17.43 -24.98 15.08
CA ASN A 246 17.39 -26.33 14.57
C ASN A 246 17.02 -27.29 15.67
N VAL A 247 16.60 -28.50 15.31
CA VAL A 247 16.20 -29.51 16.31
C VAL A 247 17.39 -30.45 16.54
N ASP A 248 17.30 -31.35 17.50
CA ASP A 248 18.39 -32.31 17.66
C ASP A 248 17.82 -33.72 17.82
N GLN A 249 18.71 -34.71 17.89
CA GLN A 249 18.35 -36.13 17.94
C GLN A 249 17.44 -36.51 19.13
N VAL A 250 17.67 -35.82 20.23
CA VAL A 250 16.87 -36.08 21.45
C VAL A 250 15.42 -35.59 21.27
N GLU A 251 15.24 -34.50 20.55
CA GLU A 251 13.87 -34.05 20.28
C GLU A 251 13.14 -35.05 19.39
N VAL A 252 13.81 -35.57 18.36
CA VAL A 252 13.31 -36.75 17.63
C VAL A 252 13.01 -37.87 18.61
N GLY A 253 13.98 -38.21 19.45
CA GLY A 253 13.73 -39.31 20.40
C GLY A 253 12.48 -39.13 21.21
N LYS A 254 12.20 -37.90 21.67
CA LYS A 254 11.03 -37.65 22.55
C LYS A 254 9.70 -37.88 21.81
N THR A 255 9.63 -37.43 20.57
CA THR A 255 8.44 -37.74 19.77
C THR A 255 8.43 -39.23 19.39
N ALA A 256 9.58 -39.90 19.34
CA ALA A 256 9.56 -41.35 19.07
C ALA A 256 8.92 -42.04 20.27
N ALA A 257 9.21 -41.55 21.48
CA ALA A 257 8.69 -42.18 22.69
C ALA A 257 7.15 -42.05 22.78
N TYR A 258 6.64 -40.91 22.33
CA TYR A 258 5.20 -40.70 22.25
C TYR A 258 4.60 -41.70 21.24
N LEU A 259 5.13 -41.72 20.02
CA LEU A 259 4.67 -42.63 19.00
C LEU A 259 4.77 -44.12 19.35
N LEU A 260 5.74 -44.52 20.19
CA LEU A 260 5.99 -45.93 20.41
C LEU A 260 5.27 -46.35 21.67
N SER A 261 4.63 -45.42 22.37
CA SER A 261 3.95 -45.79 23.62
C SER A 261 2.44 -45.67 23.41
N ASP A 262 1.69 -45.93 24.46
CA ASP A 262 0.24 -45.86 24.44
C ASP A 262 -0.24 -44.41 24.46
N LEU A 263 0.66 -43.47 24.68
CA LEU A 263 0.24 -42.07 24.65
C LEU A 263 -0.35 -41.78 23.28
N SER A 264 0.26 -42.32 22.23
CA SER A 264 -0.30 -42.14 20.88
C SER A 264 -1.31 -43.19 20.46
N SER A 265 -2.13 -43.76 21.34
CA SER A 265 -2.91 -44.92 20.86
C SER A 265 -3.89 -44.71 19.69
N GLY A 266 -4.45 -43.52 19.49
CA GLY A 266 -5.35 -43.43 18.34
C GLY A 266 -4.68 -42.99 17.04
N VAL A 267 -3.35 -43.01 17.00
CA VAL A 267 -2.61 -42.36 15.93
C VAL A 267 -1.88 -43.38 15.10
N THR A 268 -2.23 -43.42 13.83
CA THR A 268 -1.54 -44.33 12.94
C THR A 268 -1.63 -43.73 11.54
N GLY A 269 -0.67 -44.06 10.67
CA GLY A 269 -0.63 -43.52 9.32
C GLY A 269 -0.18 -42.06 9.28
N GLU A 270 0.37 -41.57 10.39
CA GLU A 270 0.69 -40.16 10.57
C GLU A 270 2.19 -39.83 10.36
N ASN A 271 2.47 -38.61 9.92
CA ASN A 271 3.82 -38.06 9.73
C ASN A 271 3.99 -36.82 10.66
N ILE A 272 4.66 -36.98 11.82
CA ILE A 272 4.84 -35.85 12.73
C ILE A 272 6.17 -35.12 12.41
N HIS A 273 6.08 -33.83 12.12
CA HIS A 273 7.24 -33.04 11.77
C HIS A 273 7.92 -32.49 13.02
N VAL A 274 9.17 -32.93 13.27
CA VAL A 274 10.00 -32.44 14.39
C VAL A 274 11.07 -31.60 13.73
N ASP A 275 10.71 -30.35 13.43
CA ASP A 275 11.47 -29.58 12.46
C ASP A 275 11.33 -28.10 12.79
N SER A 276 10.98 -27.77 14.03
CA SER A 276 10.85 -26.36 14.40
C SER A 276 9.72 -25.59 13.67
N GLY A 277 8.75 -26.29 13.08
CA GLY A 277 7.61 -25.72 12.32
C GLY A 277 7.95 -25.39 10.87
N PHE A 278 9.11 -25.81 10.38
CA PHE A 278 9.51 -25.38 9.03
C PHE A 278 8.56 -25.89 7.95
N HIS A 279 8.01 -27.08 8.16
CA HIS A 279 7.07 -27.68 7.22
C HIS A 279 5.83 -26.79 6.95
N ALA A 280 5.47 -25.93 7.91
CA ALA A 280 4.20 -25.22 7.85
C ALA A 280 4.33 -23.84 7.21
N ILE A 281 5.52 -23.45 6.78
CA ILE A 281 5.71 -22.12 6.23
C ILE A 281 6.17 -22.21 4.77
N LYS A 282 6.20 -21.06 4.15
CA LYS A 282 6.63 -20.96 2.77
C LYS A 282 7.09 -19.52 2.53
N VAL B 28 -7.53 -25.96 -26.99
CA VAL B 28 -6.27 -25.27 -27.42
C VAL B 28 -6.22 -25.15 -28.97
N ASN B 29 -5.00 -25.13 -29.52
CA ASN B 29 -4.65 -25.15 -30.96
C ASN B 29 -3.22 -25.74 -31.21
N LEU B 30 -3.07 -27.00 -31.62
CA LEU B 30 -1.77 -27.69 -31.57
C LEU B 30 -1.10 -28.04 -32.90
N GLU B 31 -1.46 -27.36 -33.98
CA GLU B 31 -0.79 -27.56 -35.27
C GLU B 31 0.69 -27.20 -35.14
N ASN B 32 1.55 -27.97 -35.79
CA ASN B 32 2.99 -27.73 -35.75
C ASN B 32 3.73 -28.22 -34.51
N LYS B 33 2.97 -28.71 -33.52
CA LYS B 33 3.52 -29.41 -32.35
C LYS B 33 3.67 -30.90 -32.63
N THR B 34 4.64 -31.54 -31.97
CA THR B 34 4.81 -32.96 -32.03
C THR B 34 4.87 -33.49 -30.59
N TYR B 35 4.07 -34.52 -30.26
CA TYR B 35 4.11 -35.17 -28.95
C TYR B 35 4.39 -36.67 -29.02
N VAL B 36 5.19 -37.17 -28.08
CA VAL B 36 5.38 -38.61 -27.92
C VAL B 36 4.41 -39.17 -26.86
N ILE B 37 3.63 -40.18 -27.24
CA ILE B 37 2.66 -40.80 -26.31
C ILE B 37 3.10 -42.22 -26.02
N MET B 38 3.40 -42.50 -24.75
CA MET B 38 3.93 -43.80 -24.35
C MET B 38 2.87 -44.56 -23.56
N GLY B 39 2.57 -45.81 -23.96
CA GLY B 39 1.74 -46.69 -23.16
C GLY B 39 0.32 -46.87 -23.72
N ILE B 40 0.13 -46.71 -25.03
CA ILE B 40 -1.09 -47.30 -25.61
C ILE B 40 -0.97 -48.82 -25.79
N ALA B 41 -1.91 -49.58 -25.22
CA ALA B 41 -2.04 -51.03 -25.46
C ALA B 41 -3.28 -51.41 -26.30
N ASN B 42 -4.36 -50.67 -26.13
CA ASN B 42 -5.53 -50.90 -26.99
C ASN B 42 -6.47 -49.70 -26.95
N LYS B 43 -7.69 -49.87 -27.44
CA LYS B 43 -8.62 -48.75 -27.58
C LYS B 43 -9.08 -48.18 -26.23
N ARG B 44 -8.96 -48.95 -25.15
CA ARG B 44 -9.39 -48.49 -23.83
C ARG B 44 -8.25 -47.83 -23.02
N SER B 45 -7.03 -47.84 -23.54
CA SER B 45 -5.91 -47.27 -22.80
C SER B 45 -6.17 -45.78 -22.54
N ILE B 46 -5.82 -45.29 -21.34
CA ILE B 46 -5.87 -43.84 -21.05
C ILE B 46 -5.10 -43.03 -22.08
N ALA B 47 -3.93 -43.55 -22.47
CA ALA B 47 -3.13 -42.90 -23.50
C ALA B 47 -3.83 -42.75 -24.86
N PHE B 48 -4.80 -43.61 -25.20
CA PHE B 48 -5.51 -43.43 -26.49
C PHE B 48 -6.55 -42.32 -26.41
N GLY B 49 -7.12 -42.09 -25.22
CA GLY B 49 -7.92 -40.92 -24.97
C GLY B 49 -7.11 -39.64 -25.16
N VAL B 50 -5.88 -39.64 -24.64
CA VAL B 50 -4.94 -38.55 -24.93
C VAL B 50 -4.69 -38.43 -26.44
N ALA B 51 -4.33 -39.54 -27.10
CA ALA B 51 -4.06 -39.49 -28.55
C ALA B 51 -5.24 -38.89 -29.32
N LYS B 52 -6.46 -39.35 -29.10
CA LYS B 52 -7.62 -38.79 -29.81
C LYS B 52 -7.73 -37.27 -29.68
N VAL B 53 -7.57 -36.78 -28.46
CA VAL B 53 -7.71 -35.35 -28.21
C VAL B 53 -6.59 -34.57 -28.89
N LEU B 54 -5.34 -34.98 -28.71
CA LEU B 54 -4.25 -34.27 -29.40
C LEU B 54 -4.38 -34.28 -30.93
N ASP B 55 -4.74 -35.44 -31.47
CA ASP B 55 -4.88 -35.62 -32.91
C ASP B 55 -5.99 -34.70 -33.47
N GLN B 56 -7.09 -34.61 -32.74
CA GLN B 56 -8.17 -33.69 -33.11
C GLN B 56 -7.69 -32.24 -33.09
N LEU B 57 -6.72 -31.94 -32.24
CA LEU B 57 -6.24 -30.58 -32.06
C LEU B 57 -5.12 -30.26 -33.06
N GLY B 58 -4.88 -31.19 -33.97
CA GLY B 58 -3.89 -30.97 -35.01
C GLY B 58 -2.44 -31.35 -34.72
N ALA B 59 -2.13 -31.95 -33.57
CA ALA B 59 -0.75 -32.36 -33.26
C ALA B 59 -0.27 -33.54 -34.11
N LYS B 60 1.04 -33.57 -34.35
CA LYS B 60 1.73 -34.72 -34.93
C LYS B 60 2.07 -35.62 -33.76
N LEU B 61 1.81 -36.92 -33.88
CA LEU B 61 1.99 -37.83 -32.73
C LEU B 61 2.94 -38.95 -33.06
N VAL B 62 3.70 -39.36 -32.07
CA VAL B 62 4.66 -40.43 -32.17
C VAL B 62 4.28 -41.35 -31.04
N PHE B 63 4.31 -42.66 -31.26
CA PHE B 63 3.76 -43.60 -30.25
C PHE B 63 4.83 -44.62 -29.84
N THR B 64 4.91 -44.92 -28.55
CA THR B 64 5.81 -46.00 -28.12
C THR B 64 5.02 -47.12 -27.42
N TYR B 65 5.56 -48.34 -27.55
CA TYR B 65 4.85 -49.56 -27.14
C TYR B 65 5.87 -50.55 -26.57
N ARG B 66 5.43 -51.46 -25.70
CA ARG B 66 6.29 -52.59 -25.34
C ARG B 66 5.97 -53.92 -26.07
N LYS B 67 4.73 -54.44 -25.95
CA LYS B 67 4.40 -55.75 -26.54
C LYS B 67 4.12 -55.66 -28.04
N GLU B 68 4.44 -56.70 -28.78
CA GLU B 68 4.06 -56.69 -30.18
CA GLU B 68 4.01 -56.92 -30.17
C GLU B 68 2.54 -56.54 -30.37
N ARG B 69 1.72 -57.10 -29.47
CA ARG B 69 0.27 -56.89 -29.53
C ARG B 69 -0.15 -55.40 -29.46
N SER B 70 0.58 -54.63 -28.65
CA SER B 70 0.30 -53.19 -28.55
C SER B 70 0.55 -52.48 -29.88
N ARG B 71 1.64 -52.82 -30.57
CA ARG B 71 1.90 -52.27 -31.91
CA ARG B 71 1.92 -52.29 -31.91
C ARG B 71 0.76 -52.60 -32.87
N LYS B 72 0.29 -53.86 -32.86
CA LYS B 72 -0.83 -54.27 -33.72
C LYS B 72 -2.10 -53.45 -33.46
N GLU B 73 -2.40 -53.19 -32.19
CA GLU B 73 -3.57 -52.38 -31.89
C GLU B 73 -3.39 -50.93 -32.37
N LEU B 74 -2.16 -50.44 -32.22
CA LEU B 74 -1.82 -49.07 -32.55
C LEU B 74 -2.03 -48.87 -34.06
N GLU B 75 -1.59 -49.85 -34.84
CA GLU B 75 -1.69 -49.76 -36.31
C GLU B 75 -3.14 -49.72 -36.78
N LYS B 76 -4.00 -50.47 -36.10
CA LYS B 76 -5.43 -50.39 -36.38
C LYS B 76 -6.10 -49.16 -35.73
N LEU B 77 -5.60 -48.67 -34.58
CA LEU B 77 -6.20 -47.47 -34.02
C LEU B 77 -5.88 -46.21 -34.83
N LEU B 78 -4.72 -46.22 -35.47
CA LEU B 78 -4.25 -45.11 -36.29
C LEU B 78 -5.21 -44.74 -37.43
N GLU B 79 -6.08 -45.68 -37.78
CA GLU B 79 -7.09 -45.55 -38.84
CA GLU B 79 -7.02 -45.47 -38.87
C GLU B 79 -8.20 -44.60 -38.43
N GLN B 80 -8.45 -44.55 -37.11
CA GLN B 80 -9.38 -43.58 -36.51
C GLN B 80 -8.82 -42.15 -36.42
N LEU B 81 -7.52 -41.98 -36.62
CA LEU B 81 -6.86 -40.72 -36.31
C LEU B 81 -6.53 -40.01 -37.62
N ASN B 82 -6.32 -38.70 -37.56
CA ASN B 82 -5.89 -37.99 -38.75
C ASN B 82 -4.37 -37.97 -38.89
N GLN B 83 -3.65 -38.86 -38.22
CA GLN B 83 -2.21 -38.90 -38.41
C GLN B 83 -1.93 -39.38 -39.82
N PRO B 84 -1.21 -38.60 -40.63
CA PRO B 84 -1.00 -39.10 -41.98
C PRO B 84 0.13 -40.12 -42.05
N GLU B 85 0.87 -40.30 -40.95
CA GLU B 85 2.05 -41.15 -40.90
C GLU B 85 2.08 -41.87 -39.55
N ALA B 86 2.30 -43.18 -39.60
CA ALA B 86 2.52 -43.97 -38.39
C ALA B 86 3.97 -43.76 -37.95
N HIS B 87 4.20 -43.18 -36.78
CA HIS B 87 5.55 -43.21 -36.19
C HIS B 87 5.51 -44.06 -34.89
N LEU B 88 5.90 -45.32 -34.96
CA LEU B 88 5.75 -46.31 -33.89
C LEU B 88 7.13 -46.79 -33.47
N TYR B 89 7.40 -46.83 -32.16
CA TYR B 89 8.70 -47.21 -31.67
C TYR B 89 8.54 -48.17 -30.48
N GLN B 90 9.22 -49.30 -30.54
CA GLN B 90 9.24 -50.19 -29.40
C GLN B 90 10.25 -49.69 -28.37
N ILE B 91 9.73 -49.44 -27.17
CA ILE B 91 10.54 -49.03 -26.05
C ILE B 91 9.97 -49.71 -24.81
N ASP B 92 10.70 -50.73 -24.31
CA ASP B 92 10.55 -51.21 -22.93
C ASP B 92 11.36 -50.30 -22.01
N VAL B 93 10.66 -49.60 -21.12
CA VAL B 93 11.29 -48.62 -20.23
C VAL B 93 12.08 -49.30 -19.11
N GLN B 94 12.17 -50.64 -19.12
CA GLN B 94 13.12 -51.34 -18.27
C GLN B 94 14.56 -51.31 -18.76
N SER B 95 14.71 -51.06 -20.07
CA SER B 95 16.02 -51.02 -20.72
C SER B 95 16.41 -49.55 -20.98
N ASP B 96 17.55 -49.11 -20.43
CA ASP B 96 18.11 -47.83 -20.78
C ASP B 96 18.36 -47.70 -22.29
N GLU B 97 19.01 -48.73 -22.83
CA GLU B 97 19.38 -48.82 -24.24
CA GLU B 97 19.42 -48.61 -24.21
C GLU B 97 18.16 -48.50 -25.09
N GLU B 98 17.04 -49.10 -24.71
CA GLU B 98 15.84 -48.93 -25.53
C GLU B 98 15.25 -47.52 -25.43
N VAL B 99 15.24 -46.92 -24.24
CA VAL B 99 14.80 -45.52 -24.08
C VAL B 99 15.72 -44.53 -24.82
N ILE B 100 17.02 -44.73 -24.60
CA ILE B 100 18.04 -43.92 -25.28
C ILE B 100 17.96 -44.00 -26.82
N ASN B 101 18.03 -45.21 -27.38
CA ASN B 101 17.97 -45.38 -28.82
C ASN B 101 16.62 -44.97 -29.41
N GLY B 102 15.51 -45.23 -28.70
CA GLY B 102 14.20 -44.89 -29.18
C GLY B 102 13.99 -43.40 -29.36
N PHE B 103 14.33 -42.67 -28.32
CA PHE B 103 14.22 -41.21 -28.35
C PHE B 103 15.22 -40.61 -29.35
N GLU B 104 16.39 -41.22 -29.48
CA GLU B 104 17.33 -40.79 -30.51
C GLU B 104 16.78 -41.01 -31.92
N GLN B 105 16.16 -42.15 -32.16
CA GLN B 105 15.58 -42.40 -33.47
C GLN B 105 14.40 -41.47 -33.78
N ILE B 106 13.56 -41.23 -32.78
CA ILE B 106 12.47 -40.28 -32.90
C ILE B 106 12.97 -38.92 -33.36
N GLY B 107 14.04 -38.47 -32.71
CA GLY B 107 14.71 -37.21 -33.03
C GLY B 107 15.17 -37.18 -34.46
N LYS B 108 15.80 -38.26 -34.92
CA LYS B 108 16.21 -38.37 -36.33
C LYS B 108 15.05 -38.39 -37.32
N ASP B 109 13.94 -39.05 -36.98
CA ASP B 109 12.78 -39.18 -37.87
C ASP B 109 11.82 -37.99 -37.86
N VAL B 110 11.49 -37.48 -36.67
CA VAL B 110 10.56 -36.34 -36.63
C VAL B 110 11.13 -34.98 -36.25
N GLY B 111 12.39 -34.92 -35.82
CA GLY B 111 12.95 -33.63 -35.40
C GLY B 111 12.67 -33.39 -33.92
N ASN B 112 12.77 -32.14 -33.46
CA ASN B 112 12.44 -31.79 -32.08
C ASN B 112 10.96 -32.01 -31.74
N ILE B 113 10.68 -32.33 -30.48
CA ILE B 113 9.31 -32.56 -30.02
C ILE B 113 8.94 -31.48 -29.03
N ASP B 114 7.66 -31.43 -28.70
CA ASP B 114 7.12 -30.46 -27.77
C ASP B 114 6.77 -31.04 -26.40
N GLY B 115 6.65 -32.37 -26.28
CA GLY B 115 6.37 -32.94 -24.98
C GLY B 115 6.13 -34.44 -25.06
N VAL B 116 5.86 -35.05 -23.92
CA VAL B 116 5.80 -36.48 -23.83
C VAL B 116 4.62 -36.69 -22.90
N TYR B 117 3.72 -37.58 -23.29
CA TYR B 117 2.74 -38.12 -22.36
C TYR B 117 3.17 -39.52 -21.89
N HIS B 118 3.25 -39.74 -20.57
CA HIS B 118 3.75 -40.98 -20.03
C HIS B 118 2.58 -41.67 -19.35
N SER B 119 2.24 -42.87 -19.85
CA SER B 119 1.05 -43.59 -19.38
C SER B 119 1.43 -45.03 -19.07
N ILE B 120 2.52 -45.20 -18.30
CA ILE B 120 3.14 -46.51 -18.16
C ILE B 120 3.19 -46.88 -16.70
N ALA B 121 2.68 -48.07 -16.36
CA ALA B 121 2.90 -48.63 -15.02
C ALA B 121 2.85 -50.15 -15.06
N PHE B 122 3.40 -50.81 -14.04
CA PHE B 122 3.26 -52.26 -13.98
C PHE B 122 3.55 -52.80 -12.58
N ALA B 123 2.73 -53.74 -12.10
CA ALA B 123 3.05 -54.52 -10.90
C ALA B 123 2.58 -55.95 -11.15
N ASN B 124 3.21 -56.91 -10.51
CA ASN B 124 2.67 -58.28 -10.48
C ASN B 124 1.26 -58.35 -9.84
N MET B 125 0.37 -59.11 -10.46
N MET B 125 0.33 -58.96 -10.56
CA MET B 125 -0.80 -59.67 -9.77
CA MET B 125 -1.07 -59.09 -10.13
C MET B 125 -0.45 -60.27 -8.41
C MET B 125 -1.27 -59.44 -8.67
N GLU B 126 0.66 -61.01 -8.36
N GLU B 126 -0.42 -60.32 -8.14
CA GLU B 126 0.94 -61.87 -7.21
CA GLU B 126 -0.60 -60.81 -6.78
C GLU B 126 1.33 -61.03 -6.00
C GLU B 126 -0.35 -59.68 -5.78
N ASP B 127 1.95 -59.88 -6.22
N ASP B 127 0.17 -58.56 -6.29
CA ASP B 127 2.12 -58.91 -5.14
CA ASP B 127 0.52 -57.44 -5.44
C ASP B 127 0.88 -58.02 -4.95
C ASP B 127 -0.59 -56.38 -5.39
N LEU B 128 0.18 -57.69 -6.02
N LEU B 128 -1.71 -56.62 -6.07
CA LEU B 128 -0.99 -56.79 -5.91
CA LEU B 128 -2.82 -55.68 -6.14
C LEU B 128 -2.12 -57.40 -5.09
C LEU B 128 -4.10 -56.16 -5.42
N ARG B 129 -2.37 -58.68 -5.34
N ARG B 129 -3.90 -56.94 -4.37
CA ARG B 129 -3.40 -59.43 -4.64
CA ARG B 129 -5.00 -57.50 -3.58
C ARG B 129 -2.83 -60.19 -3.45
C ARG B 129 -4.32 -58.08 -2.35
N GLY B 130 -2.25 -59.44 -2.51
N GLY B 130 -5.07 -58.50 -1.34
CA GLY B 130 -1.81 -59.97 -1.23
CA GLY B 130 -4.48 -59.00 -0.10
C GLY B 130 -1.84 -58.83 -0.23
C GLY B 130 -3.61 -58.03 0.68
N ARG B 131 -1.73 -59.11 1.08
N ARG B 131 -2.57 -58.56 1.32
CA ARG B 131 -1.62 -58.04 2.08
CA ARG B 131 -1.80 -57.83 2.32
C ARG B 131 -0.39 -57.18 1.80
C ARG B 131 -0.56 -57.18 1.73
N PHE B 132 -0.50 -55.85 1.86
CA PHE B 132 0.64 -55.07 1.43
C PHE B 132 1.92 -55.47 2.20
N SER B 133 1.79 -55.79 3.47
CA SER B 133 2.98 -56.18 4.20
C SER B 133 3.70 -57.45 3.67
N GLU B 134 3.11 -58.15 2.69
CA GLU B 134 3.66 -59.42 2.24
C GLU B 134 4.37 -59.19 0.91
N THR B 135 4.38 -57.96 0.45
CA THR B 135 5.01 -57.61 -0.82
C THR B 135 6.47 -58.10 -0.86
N SER B 136 6.87 -58.77 -1.93
CA SER B 136 8.24 -59.21 -2.10
C SER B 136 9.13 -58.03 -2.53
N ARG B 137 10.41 -58.13 -2.21
CA ARG B 137 11.37 -57.11 -2.66
C ARG B 137 11.36 -56.96 -4.20
N GLU B 138 11.33 -58.10 -4.89
CA GLU B 138 11.37 -58.11 -6.34
C GLU B 138 10.11 -57.46 -6.94
N GLY B 139 8.94 -57.71 -6.40
CA GLY B 139 7.71 -57.02 -6.90
C GLY B 139 7.64 -55.53 -6.57
N PHE B 140 8.18 -55.16 -5.41
CA PHE B 140 8.26 -53.78 -5.00
C PHE B 140 9.17 -53.00 -5.94
N LEU B 141 10.35 -53.56 -6.25
CA LEU B 141 11.32 -52.81 -7.06
C LEU B 141 10.92 -52.78 -8.55
N LEU B 142 10.29 -53.86 -9.02
CA LEU B 142 9.72 -53.92 -10.36
C LEU B 142 8.75 -52.77 -10.60
N ALA B 143 7.83 -52.59 -9.66
CA ALA B 143 6.85 -51.54 -9.76
C ALA B 143 7.49 -50.14 -9.76
N GLN B 144 8.50 -49.93 -8.90
CA GLN B 144 9.21 -48.65 -8.87
C GLN B 144 9.91 -48.38 -10.20
N ASP B 145 10.53 -49.45 -10.73
CA ASP B 145 11.37 -49.36 -11.90
C ASP B 145 10.52 -48.96 -13.10
N ILE B 146 9.44 -49.71 -13.35
CA ILE B 146 8.58 -49.44 -14.48
C ILE B 146 7.73 -48.19 -14.27
N SER B 147 7.15 -48.02 -13.07
CA SER B 147 6.07 -47.03 -12.89
C SER B 147 6.61 -45.67 -12.41
N SER B 148 7.84 -45.63 -11.89
CA SER B 148 8.39 -44.36 -11.46
C SER B 148 9.72 -44.01 -12.11
N TYR B 149 10.73 -44.87 -11.97
CA TYR B 149 12.05 -44.57 -12.54
C TYR B 149 11.95 -44.25 -14.04
N SER B 150 11.11 -45.01 -14.72
CA SER B 150 10.93 -44.80 -16.15
C SER B 150 10.70 -43.33 -16.49
N LEU B 151 9.98 -42.57 -15.66
CA LEU B 151 9.76 -41.18 -16.05
C LEU B 151 11.09 -40.37 -16.06
N THR B 152 11.94 -40.64 -15.09
CA THR B 152 13.21 -39.94 -14.94
C THR B 152 14.08 -40.13 -16.20
N ILE B 153 14.27 -41.39 -16.60
CA ILE B 153 15.11 -41.60 -17.82
C ILE B 153 14.40 -41.13 -19.09
N VAL B 154 13.08 -41.27 -19.19
CA VAL B 154 12.36 -40.69 -20.33
C VAL B 154 12.62 -39.16 -20.42
N ALA B 155 12.47 -38.47 -19.30
CA ALA B 155 12.66 -37.02 -19.21
C ALA B 155 14.06 -36.62 -19.63
N HIS B 156 15.03 -37.39 -19.16
CA HIS B 156 16.41 -37.10 -19.50
C HIS B 156 16.62 -37.22 -21.00
N GLU B 157 16.06 -38.26 -21.62
CA GLU B 157 16.31 -38.47 -23.06
C GLU B 157 15.46 -37.54 -23.89
N ALA B 158 14.22 -37.33 -23.47
CA ALA B 158 13.30 -36.44 -24.22
C ALA B 158 13.80 -34.98 -24.23
N LYS B 159 14.41 -34.53 -23.14
CA LYS B 159 15.05 -33.22 -23.01
C LYS B 159 15.92 -32.85 -24.22
N LYS B 160 16.70 -33.81 -24.70
CA LYS B 160 17.56 -33.58 -25.84
C LYS B 160 16.78 -33.12 -27.06
N LEU B 161 15.51 -33.49 -27.14
CA LEU B 161 14.65 -33.15 -28.26
C LEU B 161 13.83 -31.89 -27.97
N MET B 162 14.10 -31.23 -26.84
CA MET B 162 13.33 -30.06 -26.50
C MET B 162 14.22 -28.87 -26.19
N PRO B 163 15.08 -28.46 -27.16
CA PRO B 163 16.04 -27.40 -26.87
C PRO B 163 15.39 -26.10 -26.39
N GLU B 164 14.18 -25.80 -26.88
CA GLU B 164 13.44 -24.60 -26.46
C GLU B 164 12.41 -24.86 -25.36
N GLY B 165 12.41 -26.05 -24.77
CA GLY B 165 11.44 -26.29 -23.71
C GLY B 165 10.23 -27.09 -24.19
N GLY B 166 9.41 -27.54 -23.24
CA GLY B 166 8.30 -28.35 -23.59
C GLY B 166 7.58 -28.77 -22.33
N SER B 167 6.84 -29.86 -22.44
CA SER B 167 5.96 -30.30 -21.34
C SER B 167 5.95 -31.82 -21.23
N ILE B 168 6.09 -32.35 -20.02
CA ILE B 168 6.02 -33.76 -19.81
C ILE B 168 4.94 -34.10 -18.79
N VAL B 169 4.02 -35.02 -19.12
CA VAL B 169 2.90 -35.37 -18.20
C VAL B 169 2.95 -36.85 -17.91
N ALA B 170 2.72 -37.24 -16.66
CA ALA B 170 2.65 -38.66 -16.30
C ALA B 170 1.29 -38.92 -15.65
N THR B 171 0.91 -40.19 -15.59
CA THR B 171 -0.44 -40.49 -15.14
C THR B 171 -0.36 -41.12 -13.76
N THR B 172 -1.14 -40.63 -12.81
CA THR B 172 -1.05 -41.19 -11.49
C THR B 172 -2.44 -41.52 -10.98
N TYR B 173 -2.52 -41.94 -9.73
CA TYR B 173 -3.79 -42.25 -9.16
C TYR B 173 -3.75 -41.83 -7.71
N LEU B 174 -4.92 -41.51 -7.16
CA LEU B 174 -5.08 -41.08 -5.77
C LEU B 174 -4.47 -42.04 -4.75
N GLY B 175 -4.33 -43.33 -5.09
CA GLY B 175 -3.65 -44.26 -4.17
C GLY B 175 -2.18 -43.90 -3.92
N GLY B 176 -1.59 -43.00 -4.73
CA GLY B 176 -0.26 -42.41 -4.46
C GLY B 176 -0.25 -41.43 -3.27
N GLU B 177 -1.43 -40.92 -2.93
CA GLU B 177 -1.52 -39.88 -1.91
C GLU B 177 -2.12 -40.41 -0.60
N PHE B 178 -2.97 -41.45 -0.67
CA PHE B 178 -3.70 -42.06 0.47
C PHE B 178 -3.63 -43.58 0.27
N ALA B 179 -3.80 -44.33 1.35
CA ALA B 179 -3.75 -45.76 1.27
C ALA B 179 -5.14 -46.25 0.90
N VAL B 180 -5.23 -46.76 -0.33
CA VAL B 180 -6.44 -47.31 -0.88
C VAL B 180 -6.32 -48.83 -0.85
N GLN B 181 -7.18 -49.48 -0.08
CA GLN B 181 -7.25 -50.93 0.01
C GLN B 181 -7.07 -51.60 -1.37
N ASN B 182 -6.13 -52.53 -1.46
CA ASN B 182 -5.81 -53.36 -2.62
C ASN B 182 -4.84 -52.73 -3.60
N TYR B 183 -4.73 -51.40 -3.62
CA TYR B 183 -3.86 -50.75 -4.59
C TYR B 183 -2.40 -51.03 -4.22
N ASN B 184 -2.18 -51.24 -2.92
CA ASN B 184 -0.95 -51.84 -2.39
C ASN B 184 0.37 -51.34 -3.00
N VAL B 185 1.15 -52.21 -3.62
CA VAL B 185 2.50 -51.85 -4.07
C VAL B 185 2.38 -50.72 -5.08
N MET B 186 1.26 -50.66 -5.80
CA MET B 186 1.18 -49.59 -6.80
C MET B 186 0.95 -48.18 -6.15
N GLY B 187 0.34 -48.10 -4.95
CA GLY B 187 0.24 -46.84 -4.22
C GLY B 187 1.66 -46.29 -3.91
N VAL B 188 2.58 -47.17 -3.47
CA VAL B 188 3.93 -46.68 -3.11
C VAL B 188 4.64 -46.25 -4.37
N ALA B 189 4.47 -47.00 -5.46
CA ALA B 189 5.09 -46.60 -6.73
C ALA B 189 4.49 -45.29 -7.23
N LYS B 190 3.20 -45.06 -6.99
CA LYS B 190 2.62 -43.74 -7.38
C LYS B 190 3.08 -42.62 -6.46
N ALA B 191 3.25 -42.85 -5.15
CA ALA B 191 3.85 -41.84 -4.30
C ALA B 191 5.26 -41.42 -4.84
N SER B 192 6.01 -42.41 -5.32
CA SER B 192 7.36 -42.23 -5.84
C SER B 192 7.26 -41.45 -7.17
N LEU B 193 6.32 -41.85 -8.02
CA LEU B 193 6.11 -41.14 -9.30
C LEU B 193 5.76 -39.65 -9.08
N GLU B 194 4.90 -39.36 -8.13
CA GLU B 194 4.44 -38.00 -7.90
C GLU B 194 5.60 -37.13 -7.35
N ALA B 195 6.48 -37.72 -6.56
CA ALA B 195 7.69 -36.99 -6.10
C ALA B 195 8.68 -36.82 -7.25
N ASN B 196 8.76 -37.84 -8.11
CA ASN B 196 9.60 -37.78 -9.31
C ASN B 196 9.18 -36.58 -10.16
N VAL B 197 7.90 -36.48 -10.45
CA VAL B 197 7.35 -35.28 -11.06
C VAL B 197 7.80 -33.97 -10.40
N LYS B 198 7.79 -33.84 -9.06
CA LYS B 198 8.21 -32.60 -8.43
C LYS B 198 9.74 -32.38 -8.59
N TYR B 199 10.53 -33.44 -8.43
CA TYR B 199 11.97 -33.27 -8.56
C TYR B 199 12.38 -32.98 -10.01
N LEU B 200 11.65 -33.58 -10.96
CA LEU B 200 11.96 -33.31 -12.35
C LEU B 200 11.55 -31.87 -12.67
N ALA B 201 10.42 -31.43 -12.12
CA ALA B 201 9.96 -30.07 -12.39
C ALA B 201 11.01 -29.03 -11.95
N LEU B 202 11.51 -29.19 -10.73
CA LEU B 202 12.60 -28.35 -10.20
C LEU B 202 13.86 -28.38 -11.09
N ASP B 203 14.31 -29.58 -11.44
CA ASP B 203 15.57 -29.79 -12.19
C ASP B 203 15.47 -29.23 -13.61
N LEU B 204 14.35 -29.46 -14.28
CA LEU B 204 14.16 -29.16 -15.72
C LEU B 204 13.52 -27.78 -16.00
N GLY B 205 12.82 -27.22 -15.01
CA GLY B 205 12.30 -25.86 -15.10
C GLY B 205 13.22 -24.77 -15.66
N PRO B 206 14.50 -24.75 -15.23
CA PRO B 206 15.39 -23.77 -15.90
C PRO B 206 15.55 -24.00 -17.40
N ASP B 207 15.24 -25.20 -17.86
CA ASP B 207 15.28 -25.53 -19.29
C ASP B 207 13.97 -25.22 -19.98
N ASN B 208 13.04 -24.64 -19.24
CA ASN B 208 11.67 -24.41 -19.69
C ASN B 208 10.96 -25.70 -20.06
N ILE B 209 11.17 -26.77 -19.29
CA ILE B 209 10.46 -27.99 -19.51
C ILE B 209 9.61 -28.12 -18.26
N ARG B 210 8.29 -28.17 -18.45
CA ARG B 210 7.35 -28.32 -17.34
C ARG B 210 7.06 -29.80 -17.15
N VAL B 211 6.89 -30.24 -15.91
CA VAL B 211 6.57 -31.65 -15.68
C VAL B 211 5.42 -31.65 -14.70
N ASN B 212 4.35 -32.39 -15.05
CA ASN B 212 3.13 -32.44 -14.25
C ASN B 212 2.55 -33.87 -14.24
N ALA B 213 1.53 -34.09 -13.40
CA ALA B 213 0.82 -35.36 -13.29
C ALA B 213 -0.68 -35.09 -13.46
N ILE B 214 -1.37 -36.08 -14.05
CA ILE B 214 -2.83 -36.19 -13.98
C ILE B 214 -3.16 -37.38 -13.11
N SER B 215 -3.84 -37.09 -12.01
CA SER B 215 -4.39 -38.13 -11.16
C SER B 215 -5.76 -38.54 -11.71
N ALA B 216 -5.81 -39.60 -12.52
CA ALA B 216 -7.05 -40.08 -13.15
C ALA B 216 -7.90 -40.83 -12.14
N GLY B 217 -9.20 -40.64 -12.19
CA GLY B 217 -10.14 -41.50 -11.46
C GLY B 217 -10.15 -42.90 -12.10
N PRO B 218 -10.82 -43.87 -11.47
CA PRO B 218 -10.81 -45.23 -12.02
C PRO B 218 -11.52 -45.31 -13.37
N ILE B 219 -10.83 -45.91 -14.33
CA ILE B 219 -11.27 -46.13 -15.69
C ILE B 219 -11.07 -47.61 -16.10
N ARG B 220 -12.05 -48.18 -16.78
CA ARG B 220 -11.96 -49.57 -17.21
C ARG B 220 -10.94 -49.77 -18.34
N THR B 221 -9.80 -50.32 -17.96
CA THR B 221 -8.73 -50.56 -18.91
C THR B 221 -8.18 -51.98 -18.70
N LEU B 222 -7.29 -52.41 -19.58
CA LEU B 222 -6.68 -53.72 -19.42
C LEU B 222 -5.94 -53.85 -18.08
N SER B 223 -5.24 -52.80 -17.68
CA SER B 223 -4.52 -52.78 -16.39
C SER B 223 -5.46 -52.82 -15.19
N ALA B 224 -6.60 -52.12 -15.28
CA ALA B 224 -7.61 -52.22 -14.20
C ALA B 224 -8.04 -53.65 -13.87
N LYS B 225 -8.03 -54.52 -14.87
CA LYS B 225 -8.44 -55.91 -14.67
C LYS B 225 -7.58 -56.60 -13.60
N GLY B 226 -6.42 -56.02 -13.26
CA GLY B 226 -5.50 -56.66 -12.34
C GLY B 226 -5.60 -56.16 -10.92
N VAL B 227 -6.41 -55.14 -10.69
CA VAL B 227 -6.52 -54.56 -9.36
C VAL B 227 -7.72 -55.11 -8.59
N GLY B 228 -7.50 -55.71 -7.43
CA GLY B 228 -8.61 -56.13 -6.58
C GLY B 228 -9.59 -55.01 -6.26
N GLY B 229 -10.87 -55.36 -6.18
CA GLY B 229 -11.94 -54.45 -5.77
C GLY B 229 -12.19 -53.26 -6.66
N PHE B 230 -11.68 -53.28 -7.91
CA PHE B 230 -11.88 -52.19 -8.84
C PHE B 230 -13.37 -51.83 -9.12
N ASN B 231 -14.24 -52.81 -9.30
CA ASN B 231 -15.66 -52.51 -9.57
C ASN B 231 -16.34 -51.82 -8.41
N THR B 232 -16.05 -52.28 -7.19
CA THR B 232 -16.50 -51.61 -5.98
C THR B 232 -16.15 -50.12 -5.92
N ILE B 233 -14.95 -49.75 -6.41
CA ILE B 233 -14.50 -48.36 -6.37
C ILE B 233 -15.21 -47.54 -7.42
N LEU B 234 -15.44 -48.10 -8.61
CA LEU B 234 -16.25 -47.46 -9.63
C LEU B 234 -17.59 -47.03 -9.06
N LYS B 235 -18.23 -47.96 -8.35
CA LYS B 235 -19.54 -47.71 -7.76
C LYS B 235 -19.45 -46.60 -6.71
N GLU B 236 -18.36 -46.57 -5.95
CA GLU B 236 -18.35 -45.66 -4.82
C GLU B 236 -18.17 -44.24 -5.34
N ILE B 237 -17.47 -44.15 -6.47
CA ILE B 237 -17.28 -42.86 -7.10
C ILE B 237 -18.63 -42.29 -7.54
N GLU B 238 -19.46 -43.09 -8.22
CA GLU B 238 -20.79 -42.65 -8.65
C GLU B 238 -21.60 -42.20 -7.44
N GLU B 239 -21.55 -42.97 -6.36
CA GLU B 239 -22.36 -42.65 -5.19
C GLU B 239 -21.85 -41.39 -4.47
N ARG B 240 -20.53 -41.18 -4.42
CA ARG B 240 -19.93 -40.26 -3.44
C ARG B 240 -19.19 -39.03 -3.98
N ALA B 241 -18.57 -39.15 -5.16
CA ALA B 241 -17.79 -38.05 -5.74
C ALA B 241 -18.75 -36.89 -6.01
N PRO B 242 -18.29 -35.65 -5.83
CA PRO B 242 -19.10 -34.47 -6.19
C PRO B 242 -19.87 -34.58 -7.51
N LEU B 243 -19.24 -35.04 -8.60
CA LEU B 243 -19.92 -35.07 -9.91
C LEU B 243 -20.85 -36.29 -10.03
N LYS B 244 -20.77 -37.19 -9.07
CA LYS B 244 -21.69 -38.33 -9.03
C LYS B 244 -21.63 -39.18 -10.28
N ARG B 245 -20.45 -39.28 -10.89
CA ARG B 245 -20.24 -40.11 -12.08
C ARG B 245 -18.75 -40.38 -12.14
N ASN B 246 -18.35 -41.34 -12.97
CA ASN B 246 -16.98 -41.66 -13.30
C ASN B 246 -16.50 -40.87 -14.52
N VAL B 247 -15.19 -40.80 -14.72
CA VAL B 247 -14.61 -40.02 -15.82
C VAL B 247 -14.22 -41.02 -16.88
N ASP B 248 -13.84 -40.55 -18.07
CA ASP B 248 -13.30 -41.46 -19.07
C ASP B 248 -11.97 -40.98 -19.61
N GLN B 249 -11.44 -41.74 -20.56
CA GLN B 249 -10.10 -41.52 -21.12
C GLN B 249 -10.01 -40.18 -21.84
N VAL B 250 -11.08 -39.79 -22.51
CA VAL B 250 -11.11 -38.52 -23.24
C VAL B 250 -11.03 -37.33 -22.30
N GLU B 251 -11.59 -37.44 -21.10
CA GLU B 251 -11.46 -36.37 -20.11
C GLU B 251 -10.04 -36.23 -19.56
N VAL B 252 -9.36 -37.36 -19.35
CA VAL B 252 -7.93 -37.32 -19.16
C VAL B 252 -7.21 -36.65 -20.34
N GLY B 253 -7.53 -37.05 -21.57
CA GLY B 253 -6.94 -36.41 -22.76
C GLY B 253 -7.11 -34.89 -22.81
N LYS B 254 -8.26 -34.39 -22.42
CA LYS B 254 -8.51 -32.95 -22.51
C LYS B 254 -7.66 -32.19 -21.49
N THR B 255 -7.61 -32.60 -20.21
CA THR B 255 -6.60 -32.09 -19.28
C THR B 255 -5.14 -32.31 -19.74
N ALA B 256 -4.79 -33.43 -20.38
CA ALA B 256 -3.50 -33.57 -21.06
C ALA B 256 -3.20 -32.46 -22.07
N ALA B 257 -4.18 -32.16 -22.93
CA ALA B 257 -3.99 -31.15 -23.93
C ALA B 257 -3.65 -29.80 -23.28
N TYR B 258 -4.40 -29.46 -22.23
CA TYR B 258 -4.17 -28.27 -21.43
C TYR B 258 -2.69 -28.23 -20.96
N LEU B 259 -2.26 -29.32 -20.33
CA LEU B 259 -0.95 -29.42 -19.68
C LEU B 259 0.18 -29.46 -20.73
N LEU B 260 -0.09 -30.06 -21.88
CA LEU B 260 0.96 -30.18 -22.90
C LEU B 260 1.06 -28.91 -23.76
N SER B 261 0.15 -27.96 -23.57
CA SER B 261 0.09 -26.79 -24.44
C SER B 261 0.50 -25.53 -23.66
N ASP B 262 0.61 -24.42 -24.38
CA ASP B 262 0.89 -23.13 -23.79
C ASP B 262 -0.21 -22.59 -22.86
N LEU B 263 -1.41 -23.19 -22.87
CA LEU B 263 -2.43 -22.82 -21.90
C LEU B 263 -1.94 -22.96 -20.47
N SER B 264 -1.06 -23.91 -20.22
CA SER B 264 -0.64 -24.15 -18.86
C SER B 264 0.79 -23.65 -18.63
N SER B 265 1.27 -22.64 -19.38
N SER B 265 1.21 -22.64 -19.40
CA SER B 265 2.69 -22.26 -19.35
CA SER B 265 2.41 -21.90 -19.03
C SER B 265 3.29 -21.92 -17.97
C SER B 265 2.22 -21.42 -17.59
N GLY B 266 2.41 -21.73 -16.99
N GLY B 266 3.27 -21.56 -16.78
CA GLY B 266 2.78 -21.22 -15.68
CA GLY B 266 3.22 -21.21 -15.38
C GLY B 266 2.82 -22.29 -14.61
C GLY B 266 2.85 -22.36 -14.46
N VAL B 267 2.45 -23.50 -15.00
CA VAL B 267 2.09 -24.63 -14.14
C VAL B 267 3.12 -25.74 -14.29
N THR B 268 3.80 -26.08 -13.22
CA THR B 268 4.73 -27.18 -13.25
C THR B 268 4.86 -27.74 -11.84
N GLY B 269 5.14 -29.03 -11.72
CA GLY B 269 5.18 -29.70 -10.41
C GLY B 269 3.78 -29.92 -9.85
N GLU B 270 2.77 -29.82 -10.71
CA GLU B 270 1.38 -29.92 -10.27
C GLU B 270 0.79 -31.32 -10.52
N ASN B 271 -0.24 -31.65 -9.75
CA ASN B 271 -0.95 -32.93 -9.88
C ASN B 271 -2.43 -32.55 -10.06
N ILE B 272 -2.97 -32.64 -11.27
CA ILE B 272 -4.40 -32.29 -11.53
C ILE B 272 -5.29 -33.54 -11.49
N HIS B 273 -6.23 -33.54 -10.57
CA HIS B 273 -7.13 -34.69 -10.37
C HIS B 273 -8.25 -34.59 -11.36
N VAL B 274 -8.30 -35.56 -12.26
CA VAL B 274 -9.42 -35.72 -13.20
C VAL B 274 -10.31 -36.87 -12.75
N ASP B 275 -11.14 -36.60 -11.74
CA ASP B 275 -11.70 -37.71 -10.96
C ASP B 275 -13.09 -37.40 -10.39
N SER B 276 -13.79 -36.47 -11.04
CA SER B 276 -15.09 -36.05 -10.55
C SER B 276 -15.11 -35.38 -9.19
N GLY B 277 -13.96 -34.88 -8.72
CA GLY B 277 -13.85 -34.26 -7.39
C GLY B 277 -13.68 -35.21 -6.22
N PHE B 278 -13.50 -36.51 -6.47
CA PHE B 278 -13.36 -37.50 -5.39
C PHE B 278 -12.20 -37.20 -4.47
N HIS B 279 -11.09 -36.71 -5.02
CA HIS B 279 -9.93 -36.35 -4.18
C HIS B 279 -10.26 -35.34 -3.08
N ALA B 280 -11.30 -34.52 -3.31
CA ALA B 280 -11.56 -33.37 -2.44
C ALA B 280 -12.44 -33.75 -1.25
N ILE B 281 -12.94 -34.99 -1.21
CA ILE B 281 -13.94 -35.31 -0.21
C ILE B 281 -13.47 -36.43 0.71
N LYS B 282 -14.11 -36.51 1.88
CA LYS B 282 -13.93 -37.63 2.79
C LYS B 282 -15.27 -38.07 3.33
N VAL C 28 -10.04 -24.96 -27.36
CA VAL C 28 -10.83 -24.22 -26.31
C VAL C 28 -11.57 -22.98 -26.88
N ASN C 29 -12.33 -23.16 -27.97
CA ASN C 29 -13.17 -22.05 -28.46
C ASN C 29 -14.43 -21.75 -27.62
N LEU C 30 -14.59 -20.50 -27.20
CA LEU C 30 -15.65 -20.18 -26.24
C LEU C 30 -16.77 -19.33 -26.84
N GLU C 31 -16.90 -19.34 -28.15
CA GLU C 31 -18.01 -18.61 -28.76
C GLU C 31 -19.33 -19.16 -28.26
N ASN C 32 -20.30 -18.26 -28.09
CA ASN C 32 -21.59 -18.72 -27.57
C ASN C 32 -21.61 -19.06 -26.09
N LYS C 33 -20.47 -18.92 -25.39
CA LYS C 33 -20.46 -18.89 -23.92
C LYS C 33 -20.55 -17.47 -23.37
N THR C 34 -21.04 -17.38 -22.13
CA THR C 34 -21.07 -16.14 -21.35
C THR C 34 -20.50 -16.36 -19.95
N TYR C 35 -19.56 -15.51 -19.54
CA TYR C 35 -18.95 -15.55 -18.21
C TYR C 35 -19.05 -14.24 -17.43
N VAL C 36 -19.35 -14.33 -16.14
CA VAL C 36 -19.34 -13.15 -15.26
C VAL C 36 -17.96 -13.06 -14.61
N ILE C 37 -17.30 -11.91 -14.77
CA ILE C 37 -15.96 -11.69 -14.20
C ILE C 37 -16.07 -10.62 -13.11
N MET C 38 -15.82 -11.04 -11.86
CA MET C 38 -15.95 -10.15 -10.72
C MET C 38 -14.56 -9.72 -10.25
N GLY C 39 -14.34 -8.41 -10.09
CA GLY C 39 -13.07 -7.95 -9.49
C GLY C 39 -12.00 -7.32 -10.39
N ILE C 40 -12.40 -6.76 -11.53
CA ILE C 40 -11.51 -5.86 -12.24
C ILE C 40 -11.59 -4.49 -11.58
N ALA C 41 -10.40 -3.95 -11.25
CA ALA C 41 -10.22 -2.54 -10.85
C ALA C 41 -9.41 -1.75 -11.88
N ASN C 42 -8.44 -2.38 -12.55
CA ASN C 42 -7.68 -1.59 -13.55
C ASN C 42 -6.91 -2.50 -14.47
N LYS C 43 -5.99 -1.96 -15.27
CA LYS C 43 -5.33 -2.81 -16.26
C LYS C 43 -4.48 -3.95 -15.67
N ARG C 44 -4.12 -3.85 -14.40
CA ARG C 44 -3.23 -4.82 -13.77
C ARG C 44 -4.00 -5.88 -12.98
N SER C 45 -5.33 -5.75 -12.91
CA SER C 45 -6.11 -6.72 -12.16
C SER C 45 -5.87 -8.10 -12.77
N ILE C 46 -5.70 -9.11 -11.92
CA ILE C 46 -5.72 -10.49 -12.39
C ILE C 46 -6.94 -10.79 -13.25
N ALA C 47 -8.07 -10.21 -12.87
CA ALA C 47 -9.31 -10.50 -13.59
C ALA C 47 -9.29 -9.90 -14.98
N PHE C 48 -8.49 -8.87 -15.21
CA PHE C 48 -8.41 -8.33 -16.58
C PHE C 48 -7.55 -9.26 -17.46
N GLY C 49 -6.58 -9.94 -16.87
CA GLY C 49 -5.91 -11.06 -17.53
C GLY C 49 -6.84 -12.16 -18.03
N VAL C 50 -7.74 -12.60 -17.15
CA VAL C 50 -8.77 -13.54 -17.53
C VAL C 50 -9.62 -12.97 -18.67
N ALA C 51 -9.99 -11.71 -18.54
CA ALA C 51 -10.94 -11.11 -19.45
C ALA C 51 -10.34 -11.04 -20.86
N LYS C 52 -9.07 -10.65 -20.96
CA LYS C 52 -8.33 -10.61 -22.23
C LYS C 52 -8.32 -11.98 -22.87
N VAL C 53 -8.04 -13.01 -22.08
CA VAL C 53 -8.03 -14.37 -22.62
C VAL C 53 -9.44 -14.86 -23.02
N LEU C 54 -10.44 -14.69 -22.16
CA LEU C 54 -11.77 -15.20 -22.50
C LEU C 54 -12.28 -14.48 -23.73
N ASP C 55 -12.01 -13.18 -23.83
CA ASP C 55 -12.52 -12.34 -24.90
C ASP C 55 -11.86 -12.74 -26.21
N GLN C 56 -10.55 -13.00 -26.17
CA GLN C 56 -9.78 -13.51 -27.32
C GLN C 56 -10.36 -14.85 -27.79
N LEU C 57 -10.96 -15.62 -26.89
CA LEU C 57 -11.50 -16.92 -27.27
C LEU C 57 -12.96 -16.81 -27.71
N GLY C 58 -13.49 -15.60 -27.87
CA GLY C 58 -14.87 -15.43 -28.31
C GLY C 58 -16.02 -15.45 -27.31
N ALA C 59 -15.76 -15.49 -26.00
CA ALA C 59 -16.82 -15.40 -24.99
C ALA C 59 -17.50 -14.03 -24.95
N LYS C 60 -18.77 -14.03 -24.52
CA LYS C 60 -19.42 -12.81 -24.08
C LYS C 60 -19.12 -12.65 -22.60
N LEU C 61 -18.77 -11.43 -22.19
CA LEU C 61 -18.32 -11.17 -20.80
C LEU C 61 -19.19 -10.11 -20.12
N VAL C 62 -19.43 -10.32 -18.82
CA VAL C 62 -20.23 -9.46 -17.98
C VAL C 62 -19.30 -9.18 -16.80
N PHE C 63 -19.18 -7.90 -16.42
CA PHE C 63 -18.24 -7.50 -15.37
C PHE C 63 -18.96 -6.91 -14.19
N THR C 64 -18.50 -7.27 -13.00
CA THR C 64 -18.99 -6.62 -11.78
C THR C 64 -17.87 -5.87 -11.05
N TYR C 65 -18.25 -4.81 -10.35
CA TYR C 65 -17.27 -3.89 -9.75
C TYR C 65 -17.84 -3.40 -8.42
N ARG C 66 -17.00 -2.84 -7.55
CA ARG C 66 -17.53 -2.18 -6.37
C ARG C 66 -17.43 -0.64 -6.45
N LYS C 67 -16.24 -0.09 -6.65
CA LYS C 67 -16.03 1.37 -6.66
C LYS C 67 -16.34 1.99 -8.03
N GLU C 68 -16.91 3.18 -8.01
CA GLU C 68 -17.15 3.85 -9.28
CA GLU C 68 -17.11 4.00 -9.21
C GLU C 68 -15.86 3.98 -10.09
N ARG C 69 -14.71 4.17 -9.44
CA ARG C 69 -13.46 4.27 -10.18
C ARG C 69 -13.22 2.99 -10.98
N SER C 70 -13.58 1.84 -10.40
CA SER C 70 -13.47 0.56 -11.12
C SER C 70 -14.38 0.53 -12.36
N ARG C 71 -15.59 1.07 -12.24
CA ARG C 71 -16.44 1.14 -13.43
C ARG C 71 -15.73 2.00 -14.49
N LYS C 72 -15.18 3.15 -14.10
CA LYS C 72 -14.52 4.02 -15.06
C LYS C 72 -13.34 3.33 -15.80
N GLU C 73 -12.50 2.60 -15.06
CA GLU C 73 -11.43 1.84 -15.69
C GLU C 73 -11.95 0.77 -16.64
N LEU C 74 -13.02 0.11 -16.21
CA LEU C 74 -13.62 -0.93 -17.06
C LEU C 74 -14.13 -0.32 -18.37
N GLU C 75 -14.73 0.87 -18.29
CA GLU C 75 -15.15 1.47 -19.56
C GLU C 75 -13.95 1.76 -20.46
N LYS C 76 -12.83 2.19 -19.91
CA LYS C 76 -11.65 2.45 -20.75
C LYS C 76 -11.06 1.14 -21.28
N LEU C 77 -11.08 0.08 -20.47
CA LEU C 77 -10.45 -1.21 -20.81
C LEU C 77 -11.25 -2.00 -21.83
N LEU C 78 -12.58 -1.91 -21.72
CA LEU C 78 -13.46 -2.52 -22.70
C LEU C 78 -13.15 -2.15 -24.15
N GLU C 79 -12.49 -1.02 -24.33
CA GLU C 79 -12.14 -0.52 -25.67
C GLU C 79 -11.01 -1.36 -26.25
N GLN C 80 -10.25 -2.08 -25.42
CA GLN C 80 -9.27 -3.04 -25.97
C GLN C 80 -9.83 -4.44 -26.24
N LEU C 81 -11.06 -4.70 -25.82
CA LEU C 81 -11.67 -6.01 -25.92
C LEU C 81 -12.59 -6.03 -27.14
N ASN C 82 -13.07 -7.21 -27.49
CA ASN C 82 -13.88 -7.34 -28.68
C ASN C 82 -15.33 -7.28 -28.30
N GLN C 83 -15.65 -7.18 -27.02
CA GLN C 83 -17.05 -7.15 -26.60
C GLN C 83 -17.85 -6.09 -27.37
N PRO C 84 -18.92 -6.49 -28.08
CA PRO C 84 -19.61 -5.40 -28.75
C PRO C 84 -20.51 -4.63 -27.80
N GLU C 85 -20.73 -5.13 -26.60
CA GLU C 85 -21.35 -4.30 -25.59
C GLU C 85 -20.85 -4.45 -24.17
N ALA C 86 -20.90 -3.31 -23.48
CA ALA C 86 -20.54 -3.17 -22.09
C ALA C 86 -21.68 -3.74 -21.27
N HIS C 87 -21.44 -4.83 -20.55
CA HIS C 87 -22.37 -5.26 -19.52
C HIS C 87 -21.70 -5.05 -18.14
N LEU C 88 -22.03 -3.97 -17.44
CA LEU C 88 -21.34 -3.63 -16.19
C LEU C 88 -22.29 -3.57 -15.01
N TYR C 89 -21.99 -4.26 -13.93
CA TYR C 89 -22.91 -4.21 -12.80
C TYR C 89 -22.17 -3.92 -11.51
N GLN C 90 -22.73 -3.01 -10.71
CA GLN C 90 -22.13 -2.68 -9.43
C GLN C 90 -22.55 -3.73 -8.42
N ILE C 91 -21.59 -4.47 -7.86
CA ILE C 91 -21.90 -5.46 -6.83
C ILE C 91 -20.84 -5.39 -5.75
N ASP C 92 -21.23 -4.88 -4.58
CA ASP C 92 -20.43 -5.01 -3.40
C ASP C 92 -20.80 -6.32 -2.66
N VAL C 93 -19.86 -7.27 -2.63
CA VAL C 93 -20.17 -8.61 -2.12
C VAL C 93 -20.43 -8.66 -0.60
N GLN C 94 -20.29 -7.52 0.08
CA GLN C 94 -20.68 -7.44 1.49
C GLN C 94 -22.20 -7.36 1.66
N SER C 95 -22.91 -7.07 0.57
CA SER C 95 -24.36 -6.87 0.61
C SER C 95 -25.06 -8.05 -0.08
N ASP C 96 -25.87 -8.77 0.69
CA ASP C 96 -26.66 -9.86 0.10
C ASP C 96 -27.58 -9.30 -0.98
N GLU C 97 -28.23 -8.17 -0.68
CA GLU C 97 -29.13 -7.54 -1.65
C GLU C 97 -28.44 -7.24 -2.97
N GLU C 98 -27.23 -6.69 -2.95
CA GLU C 98 -26.57 -6.33 -4.21
C GLU C 98 -26.11 -7.55 -5.01
N VAL C 99 -25.65 -8.60 -4.33
CA VAL C 99 -25.32 -9.86 -4.99
C VAL C 99 -26.60 -10.45 -5.61
N ILE C 100 -27.66 -10.51 -4.79
CA ILE C 100 -28.89 -11.15 -5.23
C ILE C 100 -29.49 -10.41 -6.44
N ASN C 101 -29.52 -9.07 -6.37
CA ASN C 101 -30.19 -8.26 -7.41
C ASN C 101 -29.28 -8.10 -8.62
N GLY C 102 -27.97 -8.06 -8.35
CA GLY C 102 -26.97 -8.06 -9.41
C GLY C 102 -27.07 -9.24 -10.33
N PHE C 103 -27.05 -10.45 -9.78
CA PHE C 103 -27.13 -11.62 -10.64
C PHE C 103 -28.49 -11.73 -11.31
N GLU C 104 -29.52 -11.38 -10.57
CA GLU C 104 -30.86 -11.39 -11.12
C GLU C 104 -30.96 -10.49 -12.36
N GLN C 105 -30.51 -9.25 -12.23
CA GLN C 105 -30.41 -8.34 -13.37
C GLN C 105 -29.54 -8.85 -14.51
N ILE C 106 -28.43 -9.52 -14.20
CA ILE C 106 -27.52 -10.11 -15.19
C ILE C 106 -28.29 -11.13 -16.03
N GLY C 107 -29.10 -11.95 -15.36
CA GLY C 107 -29.89 -12.95 -16.04
C GLY C 107 -30.94 -12.37 -16.96
N LYS C 108 -31.56 -11.26 -16.57
CA LYS C 108 -32.52 -10.57 -17.44
C LYS C 108 -31.88 -9.91 -18.65
N ASP C 109 -30.65 -9.42 -18.50
CA ASP C 109 -29.96 -8.74 -19.59
C ASP C 109 -29.30 -9.68 -20.60
N VAL C 110 -28.57 -10.69 -20.10
CA VAL C 110 -27.86 -11.60 -21.01
C VAL C 110 -28.39 -13.04 -20.99
N GLY C 111 -29.36 -13.35 -20.13
CA GLY C 111 -29.85 -14.72 -20.07
C GLY C 111 -28.92 -15.62 -19.25
N ASN C 112 -28.97 -16.93 -19.48
CA ASN C 112 -28.15 -17.88 -18.71
C ASN C 112 -26.66 -17.80 -19.01
N ILE C 113 -25.84 -18.07 -18.00
CA ILE C 113 -24.41 -17.96 -18.16
C ILE C 113 -23.74 -19.33 -18.01
N ASP C 114 -22.46 -19.37 -18.32
CA ASP C 114 -21.68 -20.60 -18.27
C ASP C 114 -20.71 -20.69 -17.09
N GLY C 115 -20.46 -19.59 -16.40
CA GLY C 115 -19.45 -19.61 -15.34
C GLY C 115 -19.19 -18.24 -14.73
N VAL C 116 -18.52 -18.25 -13.58
CA VAL C 116 -18.15 -17.03 -12.87
C VAL C 116 -16.65 -17.11 -12.55
N TYR C 117 -15.92 -16.03 -12.84
CA TYR C 117 -14.58 -15.89 -12.32
C TYR C 117 -14.62 -14.95 -11.12
N HIS C 118 -14.24 -15.46 -9.95
CA HIS C 118 -14.27 -14.66 -8.76
C HIS C 118 -12.83 -14.22 -8.46
N SER C 119 -12.62 -12.90 -8.50
CA SER C 119 -11.30 -12.32 -8.25
C SER C 119 -11.39 -11.18 -7.20
N ILE C 120 -11.88 -11.54 -6.01
CA ILE C 120 -12.25 -10.55 -4.98
C ILE C 120 -11.68 -10.94 -3.64
N ALA C 121 -10.97 -9.98 -3.04
CA ALA C 121 -10.51 -10.17 -1.66
C ALA C 121 -10.29 -8.79 -1.05
N PHE C 122 -10.31 -8.73 0.27
CA PHE C 122 -9.98 -7.49 0.92
C PHE C 122 -9.49 -7.76 2.33
N ALA C 123 -8.52 -6.95 2.78
CA ALA C 123 -8.15 -6.89 4.19
C ALA C 123 -7.58 -5.49 4.44
N ASN C 124 -7.79 -4.99 5.65
CA ASN C 124 -7.18 -3.74 6.11
C ASN C 124 -5.65 -3.86 6.10
N MET C 125 -4.98 -2.80 5.67
N MET C 125 -4.96 -2.79 5.75
CA MET C 125 -3.54 -2.77 5.48
CA MET C 125 -3.56 -2.68 6.11
C MET C 125 -2.70 -3.21 6.67
C MET C 125 -3.40 -2.60 7.63
N GLU C 126 -3.11 -2.83 7.88
N GLU C 126 -4.43 -2.15 8.33
CA GLU C 126 -2.36 -3.18 9.09
CA GLU C 126 -4.44 -2.11 9.79
C GLU C 126 -2.34 -4.67 9.37
C GLU C 126 -4.13 -3.45 10.43
N ASP C 127 -3.22 -5.39 8.68
N ASP C 127 -4.87 -4.49 10.05
CA ASP C 127 -3.37 -6.81 8.90
CA ASP C 127 -4.45 -5.81 10.52
C ASP C 127 -2.53 -7.58 7.87
C ASP C 127 -3.39 -6.42 9.61
N LEU C 128 -1.64 -6.90 7.15
N LEU C 128 -3.35 -6.07 8.34
CA LEU C 128 -0.83 -7.54 6.11
CA LEU C 128 -2.36 -6.70 7.46
C LEU C 128 0.67 -7.30 6.30
C LEU C 128 -0.93 -6.34 7.88
N ARG C 129 1.05 -7.21 7.56
N ARG C 129 -0.64 -5.05 7.98
CA ARG C 129 2.41 -6.93 7.96
CA ARG C 129 0.65 -4.61 8.50
C ARG C 129 2.36 -7.10 9.47
C ARG C 129 0.67 -4.77 10.02
N GLY C 130 3.52 -7.11 10.14
N GLY C 130 1.02 -5.97 10.48
CA GLY C 130 3.58 -7.19 11.62
CA GLY C 130 0.96 -6.34 11.89
C GLY C 130 3.14 -8.55 12.12
C GLY C 130 1.47 -7.75 12.20
N ARG C 131 2.58 -8.58 13.34
N ARG C 131 1.66 -8.05 13.48
CA ARG C 131 2.24 -9.84 14.01
CA ARG C 131 1.83 -9.41 13.97
C ARG C 131 0.76 -10.20 13.87
C ARG C 131 0.52 -10.13 13.74
N PHE C 132 0.54 -11.40 13.33
CA PHE C 132 -0.76 -12.04 13.12
C PHE C 132 -1.57 -12.07 14.39
N SER C 133 -0.91 -12.43 15.50
CA SER C 133 -1.58 -12.59 16.77
C SER C 133 -2.26 -11.29 17.24
N GLU C 134 -1.84 -10.14 16.71
CA GLU C 134 -2.48 -8.87 17.08
C GLU C 134 -3.70 -8.53 16.20
N THR C 135 -4.10 -9.44 15.31
CA THR C 135 -5.28 -9.20 14.45
C THR C 135 -6.55 -8.89 15.26
N SER C 136 -7.27 -7.85 14.85
CA SER C 136 -8.56 -7.51 15.48
C SER C 136 -9.71 -8.42 15.02
N ARG C 137 -10.67 -8.69 15.91
CA ARG C 137 -11.85 -9.45 15.49
C ARG C 137 -12.49 -8.86 14.23
N GLU C 138 -12.69 -7.55 14.22
CA GLU C 138 -13.34 -6.91 13.07
C GLU C 138 -12.53 -7.06 11.78
N GLY C 139 -11.21 -6.94 11.86
CA GLY C 139 -10.37 -7.09 10.66
C GLY C 139 -10.35 -8.55 10.19
N PHE C 140 -10.34 -9.47 11.14
CA PHE C 140 -10.38 -10.87 10.77
C PHE C 140 -11.67 -11.23 10.03
N LEU C 141 -12.81 -10.74 10.54
CA LEU C 141 -14.09 -11.15 9.98
C LEU C 141 -14.38 -10.39 8.67
N LEU C 142 -13.92 -9.14 8.58
CA LEU C 142 -13.96 -8.41 7.31
C LEU C 142 -13.31 -9.22 6.18
N ALA C 143 -12.08 -9.70 6.44
CA ALA C 143 -11.36 -10.47 5.43
C ALA C 143 -12.11 -11.74 5.04
N GLN C 144 -12.66 -12.46 6.02
CA GLN C 144 -13.47 -13.66 5.75
C GLN C 144 -14.74 -13.33 4.93
N ASP C 145 -15.38 -12.21 5.29
CA ASP C 145 -16.64 -11.81 4.70
C ASP C 145 -16.44 -11.56 3.21
N ILE C 146 -15.44 -10.75 2.86
CA ILE C 146 -15.27 -10.31 1.46
C ILE C 146 -14.52 -11.37 0.67
N SER C 147 -13.57 -12.05 1.32
CA SER C 147 -12.64 -12.89 0.58
C SER C 147 -13.07 -14.36 0.54
N SER C 148 -14.02 -14.78 1.39
CA SER C 148 -14.42 -16.21 1.38
C SER C 148 -15.93 -16.38 1.27
N TYR C 149 -16.68 -15.79 2.19
CA TYR C 149 -18.14 -15.90 2.19
C TYR C 149 -18.70 -15.40 0.86
N SER C 150 -18.13 -14.35 0.29
CA SER C 150 -18.62 -13.83 -1.00
C SER C 150 -18.77 -14.93 -2.06
N LEU C 151 -17.87 -15.91 -2.08
CA LEU C 151 -17.94 -16.99 -3.06
C LEU C 151 -19.18 -17.86 -2.81
N THR C 152 -19.51 -18.12 -1.55
CA THR C 152 -20.67 -18.93 -1.23
C THR C 152 -21.98 -18.32 -1.76
N ILE C 153 -22.19 -17.04 -1.50
CA ILE C 153 -23.44 -16.40 -1.88
C ILE C 153 -23.42 -16.14 -3.40
N VAL C 154 -22.28 -15.80 -3.97
CA VAL C 154 -22.20 -15.69 -5.42
C VAL C 154 -22.55 -17.02 -6.15
N ALA C 155 -21.98 -18.13 -5.71
CA ALA C 155 -22.34 -19.46 -6.22
C ALA C 155 -23.84 -19.72 -6.05
N HIS C 156 -24.40 -19.43 -4.89
CA HIS C 156 -25.83 -19.65 -4.68
C HIS C 156 -26.67 -18.87 -5.69
N GLU C 157 -26.33 -17.61 -5.93
CA GLU C 157 -27.10 -16.78 -6.85
C GLU C 157 -26.79 -17.09 -8.32
N ALA C 158 -25.52 -17.37 -8.61
CA ALA C 158 -25.10 -17.67 -9.97
C ALA C 158 -25.69 -18.99 -10.46
N LYS C 159 -25.79 -19.95 -9.55
CA LYS C 159 -26.45 -21.25 -9.85
C LYS C 159 -27.82 -21.09 -10.53
N LYS C 160 -28.56 -20.02 -10.18
CA LYS C 160 -29.87 -19.74 -10.77
C LYS C 160 -29.76 -19.51 -12.27
N LEU C 161 -28.57 -19.18 -12.74
CA LEU C 161 -28.37 -18.80 -14.15
C LEU C 161 -27.62 -19.90 -14.89
N MET C 162 -27.46 -21.04 -14.24
CA MET C 162 -26.77 -22.16 -14.87
C MET C 162 -27.58 -23.48 -14.76
N PRO C 163 -28.82 -23.49 -15.27
CA PRO C 163 -29.67 -24.67 -15.15
C PRO C 163 -29.05 -25.94 -15.72
N GLU C 164 -28.26 -25.84 -16.78
CA GLU C 164 -27.59 -27.02 -17.30
C GLU C 164 -26.15 -27.20 -16.82
N GLY C 165 -25.72 -26.51 -15.76
CA GLY C 165 -24.34 -26.69 -15.30
C GLY C 165 -23.50 -25.49 -15.69
N GLY C 166 -22.29 -25.43 -15.14
CA GLY C 166 -21.35 -24.38 -15.48
C GLY C 166 -20.07 -24.55 -14.69
N SER C 167 -19.26 -23.49 -14.64
CA SER C 167 -17.97 -23.56 -13.95
C SER C 167 -17.68 -22.27 -13.13
N ILE C 168 -17.34 -22.43 -11.85
CA ILE C 168 -16.99 -21.30 -10.98
C ILE C 168 -15.53 -21.42 -10.53
N VAL C 169 -14.76 -20.36 -10.75
CA VAL C 169 -13.34 -20.31 -10.38
C VAL C 169 -13.08 -19.11 -9.47
N ALA C 170 -12.39 -19.37 -8.35
CA ALA C 170 -11.95 -18.30 -7.45
C ALA C 170 -10.43 -18.24 -7.46
N THR C 171 -9.92 -17.11 -7.01
CA THR C 171 -8.49 -16.85 -7.02
C THR C 171 -7.94 -16.93 -5.61
N THR C 172 -6.90 -17.73 -5.46
CA THR C 172 -6.28 -17.88 -4.18
C THR C 172 -4.74 -17.71 -4.20
N TYR C 173 -4.13 -17.90 -3.04
CA TYR C 173 -2.67 -17.76 -2.92
C TYR C 173 -2.16 -18.83 -1.94
N LEU C 174 -0.92 -19.26 -2.13
CA LEU C 174 -0.22 -20.30 -1.38
C LEU C 174 -0.24 -20.05 0.12
N GLY C 175 -0.29 -18.75 0.48
CA GLY C 175 -0.55 -18.36 1.87
C GLY C 175 -1.75 -19.00 2.53
N GLY C 176 -2.72 -19.53 1.76
CA GLY C 176 -3.86 -20.27 2.31
C GLY C 176 -3.44 -21.68 2.76
N GLU C 177 -2.33 -22.16 2.24
CA GLU C 177 -1.93 -23.55 2.50
C GLU C 177 -0.76 -23.63 3.49
N PHE C 178 0.05 -22.57 3.62
CA PHE C 178 1.22 -22.45 4.51
C PHE C 178 1.25 -21.04 5.09
N ALA C 179 1.88 -20.86 6.25
CA ALA C 179 2.02 -19.55 6.87
C ALA C 179 3.17 -18.83 6.16
N VAL C 180 2.85 -17.75 5.42
CA VAL C 180 3.80 -16.92 4.68
C VAL C 180 3.92 -15.59 5.45
N GLN C 181 5.12 -15.21 5.89
CA GLN C 181 5.27 -14.03 6.73
C GLN C 181 4.59 -12.80 6.06
N ASN C 182 3.80 -12.02 6.81
CA ASN C 182 3.10 -10.80 6.36
C ASN C 182 1.73 -11.00 5.76
N TYR C 183 1.46 -12.18 5.20
CA TYR C 183 0.18 -12.42 4.54
C TYR C 183 -0.91 -12.55 5.61
N ASN C 184 -0.53 -13.07 6.78
CA ASN C 184 -1.30 -12.87 8.00
C ASN C 184 -2.80 -13.10 7.80
N VAL C 185 -3.65 -12.10 8.04
CA VAL C 185 -5.10 -12.37 8.16
C VAL C 185 -5.63 -12.89 6.82
N MET C 186 -5.02 -12.47 5.72
CA MET C 186 -5.49 -12.95 4.43
C MET C 186 -5.17 -14.44 4.19
N GLY C 187 -4.04 -14.94 4.70
CA GLY C 187 -3.77 -16.35 4.67
C GLY C 187 -4.90 -17.20 5.28
N VAL C 188 -5.43 -16.76 6.42
CA VAL C 188 -6.51 -17.53 7.05
C VAL C 188 -7.81 -17.34 6.26
N ALA C 189 -7.98 -16.19 5.60
CA ALA C 189 -9.12 -15.99 4.72
C ALA C 189 -9.00 -16.84 3.46
N LYS C 190 -7.77 -17.09 2.98
CA LYS C 190 -7.58 -17.99 1.85
C LYS C 190 -7.72 -19.48 2.24
N ALA C 191 -7.30 -19.89 3.43
CA ALA C 191 -7.61 -21.25 3.86
C ALA C 191 -9.12 -21.49 3.80
N SER C 192 -9.86 -20.57 4.40
CA SER C 192 -11.34 -20.50 4.32
C SER C 192 -11.87 -20.57 2.90
N LEU C 193 -11.31 -19.76 2.00
CA LEU C 193 -11.78 -19.75 0.61
C LEU C 193 -11.58 -21.13 -0.07
N GLU C 194 -10.38 -21.68 0.09
CA GLU C 194 -10.07 -22.95 -0.54
C GLU C 194 -10.97 -24.09 -0.02
N ALA C 195 -11.32 -24.06 1.27
CA ALA C 195 -12.26 -25.04 1.81
C ALA C 195 -13.68 -24.77 1.25
N ASN C 196 -14.04 -23.48 1.13
CA ASN C 196 -15.32 -23.05 0.54
C ASN C 196 -15.47 -23.69 -0.85
N VAL C 197 -14.39 -23.64 -1.62
CA VAL C 197 -14.37 -24.20 -2.97
C VAL C 197 -14.65 -25.73 -2.94
N LYS C 198 -14.05 -26.44 -1.99
CA LYS C 198 -14.29 -27.88 -1.86
C LYS C 198 -15.74 -28.21 -1.45
N TYR C 199 -16.27 -27.47 -0.48
CA TYR C 199 -17.62 -27.68 0.01
C TYR C 199 -18.61 -27.24 -1.09
N LEU C 200 -18.26 -26.23 -1.88
CA LEU C 200 -19.20 -25.83 -2.94
C LEU C 200 -19.19 -26.88 -4.02
N ALA C 201 -18.00 -27.39 -4.35
CA ALA C 201 -17.80 -28.48 -5.31
C ALA C 201 -18.67 -29.69 -5.02
N LEU C 202 -18.66 -30.09 -3.74
CA LEU C 202 -19.44 -31.25 -3.32
C LEU C 202 -20.94 -30.97 -3.40
N ASP C 203 -21.35 -29.76 -2.99
CA ASP C 203 -22.77 -29.38 -2.92
C ASP C 203 -23.41 -29.24 -4.32
N LEU C 204 -22.66 -28.67 -5.25
CA LEU C 204 -23.16 -28.22 -6.56
C LEU C 204 -22.79 -29.18 -7.70
N GLY C 205 -21.92 -30.14 -7.38
CA GLY C 205 -21.59 -31.27 -8.25
C GLY C 205 -22.78 -31.96 -8.90
N PRO C 206 -23.77 -32.36 -8.09
CA PRO C 206 -24.94 -33.01 -8.68
C PRO C 206 -25.68 -32.09 -9.64
N ASP C 207 -25.49 -30.78 -9.52
CA ASP C 207 -26.10 -29.87 -10.50
C ASP C 207 -25.22 -29.62 -11.71
N ASN C 208 -24.12 -30.40 -11.83
CA ASN C 208 -23.15 -30.21 -12.92
C ASN C 208 -22.47 -28.81 -12.87
N ILE C 209 -22.36 -28.25 -11.67
CA ILE C 209 -21.55 -27.02 -11.57
C ILE C 209 -20.20 -27.36 -10.95
N ARG C 210 -19.13 -27.12 -11.68
CA ARG C 210 -17.78 -27.34 -11.16
C ARG C 210 -17.27 -26.10 -10.42
N VAL C 211 -16.50 -26.32 -9.35
CA VAL C 211 -15.95 -25.20 -8.57
C VAL C 211 -14.50 -25.53 -8.30
N ASN C 212 -13.64 -24.60 -8.69
CA ASN C 212 -12.20 -24.76 -8.61
C ASN C 212 -11.57 -23.46 -8.18
N ALA C 213 -10.32 -23.55 -7.74
CA ALA C 213 -9.49 -22.39 -7.42
C ALA C 213 -8.26 -22.36 -8.32
N ILE C 214 -7.77 -21.15 -8.58
CA ILE C 214 -6.40 -20.91 -9.07
C ILE C 214 -5.54 -20.25 -7.98
N SER C 215 -4.39 -20.87 -7.70
CA SER C 215 -3.45 -20.36 -6.70
C SER C 215 -2.40 -19.61 -7.46
N ALA C 216 -2.62 -18.30 -7.64
CA ALA C 216 -1.70 -17.46 -8.39
C ALA C 216 -0.43 -17.14 -7.60
N GLY C 217 0.71 -17.08 -8.29
CA GLY C 217 1.97 -16.63 -7.70
C GLY C 217 1.85 -15.11 -7.61
N PRO C 218 2.85 -14.45 -7.00
CA PRO C 218 2.70 -12.99 -6.82
C PRO C 218 2.74 -12.20 -8.12
N ILE C 219 1.88 -11.20 -8.24
CA ILE C 219 1.73 -10.41 -9.45
C ILE C 219 1.55 -8.95 -9.02
N ARG C 220 2.24 -8.00 -9.67
CA ARG C 220 2.12 -6.60 -9.29
C ARG C 220 0.74 -6.05 -9.64
N THR C 221 -0.10 -5.92 -8.63
CA THR C 221 -1.46 -5.36 -8.77
C THR C 221 -1.69 -4.29 -7.70
N LEU C 222 -2.80 -3.57 -7.82
CA LEU C 222 -3.15 -2.57 -6.84
C LEU C 222 -3.22 -3.22 -5.44
N SER C 223 -3.85 -4.38 -5.33
CA SER C 223 -3.96 -5.02 -4.02
C SER C 223 -2.59 -5.44 -3.48
N ALA C 224 -1.65 -5.81 -4.36
CA ALA C 224 -0.30 -6.20 -3.90
C ALA C 224 0.44 -5.08 -3.19
N LYS C 225 0.03 -3.84 -3.48
CA LYS C 225 0.70 -2.69 -2.85
C LYS C 225 0.45 -2.70 -1.34
N GLY C 226 -0.60 -3.38 -0.88
CA GLY C 226 -0.92 -3.33 0.53
C GLY C 226 -0.25 -4.41 1.35
N VAL C 227 0.47 -5.34 0.71
CA VAL C 227 0.97 -6.48 1.41
C VAL C 227 2.43 -6.30 1.78
N GLY C 228 2.80 -6.36 3.04
CA GLY C 228 4.20 -6.17 3.39
C GLY C 228 5.11 -7.24 2.80
N GLY C 229 6.31 -6.83 2.40
CA GLY C 229 7.32 -7.77 1.89
C GLY C 229 7.00 -8.37 0.56
N PHE C 230 6.08 -7.78 -0.20
CA PHE C 230 5.73 -8.27 -1.52
C PHE C 230 6.92 -8.28 -2.48
N ASN C 231 7.72 -7.21 -2.50
CA ASN C 231 8.86 -7.17 -3.41
C ASN C 231 9.88 -8.25 -3.12
N THR C 232 10.13 -8.57 -1.85
CA THR C 232 11.19 -9.52 -1.61
C THR C 232 10.74 -10.95 -2.00
N ILE C 233 9.43 -11.20 -1.98
CA ILE C 233 8.87 -12.48 -2.37
C ILE C 233 8.86 -12.66 -3.90
N LEU C 234 8.57 -11.60 -4.64
CA LEU C 234 8.71 -11.63 -6.09
C LEU C 234 10.11 -12.10 -6.49
N LYS C 235 11.11 -11.56 -5.81
CA LYS C 235 12.50 -11.86 -6.14
C LYS C 235 12.87 -13.29 -5.75
N GLU C 236 12.30 -13.78 -4.66
CA GLU C 236 12.62 -15.14 -4.26
C GLU C 236 12.03 -16.17 -5.25
N ILE C 237 10.88 -15.85 -5.84
CA ILE C 237 10.28 -16.71 -6.85
C ILE C 237 11.25 -16.85 -8.04
N GLU C 238 11.85 -15.75 -8.51
CA GLU C 238 12.78 -15.78 -9.65
C GLU C 238 13.99 -16.63 -9.31
N GLU C 239 14.46 -16.52 -8.07
CA GLU C 239 15.63 -17.27 -7.66
C GLU C 239 15.39 -18.74 -7.38
N ARG C 240 14.22 -19.10 -6.84
CA ARG C 240 13.98 -20.40 -6.23
CA ARG C 240 13.98 -20.40 -6.23
C ARG C 240 12.89 -21.22 -6.95
N ALA C 241 11.97 -20.58 -7.66
CA ALA C 241 10.88 -21.37 -8.26
C ALA C 241 11.45 -22.17 -9.43
N PRO C 242 10.90 -23.37 -9.72
CA PRO C 242 11.35 -24.18 -10.86
C PRO C 242 11.51 -23.41 -12.18
N LEU C 243 10.59 -22.51 -12.55
CA LEU C 243 10.72 -21.83 -13.81
C LEU C 243 11.66 -20.62 -13.72
N LYS C 244 12.11 -20.27 -12.53
CA LYS C 244 13.02 -19.14 -12.33
C LYS C 244 12.47 -17.85 -12.89
N ARG C 245 11.19 -17.62 -12.73
CA ARG C 245 10.57 -16.42 -13.30
C ARG C 245 9.22 -16.30 -12.61
N ASN C 246 8.68 -15.09 -12.62
CA ASN C 246 7.36 -14.85 -12.05
C ASN C 246 6.27 -15.09 -13.11
N VAL C 247 5.01 -15.16 -12.70
CA VAL C 247 3.92 -15.41 -13.66
C VAL C 247 3.24 -14.06 -13.93
N ASP C 248 2.40 -13.98 -14.95
CA ASP C 248 1.59 -12.78 -15.12
C ASP C 248 0.10 -13.09 -15.22
N GLN C 249 -0.69 -12.03 -15.34
CA GLN C 249 -2.15 -12.13 -15.29
C GLN C 249 -2.69 -12.95 -16.46
N VAL C 250 -2.03 -12.88 -17.60
CA VAL C 250 -2.50 -13.59 -18.80
C VAL C 250 -2.28 -15.07 -18.55
N GLU C 251 -1.20 -15.40 -17.85
CA GLU C 251 -1.03 -16.82 -17.54
C GLU C 251 -2.14 -17.38 -16.66
N VAL C 252 -2.55 -16.63 -15.64
CA VAL C 252 -3.74 -16.98 -14.84
C VAL C 252 -4.97 -17.06 -15.76
N GLY C 253 -5.13 -16.10 -16.65
CA GLY C 253 -6.26 -16.15 -17.58
C GLY C 253 -6.37 -17.45 -18.41
N LYS C 254 -5.21 -17.93 -18.88
CA LYS C 254 -5.16 -19.16 -19.67
C LYS C 254 -5.61 -20.37 -18.86
N THR C 255 -5.15 -20.52 -17.62
CA THR C 255 -5.67 -21.58 -16.80
C THR C 255 -7.16 -21.37 -16.45
N ALA C 256 -7.60 -20.11 -16.31
CA ALA C 256 -9.01 -19.78 -16.12
C ALA C 256 -9.85 -20.31 -17.29
N ALA C 257 -9.36 -20.12 -18.52
CA ALA C 257 -10.09 -20.56 -19.71
C ALA C 257 -10.18 -22.09 -19.70
N TYR C 258 -9.13 -22.77 -19.24
CA TYR C 258 -9.18 -24.22 -19.11
C TYR C 258 -10.24 -24.60 -18.07
N LEU C 259 -10.20 -23.96 -16.88
CA LEU C 259 -11.16 -24.29 -15.82
C LEU C 259 -12.63 -23.94 -16.19
N LEU C 260 -12.84 -22.83 -16.89
CA LEU C 260 -14.18 -22.38 -17.24
C LEU C 260 -14.78 -23.10 -18.46
N SER C 261 -13.98 -23.92 -19.13
CA SER C 261 -14.42 -24.55 -20.37
C SER C 261 -14.54 -26.06 -20.19
N ASP C 262 -15.09 -26.69 -21.24
CA ASP C 262 -15.23 -28.13 -21.27
C ASP C 262 -13.90 -28.88 -21.20
N LEU C 263 -12.75 -28.23 -21.41
CA LEU C 263 -11.51 -29.01 -21.32
C LEU C 263 -11.32 -29.62 -19.94
N SER C 264 -11.88 -28.95 -18.94
CA SER C 264 -11.65 -29.40 -17.59
C SER C 264 -12.88 -30.15 -17.04
N SER C 265 -13.64 -30.80 -17.90
N SER C 265 -13.67 -30.74 -17.93
CA SER C 265 -14.95 -31.40 -17.51
CA SER C 265 -14.72 -31.66 -17.48
C SER C 265 -14.91 -32.41 -16.34
C SER C 265 -14.09 -32.77 -16.64
N GLY C 266 -13.80 -33.12 -16.14
N GLY C 266 -14.77 -33.13 -15.54
CA GLY C 266 -13.69 -34.07 -15.04
CA GLY C 266 -14.21 -34.10 -14.60
C GLY C 266 -13.07 -33.53 -13.76
C GLY C 266 -13.43 -33.48 -13.46
N VAL C 267 -13.04 -32.20 -13.62
CA VAL C 267 -12.18 -31.55 -12.63
C VAL C 267 -12.98 -30.57 -11.79
N THR C 268 -13.07 -30.86 -10.49
CA THR C 268 -13.81 -30.05 -9.54
C THR C 268 -13.24 -30.21 -8.13
N GLY C 269 -13.37 -29.17 -7.31
CA GLY C 269 -12.76 -29.15 -5.96
C GLY C 269 -11.22 -29.07 -6.05
N GLU C 270 -10.67 -28.69 -7.20
CA GLU C 270 -9.22 -28.66 -7.41
C GLU C 270 -8.67 -27.23 -7.19
N ASN C 271 -7.39 -27.15 -6.81
CA ASN C 271 -6.64 -25.91 -6.70
C ASN C 271 -5.39 -26.06 -7.57
N ILE C 272 -5.41 -25.37 -8.71
CA ILE C 272 -4.30 -25.33 -9.65
C ILE C 272 -3.33 -24.15 -9.41
N HIS C 273 -2.07 -24.47 -9.13
CA HIS C 273 -1.08 -23.46 -8.79
C HIS C 273 -0.48 -22.94 -10.11
N VAL C 274 -0.69 -21.65 -10.38
CA VAL C 274 -0.10 -21.03 -11.56
C VAL C 274 0.99 -20.09 -11.00
N ASP C 275 2.15 -20.67 -10.68
CA ASP C 275 3.09 -20.00 -9.79
C ASP C 275 4.54 -20.41 -10.09
N SER C 276 4.78 -20.78 -11.35
CA SER C 276 6.13 -21.19 -11.72
C SER C 276 6.69 -22.40 -10.98
N GLY C 277 5.80 -23.14 -10.35
CA GLY C 277 6.22 -24.37 -9.66
C GLY C 277 6.57 -24.15 -8.21
N PHE C 278 6.36 -22.96 -7.67
CA PHE C 278 6.92 -22.63 -6.36
C PHE C 278 6.28 -23.44 -5.26
N HIS C 279 4.98 -23.72 -5.40
CA HIS C 279 4.26 -24.60 -4.44
C HIS C 279 4.91 -25.98 -4.23
N ALA C 280 5.67 -26.46 -5.20
CA ALA C 280 6.11 -27.87 -5.14
C ALA C 280 7.45 -28.01 -4.43
N ILE C 281 8.09 -26.90 -4.04
CA ILE C 281 9.46 -26.92 -3.58
C ILE C 281 9.52 -26.42 -2.15
N LYS C 282 10.51 -26.85 -1.39
CA LYS C 282 10.77 -26.27 -0.09
C LYS C 282 12.25 -25.95 0.01
N VAL D 28 4.30 -36.38 29.56
CA VAL D 28 4.87 -37.24 30.67
C VAL D 28 4.55 -36.59 32.03
N ASN D 29 5.47 -36.52 33.00
CA ASN D 29 5.11 -35.87 34.29
C ASN D 29 4.94 -34.33 34.28
N LEU D 30 3.76 -33.86 34.71
CA LEU D 30 3.46 -32.43 34.63
C LEU D 30 3.21 -31.71 35.95
N GLU D 31 3.71 -32.24 37.06
CA GLU D 31 3.69 -31.52 38.33
C GLU D 31 4.33 -30.15 38.14
N ASN D 32 3.82 -29.14 38.84
CA ASN D 32 4.27 -27.76 38.67
C ASN D 32 4.08 -27.17 37.26
N LYS D 33 3.23 -27.82 36.47
CA LYS D 33 2.71 -27.22 35.25
C LYS D 33 1.29 -26.73 35.47
N THR D 34 0.88 -25.71 34.72
CA THR D 34 -0.47 -25.14 34.86
C THR D 34 -1.09 -24.91 33.51
N TYR D 35 -2.29 -25.43 33.29
CA TYR D 35 -2.89 -25.35 31.93
C TYR D 35 -4.31 -24.87 32.02
N VAL D 36 -4.73 -24.06 31.04
CA VAL D 36 -6.08 -23.53 30.99
C VAL D 36 -6.80 -24.37 29.94
N ILE D 37 -7.94 -24.93 30.34
CA ILE D 37 -8.72 -25.74 29.45
C ILE D 37 -10.05 -25.04 29.18
N MET D 38 -10.31 -24.78 27.90
CA MET D 38 -11.51 -24.04 27.51
C MET D 38 -12.46 -24.97 26.75
N GLY D 39 -13.71 -24.99 27.16
CA GLY D 39 -14.74 -25.70 26.41
C GLY D 39 -15.23 -27.02 26.97
N ILE D 40 -15.19 -27.20 28.29
CA ILE D 40 -15.95 -28.27 28.92
C ILE D 40 -17.40 -27.86 29.20
N ALA D 41 -18.31 -28.66 28.65
CA ALA D 41 -19.75 -28.49 28.79
C ALA D 41 -20.32 -29.61 29.65
N ASN D 42 -19.75 -30.81 29.54
CA ASN D 42 -20.25 -31.98 30.28
C ASN D 42 -19.29 -33.18 30.31
N LYS D 43 -19.73 -34.30 30.88
CA LYS D 43 -18.83 -35.44 31.04
C LYS D 43 -18.23 -35.90 29.71
N ARG D 44 -18.98 -35.71 28.62
CA ARG D 44 -18.56 -36.17 27.29
C ARG D 44 -17.66 -35.22 26.50
N SER D 45 -17.48 -33.99 26.99
CA SER D 45 -16.67 -33.05 26.27
C SER D 45 -15.27 -33.59 26.02
N ILE D 46 -14.74 -33.32 24.82
CA ILE D 46 -13.37 -33.73 24.51
C ILE D 46 -12.45 -33.11 25.55
N ALA D 47 -12.77 -31.88 25.95
CA ALA D 47 -11.95 -31.18 26.92
C ALA D 47 -11.92 -31.85 28.29
N PHE D 48 -12.95 -32.62 28.64
CA PHE D 48 -12.89 -33.28 29.93
C PHE D 48 -11.98 -34.51 29.85
N GLY D 49 -11.86 -35.05 28.64
CA GLY D 49 -10.90 -36.11 28.38
C GLY D 49 -9.48 -35.58 28.52
N VAL D 50 -9.24 -34.39 27.95
CA VAL D 50 -7.98 -33.69 28.16
C VAL D 50 -7.73 -33.47 29.65
N ALA D 51 -8.75 -33.01 30.37
CA ALA D 51 -8.56 -32.65 31.73
C ALA D 51 -8.18 -33.90 32.54
N LYS D 52 -8.84 -35.02 32.28
CA LYS D 52 -8.58 -36.19 33.15
C LYS D 52 -7.13 -36.64 32.91
N VAL D 53 -6.66 -36.55 31.66
CA VAL D 53 -5.29 -36.99 31.43
C VAL D 53 -4.25 -36.05 32.09
N LEU D 54 -4.41 -34.73 31.90
CA LEU D 54 -3.52 -33.74 32.51
C LEU D 54 -3.59 -33.84 34.03
N ASP D 55 -4.79 -34.04 34.55
CA ASP D 55 -4.97 -34.18 36.04
C ASP D 55 -4.21 -35.39 36.56
N GLN D 56 -4.48 -36.51 35.92
CA GLN D 56 -3.82 -37.73 36.30
C GLN D 56 -2.28 -37.61 36.18
N LEU D 57 -1.78 -36.70 35.35
CA LEU D 57 -0.33 -36.49 35.20
C LEU D 57 0.28 -35.41 36.11
N GLY D 58 -0.52 -34.78 36.95
CA GLY D 58 0.01 -33.95 38.04
C GLY D 58 -0.17 -32.47 37.82
N ALA D 59 -0.71 -32.07 36.66
CA ALA D 59 -0.96 -30.67 36.31
C ALA D 59 -1.96 -29.95 37.24
N LYS D 60 -1.71 -28.68 37.56
CA LYS D 60 -2.76 -27.76 38.03
C LYS D 60 -3.60 -27.27 36.84
N LEU D 61 -4.92 -27.26 36.97
CA LEU D 61 -5.76 -27.00 35.79
C LEU D 61 -6.64 -25.76 36.05
N VAL D 62 -6.89 -24.96 35.02
CA VAL D 62 -7.86 -23.87 35.14
C VAL D 62 -8.88 -24.10 34.04
N PHE D 63 -10.14 -23.78 34.31
CA PHE D 63 -11.20 -24.08 33.36
C PHE D 63 -11.97 -22.82 32.97
N THR D 64 -12.31 -22.70 31.70
CA THR D 64 -13.16 -21.59 31.31
C THR D 64 -14.44 -22.16 30.70
N TYR D 65 -15.54 -21.47 30.92
CA TYR D 65 -16.83 -21.94 30.44
C TYR D 65 -17.61 -20.75 29.92
N ARG D 66 -18.55 -20.99 29.02
CA ARG D 66 -19.45 -19.93 28.55
C ARG D 66 -20.70 -19.82 29.41
N LYS D 67 -21.48 -20.88 29.51
CA LYS D 67 -22.83 -20.71 30.03
C LYS D 67 -22.92 -21.25 31.47
N GLU D 68 -23.94 -20.87 32.20
CA GLU D 68 -23.99 -21.29 33.60
C GLU D 68 -24.02 -22.80 33.80
N ARG D 69 -24.85 -23.47 33.01
CA ARG D 69 -24.95 -24.93 33.07
CA ARG D 69 -24.95 -24.93 33.05
C ARG D 69 -23.56 -25.57 33.00
N SER D 70 -22.72 -25.11 32.09
CA SER D 70 -21.38 -25.69 32.02
C SER D 70 -20.56 -25.49 33.32
N ARG D 71 -20.77 -24.37 34.03
CA ARG D 71 -20.19 -24.18 35.36
C ARG D 71 -20.63 -25.25 36.36
N LYS D 72 -21.91 -25.29 36.76
CA LYS D 72 -22.39 -26.32 37.70
C LYS D 72 -21.82 -27.70 37.34
N GLU D 73 -22.00 -28.11 36.08
CA GLU D 73 -21.47 -29.33 35.53
C GLU D 73 -19.98 -29.52 35.86
N LEU D 74 -19.19 -28.50 35.58
CA LEU D 74 -17.77 -28.53 35.85
C LEU D 74 -17.59 -28.76 37.34
N GLU D 75 -18.37 -28.10 38.17
CA GLU D 75 -18.20 -28.29 39.60
C GLU D 75 -18.44 -29.74 40.00
N LYS D 76 -19.46 -30.38 39.43
CA LYS D 76 -19.66 -31.82 39.63
C LYS D 76 -18.50 -32.65 39.07
N LEU D 77 -18.13 -32.41 37.80
CA LEU D 77 -17.01 -33.15 37.21
C LEU D 77 -15.69 -33.02 37.95
N LEU D 78 -15.42 -31.86 38.55
CA LEU D 78 -14.19 -31.65 39.31
C LEU D 78 -14.03 -32.56 40.53
N GLU D 79 -15.12 -33.12 41.03
CA GLU D 79 -15.05 -34.04 42.15
C GLU D 79 -14.27 -35.31 41.80
N GLN D 80 -14.31 -35.70 40.52
CA GLN D 80 -13.53 -36.81 40.00
C GLN D 80 -12.08 -36.48 39.68
N LEU D 81 -11.56 -35.34 40.07
CA LEU D 81 -10.23 -34.97 39.58
C LEU D 81 -9.42 -34.71 40.82
N ASN D 82 -8.11 -34.56 40.74
CA ASN D 82 -7.41 -34.44 42.02
C ASN D 82 -7.07 -32.98 42.31
N GLN D 83 -7.61 -32.09 41.50
CA GLN D 83 -7.45 -30.66 41.70
C GLN D 83 -7.85 -30.29 43.11
N PRO D 84 -6.91 -29.80 43.94
CA PRO D 84 -7.44 -29.54 45.26
C PRO D 84 -8.23 -28.24 45.25
N GLU D 85 -8.33 -27.57 44.10
CA GLU D 85 -9.23 -26.41 44.09
C GLU D 85 -9.71 -25.92 42.74
N ALA D 86 -10.89 -25.30 42.81
CA ALA D 86 -11.75 -25.05 41.68
C ALA D 86 -11.40 -23.69 41.08
N HIS D 87 -10.65 -23.71 39.99
CA HIS D 87 -10.33 -22.49 39.27
C HIS D 87 -11.21 -22.40 38.03
N LEU D 88 -12.31 -21.66 38.13
CA LEU D 88 -13.32 -21.55 37.06
C LEU D 88 -13.59 -20.11 36.64
N TYR D 89 -13.45 -19.82 35.35
CA TYR D 89 -13.64 -18.47 34.83
C TYR D 89 -14.66 -18.50 33.69
N GLN D 90 -15.65 -17.63 33.75
CA GLN D 90 -16.58 -17.47 32.63
C GLN D 90 -15.95 -16.63 31.54
N ILE D 91 -15.84 -17.19 30.35
CA ILE D 91 -15.28 -16.48 29.21
C ILE D 91 -16.07 -16.90 28.00
N ASP D 92 -16.77 -15.93 27.42
CA ASP D 92 -17.39 -16.07 26.12
C ASP D 92 -16.48 -15.45 25.05
N VAL D 93 -15.98 -16.29 24.15
CA VAL D 93 -14.90 -15.89 23.24
C VAL D 93 -15.43 -14.97 22.15
N GLN D 94 -16.72 -14.70 22.17
CA GLN D 94 -17.25 -13.66 21.30
C GLN D 94 -16.93 -12.25 21.81
N SER D 95 -16.61 -12.15 23.10
CA SER D 95 -16.29 -10.87 23.70
C SER D 95 -14.79 -10.71 23.93
N ASP D 96 -14.15 -9.78 23.23
CA ASP D 96 -12.78 -9.42 23.57
C ASP D 96 -12.57 -9.16 25.07
N GLU D 97 -13.44 -8.32 25.64
CA GLU D 97 -13.32 -7.95 27.04
C GLU D 97 -13.27 -9.17 27.94
N GLU D 98 -14.15 -10.14 27.70
CA GLU D 98 -14.18 -11.32 28.56
C GLU D 98 -12.91 -12.17 28.42
N VAL D 99 -12.36 -12.25 27.21
CA VAL D 99 -11.16 -13.04 26.98
C VAL D 99 -10.00 -12.32 27.68
N ILE D 100 -9.85 -11.01 27.39
CA ILE D 100 -8.81 -10.17 27.97
C ILE D 100 -8.87 -10.21 29.53
N ASN D 101 -10.03 -9.94 30.12
CA ASN D 101 -10.16 -9.87 31.57
C ASN D 101 -10.00 -11.23 32.24
N GLY D 102 -10.55 -12.25 31.59
CA GLY D 102 -10.52 -13.63 32.11
C GLY D 102 -9.08 -14.15 32.27
N PHE D 103 -8.29 -13.93 31.23
CA PHE D 103 -6.88 -14.28 31.27
C PHE D 103 -6.07 -13.41 32.24
N GLU D 104 -6.35 -12.11 32.27
CA GLU D 104 -5.75 -11.23 33.27
C GLU D 104 -6.01 -11.79 34.68
N GLN D 105 -7.24 -12.17 34.96
CA GLN D 105 -7.57 -12.68 36.28
C GLN D 105 -6.86 -14.01 36.60
N ILE D 106 -6.82 -14.90 35.62
CA ILE D 106 -6.14 -16.20 35.74
C ILE D 106 -4.69 -15.97 36.16
N GLY D 107 -4.05 -15.00 35.51
CA GLY D 107 -2.71 -14.53 35.87
C GLY D 107 -2.57 -14.14 37.34
N LYS D 108 -3.50 -13.33 37.83
CA LYS D 108 -3.50 -12.92 39.24
C LYS D 108 -3.76 -14.07 40.19
N ASP D 109 -4.60 -15.01 39.80
CA ASP D 109 -5.05 -16.04 40.75
C ASP D 109 -4.07 -17.20 40.88
N VAL D 110 -3.32 -17.42 39.79
CA VAL D 110 -2.62 -18.67 39.60
C VAL D 110 -1.18 -18.48 39.08
N GLY D 111 -0.85 -17.32 38.53
CA GLY D 111 0.52 -17.03 38.11
C GLY D 111 0.67 -17.35 36.64
N ASN D 112 1.92 -17.49 36.18
CA ASN D 112 2.21 -17.88 34.81
C ASN D 112 1.73 -19.29 34.52
N ILE D 113 1.35 -19.53 33.27
CA ILE D 113 0.83 -20.83 32.85
C ILE D 113 1.69 -21.42 31.73
N ASP D 114 1.51 -22.71 31.48
CA ASP D 114 2.39 -23.43 30.53
C ASP D 114 1.71 -23.79 29.24
N GLY D 115 0.37 -23.64 29.17
CA GLY D 115 -0.30 -23.75 27.89
C GLY D 115 -1.81 -23.65 28.01
N VAL D 116 -2.48 -23.74 26.86
CA VAL D 116 -3.94 -23.58 26.73
C VAL D 116 -4.42 -24.69 25.85
N TYR D 117 -5.43 -25.42 26.32
CA TYR D 117 -6.15 -26.31 25.44
C TYR D 117 -7.47 -25.63 24.97
N HIS D 118 -7.60 -25.42 23.67
CA HIS D 118 -8.79 -24.74 23.12
C HIS D 118 -9.70 -25.81 22.56
N SER D 119 -10.90 -25.92 23.12
CA SER D 119 -11.86 -26.93 22.68
C SER D 119 -13.24 -26.27 22.43
N ILE D 120 -13.24 -25.23 21.59
CA ILE D 120 -14.43 -24.37 21.44
C ILE D 120 -14.81 -24.24 19.95
N ALA D 121 -16.08 -24.48 19.66
CA ALA D 121 -16.55 -24.30 18.27
C ALA D 121 -18.06 -24.08 18.32
N PHE D 122 -18.61 -23.45 17.30
CA PHE D 122 -20.06 -23.28 17.24
C PHE D 122 -20.50 -22.99 15.81
N ALA D 123 -21.66 -23.50 15.42
CA ALA D 123 -22.36 -23.06 14.21
C ALA D 123 -23.84 -23.31 14.43
N ASN D 124 -24.70 -22.54 13.77
CA ASN D 124 -26.16 -22.78 13.96
C ASN D 124 -26.48 -24.11 13.30
N MET D 125 -27.37 -24.83 13.95
CA MET D 125 -27.81 -26.12 13.49
C MET D 125 -28.38 -26.11 12.07
N GLU D 126 -29.14 -25.07 11.73
CA GLU D 126 -29.73 -25.02 10.40
C GLU D 126 -28.65 -25.03 9.34
N ASP D 127 -27.45 -24.61 9.71
CA ASP D 127 -26.35 -24.61 8.78
C ASP D 127 -25.68 -25.99 8.70
N LEU D 128 -25.93 -26.92 9.63
CA LEU D 128 -25.15 -28.17 9.64
C LEU D 128 -25.75 -29.38 8.92
N ARG D 129 -26.40 -29.09 7.81
CA ARG D 129 -27.19 -30.06 7.03
C ARG D 129 -27.55 -29.47 5.65
N GLY D 130 -28.41 -30.15 4.90
CA GLY D 130 -28.81 -29.67 3.58
C GLY D 130 -27.65 -29.08 2.80
N ARG D 131 -27.82 -27.86 2.29
CA ARG D 131 -26.93 -27.38 1.23
C ARG D 131 -25.97 -26.27 1.70
N PHE D 132 -24.67 -26.55 1.62
CA PHE D 132 -23.68 -25.58 2.05
C PHE D 132 -23.88 -24.24 1.32
N SER D 133 -24.24 -24.30 0.04
CA SER D 133 -24.37 -23.08 -0.76
C SER D 133 -25.53 -22.20 -0.27
N GLU D 134 -26.31 -22.70 0.67
CA GLU D 134 -27.42 -21.89 1.21
C GLU D 134 -27.05 -21.24 2.54
N THR D 135 -25.83 -21.47 3.04
CA THR D 135 -25.38 -20.83 4.28
C THR D 135 -25.54 -19.28 4.27
N SER D 136 -26.13 -18.75 5.35
CA SER D 136 -26.24 -17.31 5.56
C SER D 136 -24.92 -16.67 5.98
N ARG D 137 -24.83 -15.36 5.71
CA ARG D 137 -23.62 -14.60 5.96
C ARG D 137 -23.40 -14.60 7.46
N GLU D 138 -24.50 -14.34 8.18
CA GLU D 138 -24.49 -14.30 9.64
CA GLU D 138 -24.46 -14.30 9.65
C GLU D 138 -24.00 -15.64 10.22
N GLY D 139 -24.51 -16.75 9.69
CA GLY D 139 -24.06 -18.05 10.23
C GLY D 139 -22.62 -18.41 9.85
N PHE D 140 -22.22 -18.05 8.65
CA PHE D 140 -20.85 -18.30 8.23
C PHE D 140 -19.89 -17.47 9.08
N LEU D 141 -20.27 -16.23 9.36
CA LEU D 141 -19.37 -15.36 10.12
C LEU D 141 -19.33 -15.74 11.61
N LEU D 142 -20.47 -16.17 12.15
CA LEU D 142 -20.53 -16.66 13.53
C LEU D 142 -19.60 -17.87 13.77
N ALA D 143 -19.71 -18.88 12.92
CA ALA D 143 -18.83 -20.03 13.02
C ALA D 143 -17.35 -19.62 12.90
N GLN D 144 -16.99 -18.69 12.02
CA GLN D 144 -15.62 -18.15 11.99
C GLN D 144 -15.13 -17.50 13.29
N ASP D 145 -15.99 -16.64 13.81
CA ASP D 145 -15.76 -15.88 15.05
C ASP D 145 -15.43 -16.85 16.21
N ILE D 146 -16.39 -17.72 16.50
CA ILE D 146 -16.25 -18.61 17.61
C ILE D 146 -15.21 -19.72 17.39
N SER D 147 -15.16 -20.27 16.18
CA SER D 147 -14.40 -21.51 15.94
C SER D 147 -12.96 -21.29 15.43
N SER D 148 -12.64 -20.07 15.00
CA SER D 148 -11.34 -19.78 14.50
C SER D 148 -10.75 -18.51 15.13
N TYR D 149 -11.42 -17.37 14.94
CA TYR D 149 -10.86 -16.14 15.50
C TYR D 149 -10.62 -16.25 17.03
N SER D 150 -11.51 -16.93 17.76
CA SER D 150 -11.28 -17.15 19.21
C SER D 150 -9.86 -17.64 19.53
N LEU D 151 -9.26 -18.47 18.68
CA LEU D 151 -7.90 -18.93 18.94
C LEU D 151 -6.89 -17.77 18.89
N THR D 152 -7.04 -16.88 17.91
CA THR D 152 -6.15 -15.73 17.75
C THR D 152 -6.09 -14.85 19.01
N ILE D 153 -7.26 -14.48 19.53
CA ILE D 153 -7.33 -13.59 20.68
C ILE D 153 -6.93 -14.33 21.95
N VAL D 154 -7.36 -15.58 22.09
CA VAL D 154 -6.88 -16.38 23.21
C VAL D 154 -5.34 -16.50 23.25
N ALA D 155 -4.73 -16.75 22.09
CA ALA D 155 -3.26 -16.81 21.99
C ALA D 155 -2.59 -15.50 22.40
N HIS D 156 -3.12 -14.38 21.93
CA HIS D 156 -2.63 -13.05 22.30
C HIS D 156 -2.65 -12.79 23.80
N GLU D 157 -3.73 -13.18 24.49
CA GLU D 157 -3.83 -12.84 25.91
C GLU D 157 -3.05 -13.82 26.74
N ALA D 158 -3.09 -15.10 26.32
CA ALA D 158 -2.40 -16.18 27.01
C ALA D 158 -0.90 -16.04 26.92
N LYS D 159 -0.41 -15.50 25.80
CA LYS D 159 1.01 -15.18 25.66
C LYS D 159 1.54 -14.35 26.84
N LYS D 160 0.72 -13.45 27.37
CA LYS D 160 1.13 -12.58 28.48
C LYS D 160 1.48 -13.38 29.72
N LEU D 161 0.84 -14.54 29.87
CA LEU D 161 1.17 -15.47 30.95
C LEU D 161 2.22 -16.52 30.58
N MET D 162 2.88 -16.34 29.44
CA MET D 162 3.90 -17.31 29.03
C MET D 162 5.24 -16.65 28.67
N PRO D 163 5.84 -15.93 29.66
CA PRO D 163 7.08 -15.21 29.35
C PRO D 163 8.26 -16.12 28.97
N GLU D 164 8.25 -17.36 29.38
CA GLU D 164 9.36 -18.21 28.98
C GLU D 164 8.91 -19.29 28.02
N GLY D 165 7.79 -19.05 27.35
CA GLY D 165 7.23 -20.00 26.40
C GLY D 165 6.15 -20.94 26.92
N GLY D 166 5.69 -21.83 26.04
CA GLY D 166 4.49 -22.57 26.33
C GLY D 166 3.94 -23.25 25.10
N SER D 167 2.72 -23.75 25.25
CA SER D 167 2.13 -24.57 24.21
C SER D 167 0.64 -24.31 24.14
N ILE D 168 0.10 -24.19 22.94
CA ILE D 168 -1.33 -23.98 22.73
C ILE D 168 -1.88 -25.01 21.76
N VAL D 169 -2.94 -25.73 22.14
CA VAL D 169 -3.49 -26.79 21.28
C VAL D 169 -4.96 -26.48 20.99
N ALA D 170 -5.35 -26.49 19.71
CA ALA D 170 -6.76 -26.40 19.34
C ALA D 170 -7.26 -27.73 18.78
N THR D 171 -8.58 -27.92 18.79
CA THR D 171 -9.20 -29.14 18.29
C THR D 171 -9.87 -28.90 16.94
N THR D 172 -9.58 -29.76 15.99
CA THR D 172 -10.15 -29.65 14.66
C THR D 172 -10.72 -31.03 14.24
N TYR D 173 -11.27 -31.09 13.04
CA TYR D 173 -11.78 -32.31 12.48
C TYR D 173 -11.33 -32.36 11.01
N LEU D 174 -11.21 -33.57 10.48
CA LEU D 174 -10.84 -33.79 9.06
C LEU D 174 -11.68 -33.02 8.06
N GLY D 175 -12.92 -32.71 8.43
CA GLY D 175 -13.75 -31.77 7.64
C GLY D 175 -13.11 -30.43 7.27
N GLY D 176 -12.07 -30.02 7.97
CA GLY D 176 -11.35 -28.79 7.59
C GLY D 176 -10.39 -29.01 6.43
N GLU D 177 -10.12 -30.27 6.08
CA GLU D 177 -9.10 -30.64 5.10
C GLU D 177 -9.76 -31.19 3.85
N PHE D 178 -10.91 -31.86 4.01
CA PHE D 178 -11.72 -32.35 2.92
C PHE D 178 -13.17 -31.96 3.09
N ALA D 179 -13.92 -31.90 2.00
CA ALA D 179 -15.37 -31.69 2.16
C ALA D 179 -16.08 -32.97 2.63
N VAL D 180 -16.65 -32.91 3.85
CA VAL D 180 -17.41 -34.00 4.45
C VAL D 180 -18.89 -33.60 4.43
N GLN D 181 -19.72 -34.36 3.73
CA GLN D 181 -21.17 -34.15 3.66
C GLN D 181 -21.78 -33.77 5.05
N ASN D 182 -22.54 -32.67 5.09
CA ASN D 182 -23.18 -32.17 6.31
C ASN D 182 -22.34 -31.25 7.20
N TYR D 183 -21.02 -31.43 7.22
CA TYR D 183 -20.18 -30.63 8.10
C TYR D 183 -20.17 -29.17 7.64
N ASN D 184 -20.34 -28.97 6.33
CA ASN D 184 -20.66 -27.68 5.73
C ASN D 184 -19.93 -26.48 6.33
N VAL D 185 -20.65 -25.50 6.87
CA VAL D 185 -20.00 -24.25 7.33
C VAL D 185 -18.90 -24.56 8.38
N MET D 186 -19.04 -25.62 9.18
CA MET D 186 -18.02 -25.91 10.16
C MET D 186 -16.73 -26.38 9.51
N GLY D 187 -16.81 -27.00 8.33
CA GLY D 187 -15.58 -27.41 7.63
C GLY D 187 -14.74 -26.22 7.17
N VAL D 188 -15.41 -25.15 6.73
CA VAL D 188 -14.74 -23.89 6.35
C VAL D 188 -14.22 -23.19 7.63
N ALA D 189 -14.97 -23.19 8.73
CA ALA D 189 -14.42 -22.70 9.97
C ALA D 189 -13.19 -23.49 10.39
N LYS D 190 -13.19 -24.83 10.26
CA LYS D 190 -12.03 -25.62 10.70
C LYS D 190 -10.79 -25.40 9.86
N ALA D 191 -10.98 -25.23 8.56
CA ALA D 191 -9.93 -24.90 7.63
C ALA D 191 -9.31 -23.55 8.01
N SER D 192 -10.19 -22.57 8.25
CA SER D 192 -9.75 -21.31 8.83
C SER D 192 -8.95 -21.57 10.14
N LEU D 193 -9.45 -22.40 11.04
CA LEU D 193 -8.73 -22.65 12.30
C LEU D 193 -7.33 -23.28 12.11
N GLU D 194 -7.26 -24.27 11.23
CA GLU D 194 -5.99 -24.93 10.94
C GLU D 194 -4.94 -23.98 10.36
N ALA D 195 -5.35 -23.06 9.49
CA ALA D 195 -4.45 -21.97 9.04
C ALA D 195 -4.13 -20.97 10.14
N ASN D 196 -5.10 -20.68 11.02
CA ASN D 196 -4.86 -19.86 12.20
C ASN D 196 -3.69 -20.44 13.00
N VAL D 197 -3.76 -21.75 13.22
CA VAL D 197 -2.76 -22.47 13.99
C VAL D 197 -1.35 -22.29 13.39
N LYS D 198 -1.25 -22.41 12.06
CA LYS D 198 0.03 -22.23 11.37
C LYS D 198 0.55 -20.77 11.45
N TYR D 199 -0.32 -19.78 11.25
CA TYR D 199 0.08 -18.37 11.35
C TYR D 199 0.47 -18.00 12.77
N LEU D 200 -0.22 -18.55 13.76
CA LEU D 200 0.21 -18.31 15.16
C LEU D 200 1.51 -19.04 15.49
N ALA D 201 1.72 -20.22 14.93
CA ALA D 201 3.00 -20.90 15.18
C ALA D 201 4.12 -20.05 14.63
N LEU D 202 3.96 -19.53 13.40
CA LEU D 202 5.00 -18.69 12.80
C LEU D 202 5.23 -17.43 13.67
N ASP D 203 4.15 -16.76 14.09
CA ASP D 203 4.25 -15.50 14.86
C ASP D 203 4.85 -15.68 16.26
N LEU D 204 4.38 -16.70 16.98
CA LEU D 204 4.69 -16.88 18.40
C LEU D 204 5.94 -17.74 18.65
N GLY D 205 6.40 -18.42 17.61
CA GLY D 205 7.58 -19.30 17.68
C GLY D 205 8.80 -18.63 18.30
N PRO D 206 9.09 -17.37 17.91
CA PRO D 206 10.24 -16.71 18.51
C PRO D 206 10.08 -16.44 20.00
N ASP D 207 8.86 -16.50 20.49
CA ASP D 207 8.59 -16.36 21.92
C ASP D 207 8.60 -17.70 22.64
N ASN D 208 8.96 -18.75 21.89
CA ASN D 208 8.93 -20.13 22.40
C ASN D 208 7.53 -20.59 22.75
N ILE D 209 6.55 -20.14 21.99
CA ILE D 209 5.20 -20.65 22.18
C ILE D 209 4.87 -21.47 20.96
N ARG D 210 4.59 -22.74 21.22
CA ARG D 210 4.24 -23.69 20.17
C ARG D 210 2.72 -23.68 20.04
N VAL D 211 2.20 -23.86 18.82
CA VAL D 211 0.75 -23.85 18.58
C VAL D 211 0.49 -25.02 17.65
N ASN D 212 -0.37 -25.95 18.04
CA ASN D 212 -0.62 -27.16 17.23
C ASN D 212 -2.14 -27.46 17.27
N ALA D 213 -2.60 -28.41 16.46
CA ALA D 213 -4.01 -28.85 16.44
C ALA D 213 -4.03 -30.36 16.65
N ILE D 214 -5.13 -30.85 17.22
CA ILE D 214 -5.44 -32.28 17.24
C ILE D 214 -6.68 -32.43 16.38
N SER D 215 -6.55 -33.16 15.27
CA SER D 215 -7.70 -33.50 14.44
C SER D 215 -8.32 -34.79 14.97
N ALA D 216 -9.32 -34.64 15.84
CA ALA D 216 -9.95 -35.79 16.50
C ALA D 216 -10.89 -36.46 15.51
N GLY D 217 -10.98 -37.79 15.61
CA GLY D 217 -12.04 -38.54 14.96
C GLY D 217 -13.41 -38.24 15.58
N PRO D 218 -14.48 -38.70 14.94
CA PRO D 218 -15.82 -38.50 15.53
C PRO D 218 -15.97 -39.15 16.88
N ILE D 219 -16.55 -38.38 17.81
CA ILE D 219 -16.72 -38.74 19.19
C ILE D 219 -18.10 -38.19 19.60
N ARG D 220 -18.81 -39.04 20.35
CA ARG D 220 -20.16 -38.73 20.78
CA ARG D 220 -20.16 -38.75 20.80
C ARG D 220 -20.16 -37.69 21.92
N THR D 221 -20.40 -36.44 21.53
CA THR D 221 -20.45 -35.29 22.45
C THR D 221 -21.75 -34.48 22.34
N LEU D 222 -22.02 -33.61 23.32
CA LEU D 222 -23.11 -32.63 23.18
C LEU D 222 -23.13 -31.92 21.81
N SER D 223 -21.98 -31.44 21.32
CA SER D 223 -21.97 -30.76 20.02
C SER D 223 -22.20 -31.71 18.84
N ALA D 224 -21.74 -32.95 18.95
CA ALA D 224 -22.00 -33.95 17.90
C ALA D 224 -23.51 -34.14 17.62
N LYS D 225 -24.37 -33.83 18.57
CA LYS D 225 -25.81 -33.98 18.35
C LYS D 225 -26.34 -33.06 17.25
N GLY D 226 -25.67 -31.93 17.04
CA GLY D 226 -26.07 -30.96 16.05
C GLY D 226 -25.68 -31.23 14.59
N VAL D 227 -24.83 -32.23 14.36
CA VAL D 227 -24.30 -32.46 13.02
C VAL D 227 -25.08 -33.53 12.27
N GLY D 228 -25.67 -33.17 11.13
CA GLY D 228 -26.35 -34.17 10.30
C GLY D 228 -25.47 -35.37 9.98
N GLY D 229 -26.00 -36.57 10.19
CA GLY D 229 -25.35 -37.77 9.67
C GLY D 229 -24.20 -38.27 10.50
N PHE D 230 -24.10 -37.79 11.75
CA PHE D 230 -23.03 -38.23 12.66
C PHE D 230 -22.99 -39.76 12.81
N ASN D 231 -24.13 -40.41 13.02
CA ASN D 231 -24.11 -41.84 13.33
C ASN D 231 -23.54 -42.65 12.18
N THR D 232 -23.88 -42.24 10.97
CA THR D 232 -23.40 -42.90 9.76
C THR D 232 -21.87 -42.85 9.72
N ILE D 233 -21.31 -41.68 10.03
CA ILE D 233 -19.87 -41.49 10.02
C ILE D 233 -19.16 -42.37 11.07
N LEU D 234 -19.69 -42.48 12.28
CA LEU D 234 -19.12 -43.35 13.31
C LEU D 234 -18.94 -44.81 12.89
N LYS D 235 -20.01 -45.36 12.33
CA LYS D 235 -19.99 -46.68 11.69
C LYS D 235 -18.96 -46.80 10.58
N GLU D 236 -18.92 -45.84 9.66
CA GLU D 236 -17.92 -45.87 8.58
C GLU D 236 -16.48 -45.96 9.14
N ILE D 237 -16.18 -45.24 10.22
CA ILE D 237 -14.86 -45.30 10.83
C ILE D 237 -14.55 -46.74 11.21
N GLU D 238 -15.51 -47.40 11.86
CA GLU D 238 -15.26 -48.73 12.36
C GLU D 238 -14.99 -49.64 11.20
N GLU D 239 -15.69 -49.45 10.10
CA GLU D 239 -15.56 -50.37 8.98
C GLU D 239 -14.28 -50.13 8.20
N ARG D 240 -13.89 -48.86 8.09
CA ARG D 240 -12.96 -48.42 7.07
CA ARG D 240 -12.95 -48.45 7.07
C ARG D 240 -11.63 -47.92 7.63
N ALA D 241 -11.61 -47.40 8.86
CA ALA D 241 -10.31 -46.87 9.40
C ALA D 241 -9.30 -47.99 9.68
N PRO D 242 -7.98 -47.75 9.49
CA PRO D 242 -6.96 -48.75 9.80
C PRO D 242 -7.16 -49.49 11.13
N LEU D 243 -7.47 -48.76 12.20
CA LEU D 243 -7.64 -49.42 13.47
C LEU D 243 -9.02 -50.07 13.62
N LYS D 244 -9.95 -49.83 12.68
CA LYS D 244 -11.26 -50.56 12.72
C LYS D 244 -11.99 -50.36 14.04
N ARG D 245 -11.82 -49.17 14.60
CA ARG D 245 -12.57 -48.80 15.81
C ARG D 245 -12.58 -47.27 15.84
N ASN D 246 -13.45 -46.71 16.66
CA ASN D 246 -13.44 -45.30 16.97
C ASN D 246 -12.49 -44.91 18.12
N VAL D 247 -12.24 -43.61 18.23
CA VAL D 247 -11.35 -43.07 19.26
C VAL D 247 -12.22 -42.49 20.40
N ASP D 248 -11.67 -42.26 21.59
CA ASP D 248 -12.41 -41.62 22.69
C ASP D 248 -11.70 -40.32 23.15
N GLN D 249 -12.30 -39.65 24.13
CA GLN D 249 -11.81 -38.35 24.57
C GLN D 249 -10.47 -38.47 25.32
N VAL D 250 -10.27 -39.59 26.00
CA VAL D 250 -9.00 -39.87 26.66
C VAL D 250 -7.84 -40.07 25.68
N GLU D 251 -8.10 -40.69 24.52
CA GLU D 251 -7.09 -40.71 23.46
C GLU D 251 -6.71 -39.32 22.96
N VAL D 252 -7.69 -38.44 22.74
CA VAL D 252 -7.33 -37.03 22.46
C VAL D 252 -6.55 -36.44 23.63
N GLY D 253 -7.00 -36.66 24.86
CA GLY D 253 -6.24 -36.17 26.02
C GLY D 253 -4.78 -36.60 26.02
N LYS D 254 -4.49 -37.84 25.67
CA LYS D 254 -3.10 -38.31 25.76
C LYS D 254 -2.24 -37.60 24.76
N THR D 255 -2.79 -37.41 23.55
CA THR D 255 -2.07 -36.67 22.54
C THR D 255 -1.99 -35.18 22.94
N ALA D 256 -2.99 -34.65 23.66
CA ALA D 256 -2.93 -33.28 24.22
C ALA D 256 -1.74 -33.13 25.19
N ALA D 257 -1.55 -34.14 26.02
CA ALA D 257 -0.47 -34.17 27.02
C ALA D 257 0.89 -34.18 26.33
N TYR D 258 1.00 -34.96 25.26
CA TYR D 258 2.23 -34.88 24.48
C TYR D 258 2.43 -33.45 23.96
N LEU D 259 1.39 -32.89 23.35
CA LEU D 259 1.56 -31.62 22.63
C LEU D 259 1.78 -30.49 23.65
N LEU D 260 1.21 -30.64 24.85
CA LEU D 260 1.32 -29.59 25.84
C LEU D 260 2.63 -29.66 26.63
N SER D 261 3.42 -30.72 26.44
CA SER D 261 4.58 -30.96 27.31
C SER D 261 5.87 -30.79 26.51
N ASP D 262 6.99 -30.90 27.22
CA ASP D 262 8.30 -30.87 26.58
C ASP D 262 8.56 -32.09 25.70
N LEU D 263 7.76 -33.16 25.79
CA LEU D 263 7.89 -34.29 24.84
C LEU D 263 7.73 -33.84 23.39
N SER D 264 6.94 -32.79 23.15
CA SER D 264 6.83 -32.28 21.76
C SER D 264 7.64 -31.03 21.46
N SER D 265 8.74 -30.82 22.17
N SER D 265 8.72 -30.79 22.18
CA SER D 265 9.45 -29.52 22.15
CA SER D 265 9.66 -29.76 21.75
C SER D 265 9.85 -29.00 20.77
C SER D 265 10.04 -30.04 20.31
N GLY D 266 10.07 -29.89 19.80
N GLY D 266 10.33 -28.98 19.55
CA GLY D 266 10.48 -29.50 18.43
CA GLY D 266 10.54 -29.15 18.13
C GLY D 266 9.35 -29.37 17.42
C GLY D 266 9.28 -29.22 17.30
N VAL D 267 8.11 -29.51 17.91
CA VAL D 267 6.90 -29.62 17.08
C VAL D 267 5.99 -28.39 17.20
N THR D 268 5.81 -27.70 16.10
CA THR D 268 4.89 -26.57 16.05
C THR D 268 4.23 -26.41 14.69
N GLY D 269 3.03 -25.84 14.63
CA GLY D 269 2.39 -25.66 13.32
C GLY D 269 1.85 -27.01 12.83
N GLU D 270 1.71 -27.98 13.73
CA GLU D 270 1.41 -29.36 13.28
C GLU D 270 -0.08 -29.65 13.51
N ASN D 271 -0.59 -30.62 12.78
CA ASN D 271 -1.97 -31.14 12.97
C ASN D 271 -1.85 -32.66 13.10
N ILE D 272 -2.09 -33.18 14.31
CA ILE D 272 -1.97 -34.60 14.58
C ILE D 272 -3.36 -35.24 14.63
N HIS D 273 -3.57 -36.23 13.78
CA HIS D 273 -4.89 -36.84 13.64
C HIS D 273 -5.01 -37.98 14.63
N VAL D 274 -5.95 -37.81 15.55
CA VAL D 274 -6.18 -38.85 16.54
C VAL D 274 -7.52 -39.47 16.12
N ASP D 275 -7.44 -40.40 15.16
CA ASP D 275 -8.64 -40.77 14.40
C ASP D 275 -8.59 -42.21 13.83
N SER D 276 -7.88 -43.10 14.53
CA SER D 276 -7.71 -44.49 14.06
C SER D 276 -7.13 -44.59 12.64
N GLY D 277 -6.49 -43.53 12.16
CA GLY D 277 -5.85 -43.55 10.82
C GLY D 277 -6.73 -43.23 9.62
N PHE D 278 -7.97 -42.82 9.92
CA PHE D 278 -8.90 -42.50 8.86
C PHE D 278 -8.36 -41.45 7.92
N HIS D 279 -7.65 -40.45 8.42
CA HIS D 279 -7.12 -39.37 7.55
C HIS D 279 -6.27 -39.94 6.41
N ALA D 280 -5.73 -41.13 6.59
CA ALA D 280 -4.63 -41.60 5.72
C ALA D 280 -5.12 -42.50 4.61
N ILE D 281 -6.43 -42.70 4.57
CA ILE D 281 -6.98 -43.65 3.64
C ILE D 281 -8.03 -42.95 2.80
N LYS D 282 -8.30 -43.56 1.67
CA LYS D 282 -9.36 -43.10 0.81
C LYS D 282 -10.06 -44.32 0.20
N ASN E 29 -6.90 36.92 -32.87
CA ASN E 29 -8.06 36.45 -33.65
C ASN E 29 -8.35 34.93 -33.52
N LEU E 30 -9.57 34.58 -33.11
CA LEU E 30 -9.99 33.20 -32.84
C LEU E 30 -10.85 32.49 -33.91
N GLU E 31 -10.78 32.96 -35.15
CA GLU E 31 -11.49 32.27 -36.20
C GLU E 31 -11.03 30.81 -36.29
N ASN E 32 -11.97 29.93 -36.57
CA ASN E 32 -11.66 28.52 -36.76
C ASN E 32 -11.27 27.87 -35.46
N LYS E 33 -11.46 28.61 -34.37
CA LYS E 33 -11.47 28.01 -33.04
C LYS E 33 -12.90 27.72 -32.56
N THR E 34 -13.03 26.79 -31.63
CA THR E 34 -14.33 26.42 -31.09
C THR E 34 -14.17 26.26 -29.60
N TYR E 35 -14.99 26.94 -28.81
CA TYR E 35 -14.95 26.77 -27.35
C TYR E 35 -16.31 26.38 -26.76
N VAL E 36 -16.29 25.67 -25.63
CA VAL E 36 -17.50 25.30 -24.90
C VAL E 36 -17.57 26.17 -23.63
N ILE E 37 -18.70 26.83 -23.48
CA ILE E 37 -18.85 27.75 -22.40
C ILE E 37 -19.96 27.19 -21.53
N MET E 38 -19.58 26.89 -20.30
CA MET E 38 -20.46 26.28 -19.33
C MET E 38 -20.86 27.31 -18.27
N GLY E 39 -22.17 27.54 -18.11
CA GLY E 39 -22.69 28.25 -16.95
C GLY E 39 -23.24 29.65 -17.21
N ILE E 40 -23.67 29.96 -18.43
CA ILE E 40 -24.55 31.13 -18.57
C ILE E 40 -25.97 30.89 -18.05
N ALA E 41 -26.49 31.81 -17.22
CA ALA E 41 -27.91 31.78 -16.75
C ALA E 41 -28.70 32.94 -17.33
N ASN E 42 -28.03 34.07 -17.60
CA ASN E 42 -28.70 35.31 -18.03
C ASN E 42 -27.66 36.34 -18.50
N LYS E 43 -28.10 37.56 -18.83
CA LYS E 43 -27.19 38.55 -19.42
C LYS E 43 -26.11 39.02 -18.45
N ARG E 44 -26.27 38.78 -17.15
CA ARG E 44 -25.27 39.19 -16.20
C ARG E 44 -24.23 38.11 -15.88
N SER E 45 -24.46 36.86 -16.29
CA SER E 45 -23.50 35.81 -16.01
C SER E 45 -22.11 36.25 -16.45
N ILE E 46 -21.12 35.94 -15.62
CA ILE E 46 -19.72 36.11 -16.03
C ILE E 46 -19.43 35.42 -17.36
N ALA E 47 -19.95 34.21 -17.53
CA ALA E 47 -19.72 33.47 -18.78
C ALA E 47 -20.33 34.14 -20.01
N PHE E 48 -21.34 35.01 -19.84
CA PHE E 48 -21.84 35.73 -21.01
C PHE E 48 -20.85 36.84 -21.39
N GLY E 49 -20.11 37.35 -20.41
CA GLY E 49 -19.02 38.29 -20.69
C GLY E 49 -17.95 37.60 -21.53
N VAL E 50 -17.55 36.41 -21.11
CA VAL E 50 -16.67 35.58 -21.90
C VAL E 50 -17.28 35.36 -23.28
N ALA E 51 -18.53 34.88 -23.36
CA ALA E 51 -19.12 34.64 -24.68
C ALA E 51 -19.02 35.85 -25.60
N LYS E 52 -19.45 37.02 -25.15
CA LYS E 52 -19.41 38.22 -26.01
C LYS E 52 -18.01 38.46 -26.53
N VAL E 53 -17.02 38.16 -25.71
CA VAL E 53 -15.68 38.53 -26.14
C VAL E 53 -15.21 37.52 -27.18
N LEU E 54 -15.35 36.23 -26.90
CA LEU E 54 -14.91 35.22 -27.87
C LEU E 54 -15.66 35.38 -29.18
N ASP E 55 -16.95 35.69 -29.07
CA ASP E 55 -17.79 35.80 -30.26
C ASP E 55 -17.29 36.96 -31.11
N GLN E 56 -16.84 38.03 -30.46
CA GLN E 56 -16.36 39.22 -31.10
C GLN E 56 -15.05 38.94 -31.82
N LEU E 57 -14.30 37.97 -31.31
CA LEU E 57 -13.03 37.56 -31.89
C LEU E 57 -13.18 36.42 -32.90
N GLY E 58 -14.41 36.06 -33.19
CA GLY E 58 -14.72 35.11 -34.26
C GLY E 58 -14.73 33.64 -33.84
N ALA E 59 -14.71 33.33 -32.55
CA ALA E 59 -14.79 31.93 -32.16
C ALA E 59 -16.17 31.36 -32.54
N LYS E 60 -16.25 30.09 -32.93
CA LYS E 60 -17.52 29.36 -32.85
C LYS E 60 -17.72 28.94 -31.40
N LEU E 61 -18.92 29.15 -30.85
CA LEU E 61 -19.19 28.81 -29.46
C LEU E 61 -20.25 27.71 -29.32
N VAL E 62 -20.15 26.95 -28.21
CA VAL E 62 -21.10 25.92 -27.84
C VAL E 62 -21.41 26.21 -26.36
N PHE E 63 -22.67 26.10 -25.98
CA PHE E 63 -23.07 26.49 -24.65
C PHE E 63 -23.69 25.30 -23.92
N THR E 64 -23.40 25.19 -22.63
CA THR E 64 -24.10 24.24 -21.79
C THR E 64 -24.83 24.92 -20.62
N TYR E 65 -25.92 24.32 -20.15
CA TYR E 65 -26.80 24.97 -19.16
C TYR E 65 -27.39 23.90 -18.26
N ARG E 66 -27.96 24.30 -17.13
CA ARG E 66 -28.66 23.34 -16.31
C ARG E 66 -30.19 23.58 -16.39
N LYS E 67 -30.66 24.80 -16.08
CA LYS E 67 -32.09 25.01 -15.87
C LYS E 67 -32.72 25.36 -17.19
N GLU E 68 -33.94 24.87 -17.43
CA GLU E 68 -34.79 25.28 -18.55
CA GLU E 68 -34.65 25.26 -18.64
C GLU E 68 -34.65 26.79 -18.79
N ARG E 69 -34.87 27.55 -17.71
CA ARG E 69 -34.86 29.00 -17.80
C ARG E 69 -33.55 29.53 -18.40
N SER E 70 -32.43 28.93 -18.02
CA SER E 70 -31.14 29.30 -18.61
C SER E 70 -31.04 29.01 -20.11
N ARG E 71 -31.60 27.88 -20.54
CA ARG E 71 -31.64 27.65 -22.00
C ARG E 71 -32.41 28.77 -22.70
N LYS E 72 -33.50 29.22 -22.11
CA LYS E 72 -34.37 30.22 -22.75
C LYS E 72 -33.61 31.55 -22.82
N GLU E 73 -32.91 31.88 -21.75
CA GLU E 73 -32.08 33.06 -21.75
C GLU E 73 -31.00 32.98 -22.86
N LEU E 74 -30.36 31.81 -22.98
CA LEU E 74 -29.34 31.56 -24.01
C LEU E 74 -29.92 31.79 -25.40
N GLU E 75 -31.11 31.23 -25.64
CA GLU E 75 -31.76 31.40 -26.95
C GLU E 75 -31.94 32.88 -27.31
N LYS E 76 -32.39 33.68 -26.35
CA LYS E 76 -32.53 35.13 -26.46
C LYS E 76 -31.15 35.83 -26.65
N LEU E 77 -30.15 35.43 -25.88
CA LEU E 77 -28.88 36.15 -25.89
C LEU E 77 -28.10 35.90 -27.17
N LEU E 78 -28.33 34.77 -27.80
CA LEU E 78 -27.67 34.47 -29.06
C LEU E 78 -28.00 35.46 -30.18
N GLU E 79 -29.15 36.13 -30.11
CA GLU E 79 -29.46 37.20 -31.06
C GLU E 79 -28.50 38.38 -31.07
N GLN E 80 -27.89 38.69 -29.93
CA GLN E 80 -26.80 39.67 -29.84
C GLN E 80 -25.47 39.17 -30.39
N LEU E 81 -25.33 37.89 -30.60
CA LEU E 81 -24.01 37.37 -30.97
C LEU E 81 -23.94 37.10 -32.46
N ASN E 82 -22.76 36.82 -32.96
CA ASN E 82 -22.63 36.43 -34.35
C ASN E 82 -22.50 34.92 -34.51
N GLN E 83 -23.02 34.12 -33.60
CA GLN E 83 -22.99 32.69 -33.83
C GLN E 83 -24.07 32.41 -34.87
N PRO E 84 -23.72 31.90 -36.07
CA PRO E 84 -24.81 31.63 -37.01
C PRO E 84 -25.63 30.39 -36.61
N GLU E 85 -25.15 29.57 -35.67
CA GLU E 85 -26.06 28.56 -35.15
C GLU E 85 -25.94 28.29 -33.67
N ALA E 86 -27.09 27.96 -33.09
CA ALA E 86 -27.25 27.78 -31.63
C ALA E 86 -26.82 26.37 -31.28
N HIS E 87 -25.73 26.22 -30.55
CA HIS E 87 -25.30 24.91 -30.06
C HIS E 87 -25.51 24.81 -28.56
N LEU E 88 -26.65 24.31 -28.12
CA LEU E 88 -27.01 24.35 -26.69
C LEU E 88 -27.16 22.93 -26.12
N TYR E 89 -26.49 22.64 -25.01
CA TYR E 89 -26.56 21.30 -24.48
C TYR E 89 -26.88 21.40 -23.02
N GLN E 90 -27.81 20.58 -22.55
CA GLN E 90 -28.14 20.61 -21.12
C GLN E 90 -27.14 19.73 -20.40
N ILE E 91 -26.42 20.28 -19.42
CA ILE E 91 -25.49 19.45 -18.63
C ILE E 91 -25.55 19.89 -17.18
N ASP E 92 -26.13 19.03 -16.33
CA ASP E 92 -26.03 19.22 -14.90
C ASP E 92 -24.77 18.47 -14.45
N VAL E 93 -23.80 19.21 -13.92
CA VAL E 93 -22.49 18.63 -13.63
C VAL E 93 -22.52 17.72 -12.41
N GLN E 94 -23.63 17.69 -11.68
CA GLN E 94 -23.81 16.64 -10.69
C GLN E 94 -23.94 15.26 -11.30
N SER E 95 -24.20 15.20 -12.61
CA SER E 95 -24.39 13.88 -13.24
C SER E 95 -23.21 13.51 -14.15
N ASP E 96 -22.51 12.42 -13.84
CA ASP E 96 -21.48 11.91 -14.75
C ASP E 96 -22.03 11.65 -16.16
N GLU E 97 -23.15 10.91 -16.20
CA GLU E 97 -23.77 10.53 -17.45
CA GLU E 97 -23.79 10.53 -17.47
C GLU E 97 -24.01 11.79 -18.30
N GLU E 98 -24.50 12.87 -17.68
CA GLU E 98 -24.80 14.07 -18.45
C GLU E 98 -23.54 14.77 -19.00
N VAL E 99 -22.47 14.76 -18.20
CA VAL E 99 -21.23 15.38 -18.64
C VAL E 99 -20.65 14.52 -19.77
N ILE E 100 -20.55 13.19 -19.51
CA ILE E 100 -20.04 12.23 -20.50
C ILE E 100 -20.83 12.34 -21.80
N ASN E 101 -22.17 12.25 -21.71
CA ASN E 101 -23.02 12.24 -22.91
C ASN E 101 -23.04 13.60 -23.61
N GLY E 102 -22.99 14.69 -22.86
CA GLY E 102 -23.00 16.04 -23.43
C GLY E 102 -21.78 16.34 -24.27
N PHE E 103 -20.59 16.07 -23.71
CA PHE E 103 -19.35 16.29 -24.46
C PHE E 103 -19.26 15.34 -25.65
N GLU E 104 -19.71 14.10 -25.45
CA GLU E 104 -19.75 13.20 -26.60
C GLU E 104 -20.65 13.74 -27.70
N GLN E 105 -21.82 14.26 -27.34
CA GLN E 105 -22.69 14.84 -28.38
C GLN E 105 -22.05 16.09 -29.02
N ILE E 106 -21.40 16.92 -28.20
CA ILE E 106 -20.74 18.12 -28.73
C ILE E 106 -19.72 17.72 -29.82
N GLY E 107 -18.90 16.72 -29.53
CA GLY E 107 -17.91 16.27 -30.50
C GLY E 107 -18.54 15.70 -31.76
N LYS E 108 -19.65 14.99 -31.60
CA LYS E 108 -20.43 14.57 -32.77
C LYS E 108 -20.99 15.76 -33.53
N ASP E 109 -21.43 16.82 -32.87
CA ASP E 109 -22.07 17.92 -33.62
C ASP E 109 -21.10 18.92 -34.22
N VAL E 110 -20.05 19.29 -33.48
CA VAL E 110 -19.12 20.33 -33.94
C VAL E 110 -17.69 19.82 -34.14
N GLY E 111 -17.40 18.59 -33.73
CA GLY E 111 -16.04 18.04 -33.88
C GLY E 111 -15.14 18.42 -32.72
N ASN E 112 -13.84 18.52 -32.97
CA ASN E 112 -12.87 18.82 -31.91
C ASN E 112 -12.97 20.28 -31.51
N ILE E 113 -12.61 20.56 -30.27
CA ILE E 113 -12.72 21.90 -29.70
C ILE E 113 -11.35 22.38 -29.22
N ASP E 114 -11.27 23.64 -28.85
CA ASP E 114 -10.00 24.22 -28.43
C ASP E 114 -10.00 24.58 -26.96
N GLY E 115 -11.15 24.62 -26.28
CA GLY E 115 -11.06 24.89 -24.86
C GLY E 115 -12.43 24.92 -24.25
N VAL E 116 -12.46 25.10 -22.93
CA VAL E 116 -13.70 25.06 -22.17
C VAL E 116 -13.56 26.19 -21.18
N TYR E 117 -14.63 26.97 -21.07
CA TYR E 117 -14.64 28.00 -20.05
C TYR E 117 -15.63 27.50 -19.00
N HIS E 118 -15.16 27.27 -17.78
CA HIS E 118 -16.02 26.74 -16.75
C HIS E 118 -16.44 27.90 -15.82
N SER E 119 -17.75 28.04 -15.56
CA SER E 119 -18.26 29.22 -14.86
C SER E 119 -19.41 28.73 -14.00
N ILE E 120 -19.14 27.71 -13.18
CA ILE E 120 -20.19 26.96 -12.52
C ILE E 120 -19.87 26.86 -11.04
N ALA E 121 -20.80 27.28 -10.18
CA ALA E 121 -20.61 26.96 -8.76
C ALA E 121 -21.97 26.91 -8.10
N PHE E 122 -22.06 26.36 -6.88
CA PHE E 122 -23.34 26.45 -6.24
C PHE E 122 -23.08 26.14 -4.77
N ALA E 123 -23.85 26.79 -3.90
CA ALA E 123 -23.97 26.35 -2.49
C ALA E 123 -25.33 26.75 -1.96
N ASN E 124 -25.79 26.16 -0.87
CA ASN E 124 -27.06 26.60 -0.29
C ASN E 124 -26.92 27.98 0.35
N MET E 125 -27.91 28.86 0.15
N MET E 125 -27.97 28.78 0.21
CA MET E 125 -27.84 30.24 0.64
CA MET E 125 -28.28 29.85 1.16
C MET E 125 -27.46 30.36 2.12
C MET E 125 -28.08 29.41 2.61
N GLU E 126 -27.95 29.45 2.95
N GLU E 126 -28.69 28.31 3.03
CA GLU E 126 -27.65 29.49 4.38
CA GLU E 126 -28.69 28.03 4.48
C GLU E 126 -26.16 29.31 4.73
C GLU E 126 -27.37 27.60 5.14
N ASP E 127 -25.37 28.91 3.74
N ASP E 127 -26.38 27.08 4.41
CA ASP E 127 -23.93 28.71 3.89
CA ASP E 127 -25.05 27.06 5.01
C ASP E 127 -23.13 29.89 3.33
C ASP E 127 -24.30 28.36 4.73
N LEU E 128 -23.78 30.97 2.87
N LEU E 128 -24.57 28.99 3.58
CA LEU E 128 -23.12 32.20 2.42
CA LEU E 128 -23.87 30.23 3.24
C LEU E 128 -23.29 33.38 3.38
C LEU E 128 -24.16 31.33 4.25
N ARG E 129 -23.40 33.06 4.67
N ARG E 129 -25.44 31.48 4.58
CA ARG E 129 -23.67 34.02 5.73
CA ARG E 129 -25.92 32.46 5.54
C ARG E 129 -23.53 33.28 7.05
C ARG E 129 -26.04 31.80 6.92
N GLY E 130 -23.52 34.01 8.14
N GLY E 130 -24.91 31.30 7.38
CA GLY E 130 -23.48 33.41 9.47
CA GLY E 130 -24.79 30.70 8.71
C GLY E 130 -22.12 32.74 9.70
C GLY E 130 -23.30 30.77 8.97
N ARG E 131 -22.13 31.68 10.48
N ARG E 131 -22.90 30.65 10.23
CA ARG E 131 -20.94 31.06 11.04
CA ARG E 131 -21.49 30.74 10.62
C ARG E 131 -20.57 29.79 10.27
C ARG E 131 -20.71 29.64 9.91
N PHE E 132 -19.43 29.84 9.61
CA PHE E 132 -18.81 28.73 8.89
C PHE E 132 -18.77 27.37 9.63
N SER E 133 -18.44 27.44 10.91
CA SER E 133 -18.33 26.22 11.71
C SER E 133 -19.69 25.49 11.82
N GLU E 134 -20.78 26.12 11.40
CA GLU E 134 -22.09 25.43 11.50
C GLU E 134 -22.48 24.74 10.18
N THR E 135 -21.62 24.85 9.17
CA THR E 135 -21.88 24.27 7.85
C THR E 135 -22.22 22.75 7.96
N SER E 136 -23.34 22.32 7.37
CA SER E 136 -23.72 20.90 7.28
C SER E 136 -22.76 20.16 6.36
N ARG E 137 -22.68 18.84 6.59
CA ARG E 137 -21.91 17.93 5.74
C ARG E 137 -22.50 17.93 4.33
N GLU E 138 -23.83 17.92 4.18
CA GLU E 138 -24.37 17.88 2.82
C GLU E 138 -24.10 19.17 2.09
N GLY E 139 -24.24 20.27 2.82
CA GLY E 139 -23.94 21.59 2.30
C GLY E 139 -22.49 21.70 1.83
N PHE E 140 -21.56 21.16 2.62
CA PHE E 140 -20.15 21.30 2.30
C PHE E 140 -19.87 20.47 1.07
N LEU E 141 -20.37 19.22 1.11
CA LEU E 141 -20.10 18.32 -0.01
C LEU E 141 -20.81 18.74 -1.29
N LEU E 142 -22.03 19.31 -1.20
CA LEU E 142 -22.67 19.84 -2.41
C LEU E 142 -21.82 20.91 -3.13
N ALA E 143 -21.32 21.86 -2.35
CA ALA E 143 -20.49 22.95 -2.88
C ALA E 143 -19.23 22.37 -3.53
N GLN E 144 -18.61 21.38 -2.89
CA GLN E 144 -17.43 20.72 -3.47
C GLN E 144 -17.73 20.02 -4.78
N ASP E 145 -18.86 19.32 -4.83
CA ASP E 145 -19.22 18.53 -5.99
C ASP E 145 -19.45 19.45 -7.21
N ILE E 146 -20.35 20.44 -7.05
CA ILE E 146 -20.66 21.30 -8.18
C ILE E 146 -19.51 22.25 -8.48
N SER E 147 -18.83 22.77 -7.43
CA SER E 147 -17.94 23.92 -7.68
C SER E 147 -16.49 23.51 -7.94
N SER E 148 -16.16 22.26 -7.56
CA SER E 148 -14.80 21.78 -7.74
C SER E 148 -14.70 20.50 -8.57
N TYR E 149 -15.36 19.44 -8.12
CA TYR E 149 -15.23 18.17 -8.81
C TYR E 149 -15.66 18.29 -10.27
N SER E 150 -16.69 19.10 -10.52
CA SER E 150 -17.22 19.28 -11.86
C SER E 150 -16.11 19.60 -12.85
N LEU E 151 -15.13 20.41 -12.46
CA LEU E 151 -14.01 20.71 -13.35
C LEU E 151 -13.21 19.46 -13.77
N THR E 152 -12.97 18.56 -12.82
CA THR E 152 -12.14 17.38 -13.07
C THR E 152 -12.82 16.51 -14.13
N ILE E 153 -14.09 16.22 -13.87
CA ILE E 153 -14.85 15.38 -14.82
C ILE E 153 -15.03 16.10 -16.18
N VAL E 154 -15.23 17.40 -16.16
CA VAL E 154 -15.31 18.12 -17.46
C VAL E 154 -13.97 18.02 -18.21
N ALA E 155 -12.86 18.15 -17.49
CA ALA E 155 -11.55 18.12 -18.11
C ALA E 155 -11.35 16.74 -18.68
N HIS E 156 -11.71 15.70 -17.93
CA HIS E 156 -11.59 14.34 -18.46
C HIS E 156 -12.37 14.14 -19.76
N GLU E 157 -13.61 14.64 -19.80
CA GLU E 157 -14.42 14.40 -21.00
C GLU E 157 -13.99 15.30 -22.15
N ALA E 158 -13.66 16.55 -21.81
CA ALA E 158 -13.25 17.55 -22.82
C ALA E 158 -11.89 17.18 -23.45
N LYS E 159 -10.98 16.57 -22.70
CA LYS E 159 -9.70 16.06 -23.23
C LYS E 159 -9.87 15.13 -24.45
N LYS E 160 -10.94 14.33 -24.45
CA LYS E 160 -11.25 13.50 -25.62
C LYS E 160 -11.50 14.34 -26.88
N LEU E 161 -11.92 15.59 -26.77
CA LEU E 161 -12.13 16.39 -28.00
C LEU E 161 -10.96 17.37 -28.28
N MET E 162 -9.83 17.18 -27.59
CA MET E 162 -8.66 18.04 -27.75
C MET E 162 -7.40 17.22 -27.99
N PRO E 163 -7.36 16.43 -29.09
CA PRO E 163 -6.26 15.48 -29.25
C PRO E 163 -4.99 16.25 -29.55
N GLU E 164 -5.13 17.50 -29.96
CA GLU E 164 -4.01 18.34 -30.32
C GLU E 164 -3.64 19.34 -29.23
N GLY E 165 -4.21 19.23 -28.04
CA GLY E 165 -4.08 20.31 -27.08
C GLY E 165 -5.22 21.31 -27.04
N GLY E 166 -5.24 22.13 -26.01
CA GLY E 166 -6.27 23.13 -25.86
C GLY E 166 -6.10 23.79 -24.51
N SER E 167 -7.16 24.42 -24.04
CA SER E 167 -7.02 25.27 -22.88
C SER E 167 -8.29 25.22 -22.05
N ILE E 168 -8.17 25.00 -20.76
CA ILE E 168 -9.34 25.03 -19.91
C ILE E 168 -9.17 26.13 -18.85
N VAL E 169 -10.24 26.92 -18.65
CA VAL E 169 -10.26 28.00 -17.68
C VAL E 169 -11.45 27.86 -16.72
N ALA E 170 -11.20 27.91 -15.41
CA ALA E 170 -12.29 27.94 -14.42
C ALA E 170 -12.37 29.34 -13.78
N THR E 171 -13.45 29.67 -13.08
CA THR E 171 -13.61 30.99 -12.49
C THR E 171 -13.55 30.82 -10.99
N THR E 172 -12.63 31.53 -10.35
CA THR E 172 -12.53 31.47 -8.89
C THR E 172 -12.70 32.87 -8.27
N TYR E 173 -12.59 32.92 -6.96
CA TYR E 173 -12.68 34.17 -6.23
C TYR E 173 -11.63 34.14 -5.12
N LEU E 174 -11.18 35.32 -4.74
CA LEU E 174 -10.11 35.54 -3.77
C LEU E 174 -10.42 34.84 -2.45
N GLY E 175 -11.70 34.63 -2.14
CA GLY E 175 -12.04 33.90 -0.90
C GLY E 175 -11.56 32.44 -0.93
N GLY E 176 -11.05 31.95 -2.07
CA GLY E 176 -10.44 30.60 -2.07
C GLY E 176 -8.98 30.66 -1.56
N GLU E 177 -8.39 31.86 -1.54
CA GLU E 177 -7.03 32.15 -1.01
C GLU E 177 -6.99 32.67 0.42
N PHE E 178 -8.01 33.41 0.86
CA PHE E 178 -8.08 34.05 2.17
C PHE E 178 -9.48 33.85 2.76
N ALA E 179 -9.64 33.81 4.08
CA ALA E 179 -10.95 33.73 4.68
C ALA E 179 -11.63 35.10 4.48
N VAL E 180 -12.70 35.14 3.70
CA VAL E 180 -13.45 36.38 3.50
C VAL E 180 -14.77 36.20 4.19
N GLN E 181 -15.07 37.03 5.18
CA GLN E 181 -16.34 36.96 5.93
C GLN E 181 -17.55 36.64 5.04
N ASN E 182 -18.42 35.71 5.47
CA ASN E 182 -19.61 35.31 4.70
C ASN E 182 -19.42 34.40 3.48
N TYR E 183 -18.27 34.42 2.83
CA TYR E 183 -18.10 33.52 1.72
C TYR E 183 -18.04 32.07 2.15
N ASN E 184 -17.57 31.78 3.37
CA ASN E 184 -17.77 30.52 4.06
C ASN E 184 -17.53 29.24 3.20
N VAL E 185 -18.58 28.44 2.97
CA VAL E 185 -18.43 27.13 2.35
C VAL E 185 -17.87 27.28 0.91
N MET E 186 -18.20 28.39 0.25
CA MET E 186 -17.73 28.57 -1.12
C MET E 186 -16.22 28.87 -1.15
N GLY E 187 -15.68 29.44 -0.06
CA GLY E 187 -14.23 29.72 0.04
C GLY E 187 -13.44 28.42 0.07
N VAL E 188 -13.96 27.43 0.82
CA VAL E 188 -13.30 26.14 0.88
C VAL E 188 -13.50 25.45 -0.46
N ALA E 189 -14.68 25.62 -1.09
CA ALA E 189 -14.90 25.01 -2.37
C ALA E 189 -14.00 25.68 -3.39
N LYS E 190 -13.74 26.98 -3.24
CA LYS E 190 -12.81 27.59 -4.26
C LYS E 190 -11.34 27.26 -4.02
N ALA E 191 -10.92 27.05 -2.78
CA ALA E 191 -9.54 26.60 -2.52
C ALA E 191 -9.35 25.23 -3.18
N SER E 192 -10.40 24.40 -3.06
CA SER E 192 -10.41 23.06 -3.67
C SER E 192 -10.38 23.18 -5.21
N LEU E 193 -11.16 24.11 -5.76
CA LEU E 193 -11.09 24.35 -7.23
C LEU E 193 -9.70 24.80 -7.71
N GLU E 194 -9.09 25.74 -7.00
CA GLU E 194 -7.77 26.23 -7.40
C GLU E 194 -6.69 25.15 -7.36
N ALA E 195 -6.69 24.31 -6.34
CA ALA E 195 -5.81 23.12 -6.33
C ALA E 195 -6.13 22.16 -7.51
N ASN E 196 -7.41 22.00 -7.81
CA ASN E 196 -7.92 21.15 -8.91
C ASN E 196 -7.28 21.61 -10.21
N VAL E 197 -7.31 22.93 -10.43
CA VAL E 197 -6.66 23.52 -11.57
C VAL E 197 -5.18 23.19 -11.61
N LYS E 198 -4.47 23.25 -10.49
CA LYS E 198 -3.04 22.93 -10.55
C LYS E 198 -2.78 21.42 -10.83
N TYR E 199 -3.50 20.53 -10.16
CA TYR E 199 -3.36 19.09 -10.45
C TYR E 199 -3.75 18.70 -11.90
N LEU E 200 -4.81 19.29 -12.46
CA LEU E 200 -5.11 19.12 -13.88
C LEU E 200 -3.98 19.65 -14.74
N ALA E 201 -3.46 20.83 -14.41
CA ALA E 201 -2.36 21.39 -15.18
C ALA E 201 -1.21 20.39 -15.29
N LEU E 202 -0.79 19.88 -14.12
CA LEU E 202 0.26 18.87 -14.01
C LEU E 202 -0.08 17.64 -14.86
N ASP E 203 -1.27 17.08 -14.65
CA ASP E 203 -1.70 15.87 -15.35
C ASP E 203 -1.85 16.06 -16.88
N LEU E 204 -2.48 17.16 -17.32
CA LEU E 204 -2.83 17.30 -18.73
C LEU E 204 -1.80 18.06 -19.56
N GLY E 205 -0.81 18.63 -18.88
CA GLY E 205 0.31 19.37 -19.49
C GLY E 205 1.01 18.58 -20.57
N PRO E 206 1.24 17.27 -20.34
CA PRO E 206 1.98 16.55 -21.39
C PRO E 206 1.13 16.28 -22.63
N ASP E 207 -0.17 16.43 -22.49
CA ASP E 207 -1.10 16.33 -23.62
C ASP E 207 -1.28 17.70 -24.23
N ASN E 208 -0.50 18.67 -23.77
CA ASN E 208 -0.62 20.04 -24.28
C ASN E 208 -1.99 20.70 -24.01
N ILE E 209 -2.60 20.38 -22.86
CA ILE E 209 -3.80 21.05 -22.41
C ILE E 209 -3.41 21.86 -21.17
N ARG E 210 -3.64 23.15 -21.27
CA ARG E 210 -3.32 24.08 -20.20
C ARG E 210 -4.58 24.27 -19.38
N VAL E 211 -4.37 24.48 -18.07
CA VAL E 211 -5.50 24.65 -17.20
C VAL E 211 -5.14 25.80 -16.26
N ASN E 212 -6.05 26.77 -16.15
CA ASN E 212 -5.83 28.07 -15.49
C ASN E 212 -7.14 28.54 -14.88
N ALA E 213 -7.04 29.44 -13.90
CA ALA E 213 -8.18 30.09 -13.25
C ALA E 213 -8.14 31.61 -13.51
N ILE E 214 -9.30 32.25 -13.54
CA ILE E 214 -9.38 33.70 -13.43
C ILE E 214 -10.05 33.91 -12.09
N SER E 215 -9.38 34.60 -11.18
CA SER E 215 -9.97 35.09 -9.92
C SER E 215 -10.65 36.45 -10.15
N ALA E 216 -11.95 36.42 -10.36
CA ALA E 216 -12.73 37.60 -10.68
C ALA E 216 -13.02 38.35 -9.38
N GLY E 217 -13.00 39.68 -9.44
CA GLY E 217 -13.48 40.51 -8.33
C GLY E 217 -15.02 40.51 -8.33
N PRO E 218 -15.63 41.07 -7.29
CA PRO E 218 -17.08 40.85 -7.18
C PRO E 218 -17.84 41.56 -8.32
N ILE E 219 -18.84 40.88 -8.91
CA ILE E 219 -19.65 41.40 -10.02
C ILE E 219 -21.13 41.08 -9.74
N ARG E 220 -22.04 42.02 -10.03
CA ARG E 220 -23.45 41.75 -9.76
C ARG E 220 -24.02 40.70 -10.72
N THR E 221 -24.26 39.50 -10.22
CA THR E 221 -24.83 38.42 -11.03
C THR E 221 -25.95 37.78 -10.20
N LEU E 222 -26.65 36.82 -10.79
CA LEU E 222 -27.70 36.13 -10.04
C LEU E 222 -27.16 35.39 -8.79
N SER E 223 -26.04 34.71 -8.94
CA SER E 223 -25.38 34.03 -7.81
C SER E 223 -24.92 34.99 -6.70
N ALA E 224 -24.50 36.19 -7.06
CA ALA E 224 -24.10 37.18 -6.06
C ALA E 224 -25.21 37.52 -5.07
N LYS E 225 -26.48 37.40 -5.47
CA LYS E 225 -27.57 37.71 -4.55
C LYS E 225 -27.63 36.70 -3.39
N GLY E 226 -27.03 35.52 -3.53
CA GLY E 226 -27.08 34.62 -2.39
C GLY E 226 -25.93 34.77 -1.41
N VAL E 227 -25.00 35.69 -1.68
CA VAL E 227 -23.89 35.92 -0.78
C VAL E 227 -24.13 37.07 0.22
N GLY E 228 -24.12 36.79 1.52
CA GLY E 228 -24.16 37.88 2.49
C GLY E 228 -23.05 38.92 2.35
N GLY E 229 -23.40 40.19 2.53
CA GLY E 229 -22.44 41.29 2.58
C GLY E 229 -21.86 41.65 1.22
N PHE E 230 -22.50 41.20 0.13
CA PHE E 230 -21.97 41.47 -1.21
C PHE E 230 -21.83 42.98 -1.50
N ASN E 231 -22.87 43.78 -1.28
CA ASN E 231 -22.79 45.20 -1.57
C ASN E 231 -21.67 45.89 -0.79
N THR E 232 -21.51 45.53 0.49
CA THR E 232 -20.41 46.04 1.28
C THR E 232 -19.04 45.78 0.65
N ILE E 233 -18.83 44.60 0.07
CA ILE E 233 -17.57 44.26 -0.59
C ILE E 233 -17.31 45.07 -1.87
N LEU E 234 -18.36 45.27 -2.67
CA LEU E 234 -18.29 46.13 -3.86
C LEU E 234 -17.74 47.53 -3.56
N LYS E 235 -18.32 48.17 -2.56
CA LYS E 235 -17.91 49.50 -2.15
C LYS E 235 -16.48 49.50 -1.64
N GLU E 236 -16.12 48.47 -0.89
CA GLU E 236 -14.76 48.43 -0.35
C GLU E 236 -13.75 48.26 -1.48
N ILE E 237 -14.13 47.62 -2.57
CA ILE E 237 -13.24 47.55 -3.76
C ILE E 237 -13.00 48.95 -4.38
N GLU E 238 -14.07 49.72 -4.60
CA GLU E 238 -13.94 51.10 -5.08
C GLU E 238 -13.04 51.95 -4.22
N GLU E 239 -13.20 51.87 -2.91
CA GLU E 239 -12.38 52.64 -1.97
C GLU E 239 -10.94 52.15 -1.83
N ARG E 240 -10.68 50.85 -1.87
CA ARG E 240 -9.39 50.31 -1.42
CA ARG E 240 -9.38 50.34 -1.43
C ARG E 240 -8.51 49.72 -2.52
N ALA E 241 -9.11 49.13 -3.57
CA ALA E 241 -8.35 48.46 -4.66
C ALA E 241 -7.57 49.50 -5.44
N PRO E 242 -6.34 49.17 -5.91
CA PRO E 242 -5.50 50.04 -6.73
C PRO E 242 -6.26 50.79 -7.85
N LEU E 243 -7.09 50.11 -8.64
CA LEU E 243 -7.79 50.86 -9.69
C LEU E 243 -8.95 51.71 -9.17
N LYS E 244 -9.28 51.56 -7.88
CA LYS E 244 -10.43 52.29 -7.30
C LYS E 244 -11.73 52.21 -8.12
N ARG E 245 -12.06 51.02 -8.61
CA ARG E 245 -13.30 50.77 -9.33
C ARG E 245 -13.49 49.26 -9.28
N ASN E 246 -14.69 48.80 -9.59
CA ASN E 246 -14.98 47.40 -9.70
C ASN E 246 -14.78 46.97 -11.13
N VAL E 247 -14.65 45.67 -11.38
CA VAL E 247 -14.48 45.15 -12.76
C VAL E 247 -15.86 44.69 -13.26
N ASP E 248 -15.95 44.36 -14.54
CA ASP E 248 -17.20 43.76 -15.06
C ASP E 248 -16.94 42.46 -15.85
N GLN E 249 -17.99 41.95 -16.50
CA GLN E 249 -17.98 40.61 -17.03
C GLN E 249 -17.09 40.58 -18.26
N VAL E 250 -17.12 41.66 -19.03
CA VAL E 250 -16.29 41.78 -20.24
C VAL E 250 -14.80 41.79 -19.91
N GLU E 251 -14.43 42.29 -18.72
CA GLU E 251 -13.00 42.33 -18.39
C GLU E 251 -12.54 40.91 -18.05
N VAL E 252 -13.37 40.13 -17.36
CA VAL E 252 -13.17 38.69 -17.27
C VAL E 252 -13.06 38.01 -18.62
N GLY E 253 -13.96 38.35 -19.55
CA GLY E 253 -13.95 37.69 -20.86
C GLY E 253 -12.67 37.99 -21.64
N LYS E 254 -12.16 39.22 -21.51
CA LYS E 254 -10.89 39.59 -22.16
C LYS E 254 -9.66 38.79 -21.66
N THR E 255 -9.57 38.56 -20.35
CA THR E 255 -8.51 37.70 -19.84
C THR E 255 -8.81 36.24 -20.22
N ALA E 256 -10.08 35.85 -20.31
CA ALA E 256 -10.44 34.50 -20.77
C ALA E 256 -9.94 34.30 -22.18
N ALA E 257 -10.18 35.27 -23.06
CA ALA E 257 -9.62 35.22 -24.43
C ALA E 257 -8.11 35.01 -24.48
N TYR E 258 -7.39 35.68 -23.58
CA TYR E 258 -5.95 35.51 -23.49
C TYR E 258 -5.61 34.08 -23.03
N LEU E 259 -6.29 33.61 -21.97
CA LEU E 259 -6.05 32.27 -21.42
C LEU E 259 -6.41 31.16 -22.45
N LEU E 260 -7.40 31.42 -23.32
CA LEU E 260 -7.97 30.33 -24.10
C LEU E 260 -7.27 30.30 -25.46
N SER E 261 -6.51 31.35 -25.78
CA SER E 261 -5.80 31.47 -27.02
C SER E 261 -4.31 31.15 -26.85
N ASP E 262 -3.61 31.20 -27.97
CA ASP E 262 -2.18 30.94 -28.04
C ASP E 262 -1.38 32.08 -27.43
N LEU E 263 -2.03 33.21 -27.11
CA LEU E 263 -1.27 34.31 -26.48
C LEU E 263 -0.69 33.84 -25.16
N SER E 264 -1.37 32.90 -24.50
CA SER E 264 -0.90 32.43 -23.22
C SER E 264 -0.21 31.06 -23.31
N SER E 265 0.41 30.72 -24.44
N SER E 265 0.47 30.77 -24.42
CA SER E 265 0.83 29.33 -24.64
CA SER E 265 1.31 29.56 -24.40
C SER E 265 1.80 28.79 -23.56
C SER E 265 2.42 29.77 -23.39
N GLY E 266 2.47 29.71 -22.89
N GLY E 266 2.80 28.70 -22.72
CA GLY E 266 3.54 29.37 -21.96
CA GLY E 266 3.74 28.83 -21.65
C GLY E 266 3.02 29.09 -20.57
C GLY E 266 3.03 29.04 -20.32
N VAL E 267 1.73 29.33 -20.35
CA VAL E 267 1.10 29.63 -19.06
C VAL E 267 0.11 28.54 -18.71
N THR E 268 0.34 27.89 -17.58
CA THR E 268 -0.57 26.84 -17.21
C THR E 268 -0.45 26.67 -15.67
N GLY E 269 -1.52 26.28 -15.01
CA GLY E 269 -1.48 26.18 -13.55
C GLY E 269 -1.53 27.54 -12.85
N GLU E 270 -1.96 28.58 -13.56
CA GLU E 270 -1.88 29.98 -13.08
C GLU E 270 -3.26 30.46 -12.59
N ASN E 271 -3.30 31.49 -11.75
CA ASN E 271 -4.57 32.09 -11.28
C ASN E 271 -4.42 33.57 -11.59
N ILE E 272 -5.07 34.10 -12.62
CA ILE E 272 -4.94 35.54 -12.95
C ILE E 272 -6.08 36.32 -12.27
N HIS E 273 -5.75 37.21 -11.33
CA HIS E 273 -6.76 38.05 -10.69
C HIS E 273 -7.20 39.20 -11.56
N VAL E 274 -8.49 39.21 -11.90
CA VAL E 274 -9.12 40.34 -12.62
C VAL E 274 -10.05 41.03 -11.64
N ASP E 275 -9.43 41.85 -10.78
CA ASP E 275 -10.06 42.30 -9.56
C ASP E 275 -9.60 43.71 -9.22
N SER E 276 -9.09 44.46 -10.18
CA SER E 276 -8.59 45.84 -9.93
C SER E 276 -7.35 45.91 -9.02
N GLY E 277 -6.60 44.82 -8.90
CA GLY E 277 -5.40 44.80 -8.03
C GLY E 277 -5.73 44.51 -6.56
N PHE E 278 -6.99 44.27 -6.25
CA PHE E 278 -7.36 44.07 -4.83
C PHE E 278 -6.57 42.94 -4.11
N HIS E 279 -6.24 41.86 -4.81
CA HIS E 279 -5.51 40.68 -4.33
C HIS E 279 -4.12 41.07 -3.80
N ALA E 280 -3.58 42.17 -4.31
CA ALA E 280 -2.19 42.50 -4.05
C ALA E 280 -2.06 43.45 -2.84
N ILE E 281 -3.17 43.78 -2.21
CA ILE E 281 -3.10 44.75 -1.14
C ILE E 281 -3.64 44.18 0.14
N LYS E 282 -3.37 44.90 1.21
CA LYS E 282 -3.84 44.52 2.51
C LYS E 282 -4.00 45.79 3.31
N VAL F 28 7.63 23.85 26.44
CA VAL F 28 6.41 24.45 27.05
C VAL F 28 6.26 23.92 28.49
N ASN F 29 5.05 24.05 29.08
CA ASN F 29 4.65 23.51 30.40
C ASN F 29 3.14 23.18 30.51
N LEU F 30 2.70 21.94 30.32
CA LEU F 30 1.26 21.69 30.06
C LEU F 30 0.42 20.96 31.12
N GLU F 31 0.84 20.94 32.38
CA GLU F 31 0.04 20.32 33.44
C GLU F 31 -1.30 21.01 33.58
N ASN F 32 -2.34 20.27 33.96
CA ASN F 32 -3.69 20.85 34.06
C ASN F 32 -4.37 21.24 32.74
N LYS F 33 -3.72 20.94 31.61
CA LYS F 33 -4.35 20.99 30.29
C LYS F 33 -4.74 19.61 29.80
N THR F 34 -5.73 19.59 28.91
CA THR F 34 -6.33 18.37 28.42
C THR F 34 -6.55 18.55 26.92
N TYR F 35 -5.96 17.66 26.13
CA TYR F 35 -6.07 17.71 24.66
C TYR F 35 -6.67 16.43 24.12
N VAL F 36 -7.47 16.55 23.08
CA VAL F 36 -7.98 15.41 22.33
C VAL F 36 -7.08 15.19 21.11
N ILE F 37 -6.55 13.96 21.00
CA ILE F 37 -5.76 13.60 19.85
C ILE F 37 -6.53 12.62 18.97
N MET F 38 -6.87 13.04 17.75
CA MET F 38 -7.61 12.21 16.81
C MET F 38 -6.67 11.64 15.74
N GLY F 39 -6.65 10.31 15.63
CA GLY F 39 -6.01 9.66 14.49
C GLY F 39 -4.71 8.94 14.76
N ILE F 40 -4.53 8.41 15.97
CA ILE F 40 -3.47 7.44 16.19
C ILE F 40 -3.92 6.08 15.65
N ALA F 41 -3.13 5.48 14.76
CA ALA F 41 -3.37 4.09 14.32
C ALA F 41 -2.31 3.14 14.91
N ASN F 42 -1.05 3.59 14.96
CA ASN F 42 0.00 2.75 15.54
C ASN F 42 1.16 3.60 15.98
N LYS F 43 2.26 2.96 16.41
CA LYS F 43 3.44 3.68 16.88
C LYS F 43 4.02 4.65 15.85
N ARG F 44 3.74 4.48 14.55
CA ARG F 44 4.31 5.36 13.51
CA ARG F 44 4.33 5.40 13.57
C ARG F 44 3.40 6.55 13.17
N SER F 45 2.19 6.56 13.74
CA SER F 45 1.27 7.66 13.44
C SER F 45 1.94 8.99 13.87
N ILE F 46 1.87 9.98 12.99
CA ILE F 46 2.19 11.37 13.34
C ILE F 46 1.51 11.78 14.64
N ALA F 47 0.23 11.40 14.80
CA ALA F 47 -0.45 11.73 16.05
C ALA F 47 0.18 11.08 17.30
N PHE F 48 0.92 10.00 17.16
CA PHE F 48 1.62 9.47 18.33
C PHE F 48 2.85 10.29 18.76
N GLY F 49 3.60 10.81 17.79
CA GLY F 49 4.57 11.89 18.02
C GLY F 49 4.03 13.06 18.82
N VAL F 50 2.88 13.58 18.39
CA VAL F 50 2.16 14.56 19.19
C VAL F 50 1.93 14.03 20.60
N ALA F 51 1.29 12.87 20.72
CA ALA F 51 0.98 12.36 22.06
C ALA F 51 2.23 12.30 22.95
N LYS F 52 3.34 11.80 22.42
CA LYS F 52 4.51 11.63 23.29
C LYS F 52 5.02 13.00 23.81
N VAL F 53 5.07 13.99 22.93
CA VAL F 53 5.55 15.30 23.32
C VAL F 53 4.59 15.89 24.35
N LEU F 54 3.29 15.90 24.05
CA LEU F 54 2.27 16.44 24.97
C LEU F 54 2.29 15.75 26.33
N ASP F 55 2.37 14.43 26.31
CA ASP F 55 2.44 13.62 27.53
C ASP F 55 3.70 13.97 28.32
N GLN F 56 4.83 14.05 27.62
CA GLN F 56 6.07 14.42 28.28
C GLN F 56 5.91 15.78 28.97
N LEU F 57 5.06 16.63 28.40
CA LEU F 57 4.89 17.99 28.91
C LEU F 57 3.84 18.07 30.02
N GLY F 58 3.33 16.94 30.48
CA GLY F 58 2.39 16.97 31.59
C GLY F 58 0.91 17.03 31.22
N ALA F 59 0.55 17.11 29.94
CA ALA F 59 -0.87 17.17 29.53
C ALA F 59 -1.64 15.89 29.85
N LYS F 60 -2.94 16.02 30.11
CA LYS F 60 -3.84 14.88 30.16
C LYS F 60 -4.31 14.70 28.72
N LEU F 61 -4.33 13.46 28.20
CA LEU F 61 -4.73 13.26 26.81
C LEU F 61 -5.93 12.33 26.62
N VAL F 62 -6.70 12.61 25.57
CA VAL F 62 -7.91 11.88 25.27
C VAL F 62 -7.68 11.48 23.84
N PHE F 63 -7.90 10.20 23.56
CA PHE F 63 -7.64 9.66 22.22
C PHE F 63 -8.95 9.18 21.54
N THR F 64 -9.08 9.53 20.26
CA THR F 64 -10.15 9.02 19.41
C THR F 64 -9.60 8.17 18.22
N TYR F 65 -10.36 7.15 17.83
CA TYR F 65 -9.90 6.12 16.89
C TYR F 65 -11.09 5.68 16.01
N ARG F 66 -10.80 5.15 14.84
CA ARG F 66 -11.86 4.50 14.06
C ARG F 66 -11.89 2.94 14.12
N LYS F 67 -10.81 2.27 13.74
CA LYS F 67 -10.80 0.81 13.71
C LYS F 67 -10.53 0.22 15.08
N GLU F 68 -11.22 -0.89 15.39
CA GLU F 68 -10.88 -1.61 16.61
CA GLU F 68 -10.89 -1.76 16.53
C GLU F 68 -9.37 -1.88 16.71
N ARG F 69 -8.66 -2.10 15.59
CA ARG F 69 -7.22 -2.35 15.64
C ARG F 69 -6.44 -1.13 16.16
N SER F 70 -6.84 0.08 15.75
CA SER F 70 -6.31 1.31 16.34
C SER F 70 -6.51 1.38 17.87
N ARG F 71 -7.70 1.05 18.37
CA ARG F 71 -7.87 1.03 19.82
CA ARG F 71 -7.87 1.02 19.81
C ARG F 71 -6.81 0.11 20.42
N LYS F 72 -6.68 -1.13 19.92
CA LYS F 72 -5.73 -2.09 20.52
C LYS F 72 -4.29 -1.59 20.52
N GLU F 73 -3.89 -0.94 19.44
CA GLU F 73 -2.56 -0.34 19.40
C GLU F 73 -2.41 0.77 20.46
N LEU F 74 -3.45 1.60 20.59
CA LEU F 74 -3.48 2.69 21.56
C LEU F 74 -3.34 2.12 22.98
N GLU F 75 -4.00 0.99 23.27
CA GLU F 75 -3.91 0.41 24.60
C GLU F 75 -2.49 -0.05 24.88
N LYS F 76 -1.83 -0.66 23.90
CA LYS F 76 -0.42 -1.01 24.08
C LYS F 76 0.50 0.26 24.11
N LEU F 77 0.24 1.27 23.28
CA LEU F 77 1.05 2.49 23.31
C LEU F 77 0.93 3.30 24.60
N LEU F 78 -0.19 3.20 25.31
CA LEU F 78 -0.34 3.95 26.55
C LEU F 78 0.58 3.50 27.69
N GLU F 79 1.03 2.24 27.67
CA GLU F 79 1.97 1.76 28.70
C GLU F 79 3.27 2.55 28.65
N GLN F 80 3.65 3.00 27.45
CA GLN F 80 4.76 3.92 27.17
C GLN F 80 4.54 5.38 27.59
N LEU F 81 3.39 5.73 28.14
CA LEU F 81 3.09 7.11 28.41
C LEU F 81 2.86 7.28 29.88
N ASN F 82 2.86 8.52 30.33
CA ASN F 82 2.61 8.79 31.71
C ASN F 82 1.13 8.97 31.98
N GLN F 83 0.26 8.69 31.02
CA GLN F 83 -1.17 8.81 31.29
C GLN F 83 -1.64 7.74 32.28
N PRO F 84 -2.19 8.16 33.43
CA PRO F 84 -2.60 7.18 34.41
C PRO F 84 -3.99 6.60 34.15
N GLU F 85 -4.72 7.18 33.20
CA GLU F 85 -6.01 6.66 32.76
C GLU F 85 -6.01 6.57 31.25
N ALA F 86 -6.67 5.54 30.71
CA ALA F 86 -6.89 5.45 29.28
C ALA F 86 -8.26 6.04 28.93
N HIS F 87 -8.29 7.17 28.25
CA HIS F 87 -9.51 7.76 27.73
C HIS F 87 -9.65 7.57 26.21
N LEU F 88 -10.29 6.50 25.77
CA LEU F 88 -10.34 6.16 24.33
C LEU F 88 -11.79 6.20 23.87
N TYR F 89 -12.06 6.88 22.76
CA TYR F 89 -13.42 7.02 22.22
C TYR F 89 -13.39 6.70 20.74
N GLN F 90 -14.34 5.88 20.30
CA GLN F 90 -14.41 5.52 18.90
C GLN F 90 -15.15 6.65 18.18
N ILE F 91 -14.48 7.27 17.23
CA ILE F 91 -15.17 8.26 16.41
C ILE F 91 -14.72 8.06 14.97
N ASP F 92 -15.63 7.57 14.13
CA ASP F 92 -15.55 7.73 12.67
C ASP F 92 -16.15 9.09 12.25
N VAL F 93 -15.30 9.98 11.74
CA VAL F 93 -15.68 11.37 11.41
C VAL F 93 -16.54 11.44 10.14
N GLN F 94 -16.87 10.30 9.55
CA GLN F 94 -17.91 10.27 8.50
C GLN F 94 -19.31 10.44 9.07
N SER F 95 -19.43 10.24 10.38
CA SER F 95 -20.73 10.21 11.04
C SER F 95 -20.85 11.41 12.02
N ASP F 96 -21.86 12.25 11.82
CA ASP F 96 -22.10 13.41 12.67
C ASP F 96 -22.42 12.94 14.09
N GLU F 97 -23.26 11.91 14.16
CA GLU F 97 -23.67 11.40 15.47
CA GLU F 97 -23.67 11.25 15.40
C GLU F 97 -22.47 10.88 16.25
N GLU F 98 -21.49 10.28 15.59
CA GLU F 98 -20.31 9.79 16.32
C GLU F 98 -19.44 10.92 16.86
N VAL F 99 -19.29 11.98 16.05
CA VAL F 99 -18.54 13.16 16.46
C VAL F 99 -19.26 13.93 17.54
N ILE F 100 -20.58 14.08 17.35
CA ILE F 100 -21.41 14.76 18.34
C ILE F 100 -21.42 14.01 19.66
N ASN F 101 -21.73 12.71 19.62
CA ASN F 101 -21.81 11.92 20.82
C ASN F 101 -20.42 11.66 21.45
N GLY F 102 -19.40 11.52 20.63
CA GLY F 102 -18.06 11.30 21.15
C GLY F 102 -17.54 12.49 21.92
N PHE F 103 -17.77 13.70 21.39
CA PHE F 103 -17.33 14.90 22.11
C PHE F 103 -18.18 15.19 23.34
N GLU F 104 -19.48 14.96 23.23
CA GLU F 104 -20.33 15.03 24.43
C GLU F 104 -19.84 14.09 25.54
N GLN F 105 -19.49 12.85 25.17
CA GLN F 105 -18.98 11.88 26.13
C GLN F 105 -17.63 12.36 26.72
N ILE F 106 -16.73 12.85 25.87
CA ILE F 106 -15.45 13.37 26.34
C ILE F 106 -15.65 14.45 27.43
N GLY F 107 -16.51 15.43 27.13
CA GLY F 107 -16.94 16.43 28.11
C GLY F 107 -17.45 15.83 29.41
N LYS F 108 -18.31 14.83 29.31
CA LYS F 108 -18.83 14.23 30.53
C LYS F 108 -17.75 13.49 31.31
N ASP F 109 -16.76 12.92 30.64
CA ASP F 109 -15.74 12.15 31.37
C ASP F 109 -14.55 12.96 31.87
N VAL F 110 -14.10 13.97 31.12
CA VAL F 110 -12.93 14.77 31.49
C VAL F 110 -13.22 16.27 31.73
N GLY F 111 -14.44 16.71 31.47
CA GLY F 111 -14.76 18.14 31.55
C GLY F 111 -14.23 18.91 30.37
N ASN F 112 -13.92 20.19 30.56
CA ASN F 112 -13.48 21.05 29.47
C ASN F 112 -12.05 20.72 29.04
N ILE F 113 -11.80 20.99 27.76
CA ILE F 113 -10.54 20.68 27.11
C ILE F 113 -9.88 21.98 26.67
N ASP F 114 -8.63 21.90 26.23
CA ASP F 114 -7.86 23.06 25.88
C ASP F 114 -7.54 23.06 24.37
N GLY F 115 -7.69 21.92 23.70
CA GLY F 115 -7.42 21.88 22.27
C GLY F 115 -7.59 20.51 21.66
N VAL F 116 -7.52 20.47 20.34
CA VAL F 116 -7.70 19.23 19.59
C VAL F 116 -6.60 19.20 18.55
N TYR F 117 -5.95 18.03 18.45
CA TYR F 117 -5.04 17.69 17.36
C TYR F 117 -5.75 16.76 16.36
N HIS F 118 -5.97 17.28 15.15
CA HIS F 118 -6.59 16.52 14.09
C HIS F 118 -5.50 15.90 13.20
N SER F 119 -5.47 14.57 13.16
CA SER F 119 -4.49 13.84 12.33
C SER F 119 -5.20 12.78 11.45
N ILE F 120 -6.24 13.22 10.74
CA ILE F 120 -7.12 12.33 9.99
C ILE F 120 -7.19 12.72 8.51
N ALA F 121 -6.91 11.73 7.67
CA ALA F 121 -7.16 11.85 6.23
C ALA F 121 -7.39 10.47 5.64
N PHE F 122 -8.07 10.44 4.50
CA PHE F 122 -8.32 9.17 3.81
C PHE F 122 -8.61 9.42 2.36
N ALA F 123 -8.06 8.56 1.48
CA ALA F 123 -8.47 8.50 0.08
C ALA F 123 -8.28 7.05 -0.35
N ASN F 124 -9.06 6.60 -1.32
CA ASN F 124 -8.86 5.28 -1.95
C ASN F 124 -7.52 5.22 -2.68
N MET F 125 -6.85 4.08 -2.56
N MET F 125 -6.80 4.12 -2.47
CA MET F 125 -5.78 3.69 -3.47
CA MET F 125 -5.44 3.87 -2.99
C MET F 125 -6.18 3.84 -4.93
C MET F 125 -5.23 4.30 -4.42
N GLU F 126 -7.44 3.58 -5.25
N GLU F 126 -6.16 3.93 -5.29
CA GLU F 126 -7.84 3.42 -6.64
CA GLU F 126 -5.98 4.13 -6.72
C GLU F 126 -7.84 4.77 -7.33
C GLU F 126 -5.97 5.62 -7.08
N ASP F 127 -8.32 5.82 -6.67
N ASP F 127 -6.31 6.45 -6.09
CA ASP F 127 -8.21 7.15 -7.23
CA ASP F 127 -6.35 7.90 -6.28
C ASP F 127 -6.77 7.68 -7.12
C ASP F 127 -5.03 8.57 -5.87
N LEU F 128 -6.10 7.38 -6.00
N LEU F 128 -4.00 7.79 -5.54
CA LEU F 128 -4.74 7.89 -5.79
CA LEU F 128 -2.74 8.28 -5.00
C LEU F 128 -3.76 7.41 -6.85
C LEU F 128 -1.54 7.95 -5.90
N ARG F 129 -3.73 6.09 -7.08
N ARG F 129 -1.80 7.96 -7.20
CA ARG F 129 -2.90 5.49 -8.11
CA ARG F 129 -0.93 7.37 -8.23
C ARG F 129 -3.65 5.46 -9.46
C ARG F 129 -1.68 7.57 -9.54
N GLY F 130 -4.01 6.66 -9.91
N GLY F 130 -1.00 7.43 -10.67
CA GLY F 130 -4.60 6.90 -11.23
CA GLY F 130 -1.60 7.64 -11.97
C GLY F 130 -4.27 8.34 -11.58
C GLY F 130 -2.16 9.05 -12.15
N ARG F 131 -4.27 8.69 -12.86
N ARG F 131 -3.24 9.15 -12.91
CA ARG F 131 -4.06 10.09 -13.27
CA ARG F 131 -3.71 10.42 -13.45
C ARG F 131 -5.03 10.93 -12.49
C ARG F 131 -4.87 10.97 -12.65
N PHE F 132 -4.65 12.14 -12.05
CA PHE F 132 -5.62 12.92 -11.34
C PHE F 132 -6.91 13.16 -12.14
N SER F 133 -6.80 13.37 -13.44
CA SER F 133 -8.02 13.65 -14.22
C SER F 133 -9.02 12.46 -14.28
N GLU F 134 -8.59 11.27 -13.83
CA GLU F 134 -9.45 10.10 -13.82
C GLU F 134 -10.15 9.88 -12.49
N THR F 135 -9.93 10.78 -11.54
CA THR F 135 -10.51 10.64 -10.20
C THR F 135 -12.06 10.51 -10.27
N SER F 136 -12.63 9.52 -9.61
CA SER F 136 -14.08 9.35 -9.56
C SER F 136 -14.67 10.46 -8.67
N ARG F 137 -15.91 10.82 -8.97
CA ARG F 137 -16.71 11.69 -8.09
C ARG F 137 -16.72 11.09 -6.68
N GLU F 138 -17.00 9.80 -6.57
CA GLU F 138 -17.16 9.19 -5.23
C GLU F 138 -15.85 9.26 -4.43
N GLY F 139 -14.71 9.08 -5.08
CA GLY F 139 -13.42 9.12 -4.35
C GLY F 139 -12.97 10.55 -4.05
N PHE F 140 -13.34 11.51 -4.89
CA PHE F 140 -13.12 12.95 -4.60
C PHE F 140 -13.88 13.38 -3.36
N LEU F 141 -15.15 13.01 -3.29
CA LEU F 141 -15.97 13.51 -2.24
C LEU F 141 -15.65 12.78 -0.92
N LEU F 142 -15.25 11.49 -1.02
CA LEU F 142 -14.72 10.73 0.11
C LEU F 142 -13.48 11.42 0.73
N ALA F 143 -12.50 11.78 -0.10
CA ALA F 143 -11.34 12.45 0.49
C ALA F 143 -11.67 13.82 1.14
N GLN F 144 -12.60 14.58 0.55
CA GLN F 144 -13.03 15.88 1.12
C GLN F 144 -13.76 15.67 2.43
N ASP F 145 -14.60 14.64 2.45
CA ASP F 145 -15.44 14.36 3.62
C ASP F 145 -14.57 14.03 4.83
N ILE F 146 -13.69 13.04 4.69
CA ILE F 146 -12.89 12.58 5.83
C ILE F 146 -11.75 13.56 6.13
N SER F 147 -11.13 14.13 5.10
CA SER F 147 -9.87 14.83 5.28
C SER F 147 -10.04 16.34 5.47
N SER F 148 -11.23 16.92 5.17
CA SER F 148 -11.46 18.37 5.32
C SER F 148 -12.71 18.67 6.15
N TYR F 149 -13.86 18.15 5.70
CA TYR F 149 -15.10 18.46 6.39
C TYR F 149 -15.00 18.03 7.86
N SER F 150 -14.40 16.87 8.10
CA SER F 150 -14.23 16.37 9.46
C SER F 150 -13.77 17.48 10.44
N LEU F 151 -12.88 18.34 9.99
CA LEU F 151 -12.34 19.34 10.87
C LEU F 151 -13.45 20.31 11.25
N THR F 152 -14.35 20.65 10.31
CA THR F 152 -15.39 21.65 10.55
C THR F 152 -16.34 21.16 11.63
N ILE F 153 -16.79 19.92 11.49
CA ILE F 153 -17.69 19.39 12.50
C ILE F 153 -16.96 19.10 13.85
N VAL F 154 -15.72 18.62 13.78
CA VAL F 154 -14.93 18.49 15.02
C VAL F 154 -14.81 19.85 15.76
N ALA F 155 -14.47 20.90 15.02
CA ALA F 155 -14.34 22.26 15.59
C ALA F 155 -15.63 22.72 16.23
N HIS F 156 -16.73 22.41 15.57
CA HIS F 156 -18.04 22.80 16.11
C HIS F 156 -18.40 22.08 17.40
N GLU F 157 -18.07 20.79 17.50
CA GLU F 157 -18.39 20.06 18.74
C GLU F 157 -17.40 20.33 19.85
N ALA F 158 -16.12 20.41 19.49
CA ALA F 158 -15.05 20.70 20.46
C ALA F 158 -15.19 22.09 21.07
N LYS F 159 -15.69 23.07 20.30
CA LYS F 159 -16.02 24.41 20.81
CA LYS F 159 -15.94 24.41 20.87
C LYS F 159 -16.83 24.39 22.12
N LYS F 160 -17.72 23.40 22.23
CA LYS F 160 -18.58 23.32 23.37
C LYS F 160 -17.79 22.94 24.63
N LEU F 161 -16.61 22.32 24.50
CA LEU F 161 -15.73 22.04 25.66
C LEU F 161 -14.64 23.11 25.87
N MET F 162 -14.79 24.24 25.20
CA MET F 162 -13.77 25.26 25.23
C MET F 162 -14.40 26.62 25.53
N PRO F 163 -15.12 26.72 26.66
CA PRO F 163 -15.85 27.97 26.91
C PRO F 163 -14.95 29.19 27.02
N GLU F 164 -13.76 29.09 27.61
CA GLU F 164 -12.84 30.22 27.47
C GLU F 164 -11.79 30.19 26.37
N GLY F 165 -11.92 29.35 25.35
CA GLY F 165 -10.98 29.39 24.25
C GLY F 165 -10.06 28.17 24.24
N GLY F 166 -9.29 28.03 23.17
CA GLY F 166 -8.51 26.82 23.00
C GLY F 166 -7.75 26.90 21.70
N SER F 167 -7.21 25.77 21.29
CA SER F 167 -6.39 25.71 20.05
C SER F 167 -6.70 24.44 19.27
N ILE F 168 -6.97 24.54 17.98
CA ILE F 168 -7.24 23.34 17.22
C ILE F 168 -6.15 23.26 16.15
N VAL F 169 -5.53 22.09 16.01
CA VAL F 169 -4.48 21.91 14.99
C VAL F 169 -4.79 20.75 14.04
N ALA F 170 -4.61 20.95 12.73
CA ALA F 170 -4.84 19.93 11.72
C ALA F 170 -3.50 19.66 11.02
N THR F 171 -3.39 18.50 10.38
CA THR F 171 -2.14 18.12 9.73
C THR F 171 -2.31 18.19 8.22
N THR F 172 -1.43 18.89 7.53
CA THR F 172 -1.56 19.02 6.09
C THR F 172 -0.25 18.63 5.41
N TYR F 173 -0.19 18.77 4.10
CA TYR F 173 1.03 18.44 3.41
C TYR F 173 1.13 19.45 2.25
N LEU F 174 2.36 19.76 1.87
CA LEU F 174 2.70 20.73 0.83
C LEU F 174 1.92 20.51 -0.47
N GLY F 175 1.49 19.26 -0.67
CA GLY F 175 0.68 18.95 -1.85
C GLY F 175 -0.65 19.68 -1.85
N GLY F 176 -1.03 20.28 -0.71
CA GLY F 176 -2.22 21.16 -0.65
C GLY F 176 -1.94 22.54 -1.22
N GLU F 177 -0.66 22.90 -1.36
CA GLU F 177 -0.30 24.20 -1.92
C GLU F 177 0.22 24.15 -3.36
N PHE F 178 0.79 23.04 -3.82
CA PHE F 178 1.44 22.89 -5.12
C PHE F 178 1.02 21.51 -5.62
N ALA F 179 1.01 21.30 -6.92
CA ALA F 179 0.69 19.98 -7.42
C ALA F 179 1.94 19.13 -7.38
N VAL F 180 1.86 18.09 -6.56
CA VAL F 180 2.94 17.11 -6.36
C VAL F 180 2.46 15.81 -7.02
N GLN F 181 3.20 15.34 -8.02
CA GLN F 181 2.93 14.08 -8.72
C GLN F 181 2.54 12.99 -7.73
N ASN F 182 1.43 12.31 -8.00
CA ASN F 182 0.90 11.18 -7.23
C ASN F 182 0.00 11.54 -6.07
N TYR F 183 0.07 12.77 -5.58
CA TYR F 183 -0.63 13.04 -4.34
C TYR F 183 -2.07 13.29 -4.74
N ASN F 184 -2.25 13.75 -5.98
CA ASN F 184 -3.53 13.76 -6.67
C ASN F 184 -4.72 14.21 -5.81
N VAL F 185 -5.68 13.32 -5.59
CA VAL F 185 -6.96 13.73 -5.00
C VAL F 185 -6.69 14.24 -3.57
N MET F 186 -5.65 13.71 -2.94
CA MET F 186 -5.39 14.16 -1.58
C MET F 186 -4.84 15.61 -1.55
N GLY F 187 -4.16 16.06 -2.61
CA GLY F 187 -3.73 17.46 -2.66
C GLY F 187 -4.92 18.41 -2.70
N VAL F 188 -5.94 18.07 -3.50
CA VAL F 188 -7.13 18.91 -3.56
C VAL F 188 -7.83 18.85 -2.20
N ALA F 189 -7.86 17.71 -1.53
CA ALA F 189 -8.47 17.68 -0.20
C ALA F 189 -7.65 18.46 0.83
N LYS F 190 -6.34 18.57 0.65
CA LYS F 190 -5.52 19.38 1.59
C LYS F 190 -5.63 20.86 1.28
N ALA F 191 -5.85 21.22 0.01
CA ALA F 191 -6.08 22.65 -0.28
C ALA F 191 -7.37 23.06 0.45
N SER F 192 -8.34 22.15 0.44
CA SER F 192 -9.66 22.36 1.05
C SER F 192 -9.49 22.41 2.57
N LEU F 193 -8.67 21.50 3.08
CA LEU F 193 -8.42 21.52 4.55
C LEU F 193 -7.71 22.84 4.99
N GLU F 194 -6.75 23.32 4.20
CA GLU F 194 -6.04 24.56 4.52
C GLU F 194 -6.97 25.79 4.54
N ALA F 195 -8.01 25.76 3.71
CA ALA F 195 -8.93 26.87 3.61
C ALA F 195 -9.88 26.76 4.80
N ASN F 196 -10.24 25.52 5.11
CA ASN F 196 -11.10 25.19 6.25
C ASN F 196 -10.47 25.76 7.53
N VAL F 197 -9.17 25.52 7.74
CA VAL F 197 -8.41 26.15 8.79
C VAL F 197 -8.51 27.69 8.81
N LYS F 198 -8.40 28.36 7.66
CA LYS F 198 -8.50 29.81 7.71
C LYS F 198 -9.92 30.24 8.09
N TYR F 199 -10.95 29.55 7.58
CA TYR F 199 -12.33 30.01 7.77
C TYR F 199 -12.76 29.68 9.19
N LEU F 200 -12.25 28.59 9.73
CA LEU F 200 -12.50 28.30 11.15
C LEU F 200 -11.76 29.33 12.02
N ALA F 201 -10.54 29.72 11.63
CA ALA F 201 -9.78 30.70 12.40
C ALA F 201 -10.64 31.96 12.52
N LEU F 202 -11.18 32.41 11.39
CA LEU F 202 -11.93 33.66 11.31
C LEU F 202 -13.19 33.54 12.16
N ASP F 203 -13.89 32.42 12.04
CA ASP F 203 -15.19 32.25 12.74
C ASP F 203 -15.05 32.07 14.26
N LEU F 204 -14.05 31.33 14.72
CA LEU F 204 -13.91 31.01 16.14
C LEU F 204 -12.97 31.96 16.86
N GLY F 205 -12.23 32.78 16.12
CA GLY F 205 -11.35 33.75 16.78
C GLY F 205 -12.04 34.59 17.83
N PRO F 206 -13.26 35.08 17.55
CA PRO F 206 -13.94 35.84 18.62
C PRO F 206 -14.25 35.01 19.87
N ASP F 207 -14.18 33.67 19.77
CA ASP F 207 -14.42 32.84 20.96
C ASP F 207 -13.09 32.49 21.59
N ASN F 208 -12.02 33.13 21.09
CA ASN F 208 -10.65 32.83 21.57
C ASN F 208 -10.22 31.37 21.29
N ILE F 209 -10.70 30.83 20.20
CA ILE F 209 -10.26 29.50 19.75
C ILE F 209 -9.39 29.71 18.52
N ARG F 210 -8.13 29.30 18.62
CA ARG F 210 -7.22 29.47 17.48
C ARG F 210 -7.22 28.20 16.65
N VAL F 211 -7.02 28.35 15.33
CA VAL F 211 -7.03 27.18 14.46
C VAL F 211 -5.88 27.34 13.50
N ASN F 212 -5.06 26.30 13.40
CA ASN F 212 -3.81 26.37 12.63
C ASN F 212 -3.53 25.02 12.00
N ALA F 213 -2.56 24.96 11.10
CA ALA F 213 -2.19 23.72 10.45
C ALA F 213 -0.68 23.53 10.65
N ILE F 214 -0.27 22.26 10.74
CA ILE F 214 1.13 21.90 10.51
C ILE F 214 1.26 21.20 9.16
N SER F 215 2.12 21.71 8.31
CA SER F 215 2.43 21.04 7.04
C SER F 215 3.66 20.13 7.27
N ALA F 216 3.44 18.85 7.54
CA ALA F 216 4.53 17.93 7.84
C ALA F 216 5.21 17.51 6.54
N GLY F 217 6.53 17.35 6.59
CA GLY F 217 7.29 16.67 5.57
C GLY F 217 6.93 15.18 5.55
N PRO F 218 7.37 14.47 4.50
CA PRO F 218 7.04 13.03 4.40
C PRO F 218 7.65 12.21 5.54
N ILE F 219 6.81 11.37 6.12
CA ILE F 219 7.15 10.51 7.24
C ILE F 219 6.61 9.11 6.97
N ARG F 220 7.45 8.09 7.12
CA ARG F 220 7.02 6.71 6.93
C ARG F 220 5.92 6.29 7.93
N THR F 221 4.67 6.32 7.47
CA THR F 221 3.53 5.89 8.27
C THR F 221 2.69 4.83 7.53
N LEU F 222 1.70 4.25 8.21
CA LEU F 222 0.80 3.32 7.53
C LEU F 222 0.16 3.97 6.30
N SER F 223 -0.37 5.18 6.44
CA SER F 223 -0.98 5.91 5.33
C SER F 223 -0.01 6.21 4.19
N ALA F 224 1.26 6.49 4.50
CA ALA F 224 2.29 6.67 3.46
C ALA F 224 2.39 5.48 2.52
N LYS F 225 2.07 4.28 3.00
CA LYS F 225 2.18 3.11 2.13
C LYS F 225 1.24 3.23 0.92
N GLY F 226 0.26 4.13 0.98
CA GLY F 226 -0.75 4.18 -0.07
C GLY F 226 -0.44 5.19 -1.15
N VAL F 227 0.61 5.99 -0.98
CA VAL F 227 0.98 7.02 -1.94
C VAL F 227 2.08 6.60 -2.95
N GLY F 228 1.78 6.66 -4.24
CA GLY F 228 2.83 6.41 -5.24
C GLY F 228 4.02 7.31 -5.09
N GLY F 229 5.21 6.75 -5.24
CA GLY F 229 6.46 7.51 -5.27
C GLY F 229 6.94 8.10 -3.97
N PHE F 230 6.41 7.60 -2.84
CA PHE F 230 6.80 8.11 -1.53
C PHE F 230 8.32 8.01 -1.23
N ASN F 231 8.94 6.88 -1.55
CA ASN F 231 10.39 6.75 -1.39
C ASN F 231 11.20 7.73 -2.25
N THR F 232 10.73 8.01 -3.46
CA THR F 232 11.44 8.97 -4.28
C THR F 232 11.44 10.37 -3.65
N ILE F 233 10.38 10.69 -2.92
CA ILE F 233 10.23 12.01 -2.35
C ILE F 233 11.03 12.12 -1.08
N LEU F 234 11.07 11.07 -0.27
CA LEU F 234 11.99 10.99 0.88
C LEU F 234 13.43 11.28 0.51
N LYS F 235 13.87 10.70 -0.59
CA LYS F 235 15.24 10.88 -1.04
C LYS F 235 15.46 12.29 -1.56
N GLU F 236 14.47 12.87 -2.22
CA GLU F 236 14.59 14.23 -2.74
C GLU F 236 14.70 15.24 -1.60
N ILE F 237 14.01 14.98 -0.49
CA ILE F 237 14.09 15.89 0.65
C ILE F 237 15.52 15.88 1.23
N GLU F 238 16.09 14.70 1.41
CA GLU F 238 17.46 14.56 1.90
C GLU F 238 18.43 15.29 0.98
N GLU F 239 18.26 15.13 -0.33
CA GLU F 239 19.20 15.76 -1.25
C GLU F 239 19.02 17.27 -1.42
N ARG F 240 17.79 17.78 -1.32
CA ARG F 240 17.47 19.17 -1.73
C ARG F 240 16.94 20.14 -0.65
N ALA F 241 16.31 19.66 0.41
CA ALA F 241 15.80 20.51 1.52
C ALA F 241 16.96 21.17 2.29
N PRO F 242 16.80 22.46 2.63
CA PRO F 242 17.79 23.23 3.37
C PRO F 242 18.47 22.39 4.46
N LEU F 243 17.70 21.62 5.23
CA LEU F 243 18.35 20.87 6.31
C LEU F 243 18.95 19.56 5.82
N LYS F 244 18.65 19.17 4.58
CA LYS F 244 19.31 17.98 4.02
C LYS F 244 19.03 16.71 4.80
N ARG F 245 17.83 16.62 5.38
CA ARG F 245 17.44 15.44 6.13
C ARG F 245 15.91 15.47 6.24
N ASN F 246 15.30 14.32 6.56
CA ASN F 246 13.86 14.25 6.64
C ASN F 246 13.46 14.54 8.07
N VAL F 247 12.19 14.85 8.31
CA VAL F 247 11.72 15.10 9.67
C VAL F 247 11.09 13.83 10.22
N ASP F 248 10.76 13.84 11.51
CA ASP F 248 10.01 12.74 12.13
C ASP F 248 8.81 13.24 12.93
N GLN F 249 8.07 12.28 13.45
CA GLN F 249 6.77 12.51 14.07
C GLN F 249 6.97 13.39 15.32
N VAL F 250 8.06 13.21 16.05
CA VAL F 250 8.35 13.99 17.25
C VAL F 250 8.62 15.46 16.95
N GLU F 251 9.22 15.74 15.80
CA GLU F 251 9.36 17.13 15.37
C GLU F 251 8.01 17.75 15.11
N VAL F 252 7.05 16.96 14.60
CA VAL F 252 5.72 17.48 14.36
C VAL F 252 5.05 17.73 15.68
N GLY F 253 5.16 16.76 16.58
CA GLY F 253 4.76 16.92 17.97
C GLY F 253 5.25 18.17 18.70
N LYS F 254 6.54 18.49 18.58
CA LYS F 254 7.10 19.69 19.20
C LYS F 254 6.45 20.98 18.68
N THR F 255 6.27 21.10 17.36
CA THR F 255 5.52 22.23 16.84
C THR F 255 4.05 22.21 17.24
N ALA F 256 3.47 21.02 17.42
CA ALA F 256 2.10 20.90 17.87
C ALA F 256 1.96 21.51 19.25
N ALA F 257 2.90 21.16 20.14
CA ALA F 257 2.93 21.67 21.49
C ALA F 257 3.02 23.20 21.51
N TYR F 258 3.87 23.78 20.67
CA TYR F 258 3.85 25.25 20.49
C TYR F 258 2.43 25.72 20.11
N LEU F 259 1.80 25.10 19.11
CA LEU F 259 0.51 25.58 18.57
C LEU F 259 -0.63 25.36 19.55
N LEU F 260 -0.54 24.33 20.35
CA LEU F 260 -1.58 24.00 21.32
C LEU F 260 -1.45 24.73 22.66
N SER F 261 -0.35 25.46 22.87
CA SER F 261 -0.12 26.13 24.12
C SER F 261 -0.20 27.65 23.96
N ASP F 262 -0.04 28.36 25.08
CA ASP F 262 0.02 29.82 25.13
C ASP F 262 1.28 30.40 24.45
N LEU F 263 2.27 29.58 24.12
CA LEU F 263 3.38 30.12 23.34
C LEU F 263 2.92 30.76 22.01
N SER F 264 1.85 30.25 21.43
CA SER F 264 1.47 30.72 20.11
C SER F 264 0.24 31.59 20.21
N SER F 265 0.00 32.16 21.39
CA SER F 265 -1.15 33.06 21.63
C SER F 265 -1.50 34.09 20.52
N GLY F 266 -0.55 34.66 19.80
CA GLY F 266 -1.12 35.55 18.76
C GLY F 266 -1.32 34.92 17.40
N VAL F 267 -1.27 33.60 17.31
CA VAL F 267 -1.08 32.92 16.02
C VAL F 267 -2.34 32.16 15.63
N THR F 268 -2.96 32.49 14.51
CA THR F 268 -4.14 31.73 14.12
C THR F 268 -4.30 31.88 12.61
N GLY F 269 -4.88 30.86 12.00
CA GLY F 269 -5.04 30.74 10.55
C GLY F 269 -3.70 30.49 9.87
N GLU F 270 -2.71 30.05 10.62
CA GLU F 270 -1.36 29.88 10.11
C GLU F 270 -1.14 28.43 9.65
N ASN F 271 -0.20 28.26 8.73
CA ASN F 271 0.27 26.92 8.32
C ASN F 271 1.78 26.82 8.57
N ILE F 272 2.21 26.09 9.59
CA ILE F 272 3.66 25.99 9.89
C ILE F 272 4.24 24.75 9.23
N HIS F 273 5.22 24.96 8.34
CA HIS F 273 5.89 23.82 7.69
C HIS F 273 7.00 23.24 8.56
N VAL F 274 6.82 21.97 8.94
CA VAL F 274 7.84 21.17 9.61
C VAL F 274 8.37 20.16 8.58
N ASP F 275 9.31 20.60 7.74
CA ASP F 275 9.62 19.90 6.51
C ASP F 275 11.06 20.18 6.10
N SER F 276 11.95 20.48 7.07
CA SER F 276 13.35 20.76 6.80
C SER F 276 13.56 21.93 5.84
N GLY F 277 12.53 22.76 5.66
CA GLY F 277 12.60 23.93 4.80
C GLY F 277 12.29 23.71 3.34
N PHE F 278 11.85 22.49 3.00
CA PHE F 278 11.59 22.13 1.63
C PHE F 278 10.55 23.03 0.98
N HIS F 279 9.57 23.52 1.72
CA HIS F 279 8.55 24.44 1.16
C HIS F 279 9.18 25.71 0.62
N ALA F 280 10.38 26.06 1.10
CA ALA F 280 10.88 27.42 0.84
C ALA F 280 11.70 27.42 -0.44
N ILE F 281 11.90 26.25 -1.05
CA ILE F 281 12.86 26.16 -2.15
C ILE F 281 12.20 25.68 -3.44
N LYS F 282 12.81 26.03 -4.57
CA LYS F 282 12.43 25.40 -5.83
C LYS F 282 13.68 25.01 -6.61
N ASN G 29 12.69 25.46 28.18
CA ASN G 29 13.86 25.78 29.05
C ASN G 29 15.19 26.13 28.32
N LEU G 30 15.66 27.36 28.46
CA LEU G 30 16.83 27.80 27.71
C LEU G 30 18.09 27.99 28.58
N GLU G 31 18.15 27.28 29.70
CA GLU G 31 19.36 27.32 30.52
C GLU G 31 20.53 26.81 29.68
N ASN G 32 21.67 27.47 29.81
CA ASN G 32 22.86 27.05 29.07
C ASN G 32 22.77 27.35 27.59
N LYS G 33 21.71 28.04 27.20
CA LYS G 33 21.64 28.74 25.91
C LYS G 33 22.07 30.20 26.03
N THR G 34 22.66 30.72 24.96
CA THR G 34 23.02 32.13 24.83
C THR G 34 22.47 32.72 23.52
N TYR G 35 21.75 33.83 23.61
CA TYR G 35 21.25 34.50 22.40
C TYR G 35 21.70 35.96 22.29
N VAL G 36 22.05 36.39 21.07
CA VAL G 36 22.30 37.78 20.79
C VAL G 36 20.97 38.42 20.34
N ILE G 37 20.51 39.47 21.04
CA ILE G 37 19.33 40.23 20.62
C ILE G 37 19.77 41.59 20.08
N MET G 38 19.47 41.85 18.81
CA MET G 38 19.85 43.09 18.15
C MET G 38 18.63 43.98 17.97
N GLY G 39 18.69 45.23 18.43
CA GLY G 39 17.63 46.19 18.13
C GLY G 39 16.69 46.58 19.27
N ILE G 40 17.11 46.43 20.52
CA ILE G 40 16.42 47.14 21.60
C ILE G 40 16.78 48.65 21.62
N ALA G 41 15.78 49.53 21.58
CA ALA G 41 15.97 50.96 21.81
C ALA G 41 15.34 51.41 23.12
N ASN G 42 14.21 50.81 23.50
CA ASN G 42 13.55 51.17 24.77
C ASN G 42 12.58 50.09 25.25
N LYS G 43 11.84 50.37 26.32
CA LYS G 43 10.96 49.36 26.89
C LYS G 43 9.89 48.87 25.90
N ARG G 44 9.52 49.65 24.87
CA ARG G 44 8.46 49.32 23.91
CA ARG G 44 8.44 49.20 23.98
C ARG G 44 9.01 48.50 22.73
N SER G 45 10.34 48.40 22.62
CA SER G 45 10.92 47.65 21.51
C SER G 45 10.37 46.21 21.44
N ILE G 46 10.07 45.74 20.23
CA ILE G 46 9.75 44.31 20.06
C ILE G 46 10.88 43.43 20.64
N ALA G 47 12.13 43.83 20.41
CA ALA G 47 13.29 43.05 20.88
C ALA G 47 13.29 42.92 22.40
N PHE G 48 12.77 43.91 23.11
CA PHE G 48 12.68 43.77 24.57
C PHE G 48 11.59 42.77 25.05
N GLY G 49 10.46 42.69 24.35
CA GLY G 49 9.50 41.57 24.50
C GLY G 49 10.15 40.20 24.34
N VAL G 50 10.99 40.05 23.33
CA VAL G 50 11.82 38.87 23.19
C VAL G 50 12.74 38.64 24.40
N ALA G 51 13.45 39.68 24.82
CA ALA G 51 14.45 39.56 25.88
C ALA G 51 13.76 39.13 27.17
N LYS G 52 12.60 39.71 27.46
CA LYS G 52 11.87 39.34 28.70
C LYS G 52 11.54 37.86 28.69
N VAL G 53 11.07 37.36 27.55
CA VAL G 53 10.67 35.95 27.49
C VAL G 53 11.89 35.04 27.55
N LEU G 54 12.89 35.30 26.71
CA LEU G 54 14.10 34.48 26.74
C LEU G 54 14.71 34.47 28.13
N ASP G 55 14.69 35.62 28.80
CA ASP G 55 15.37 35.81 30.07
C ASP G 55 14.66 35.01 31.13
N GLN G 56 13.34 35.01 31.04
CA GLN G 56 12.47 34.29 31.95
C GLN G 56 12.64 32.77 31.79
N LEU G 57 13.08 32.36 30.61
CA LEU G 57 13.25 30.94 30.35
C LEU G 57 14.67 30.49 30.64
N GLY G 58 15.46 31.37 31.24
CA GLY G 58 16.80 31.00 31.72
C GLY G 58 17.96 31.22 30.77
N ALA G 59 17.72 31.79 29.59
CA ALA G 59 18.81 32.02 28.66
C ALA G 59 19.79 33.11 29.12
N LYS G 60 21.04 33.01 28.65
CA LYS G 60 21.98 34.11 28.73
C LYS G 60 21.83 34.99 27.49
N LEU G 61 21.81 36.30 27.71
CA LEU G 61 21.52 37.28 26.67
C LEU G 61 22.64 38.32 26.48
N VAL G 62 22.89 38.66 25.23
CA VAL G 62 23.86 39.63 24.81
C VAL G 62 23.04 40.56 23.96
N PHE G 63 23.27 41.85 24.11
CA PHE G 63 22.46 42.88 23.48
C PHE G 63 23.34 43.76 22.60
N THR G 64 22.87 44.04 21.39
CA THR G 64 23.58 45.02 20.56
C THR G 64 22.71 46.25 20.30
N TYR G 65 23.36 47.43 20.22
CA TYR G 65 22.64 48.70 20.03
C TYR G 65 23.39 49.57 19.00
N ARG G 66 22.69 50.53 18.38
CA ARG G 66 23.35 51.61 17.64
C ARG G 66 23.60 52.92 18.44
N LYS G 67 22.53 53.60 18.88
CA LYS G 67 22.61 54.90 19.55
CA LYS G 67 22.67 54.90 19.53
C LYS G 67 23.03 54.77 21.02
N GLU G 68 23.81 55.73 21.51
CA GLU G 68 24.18 55.60 22.88
CA GLU G 68 24.18 55.88 22.92
C GLU G 68 22.95 55.68 23.77
N ARG G 69 21.88 56.36 23.34
CA ARG G 69 20.65 56.39 24.13
C ARG G 69 20.04 55.00 24.31
N SER G 70 20.10 54.18 23.27
CA SER G 70 19.62 52.79 23.37
C SER G 70 20.41 52.03 24.44
N ARG G 71 21.72 52.24 24.46
CA ARG G 71 22.55 51.56 25.47
C ARG G 71 22.16 51.97 26.89
N LYS G 72 21.90 53.27 27.08
CA LYS G 72 21.42 53.80 28.35
C LYS G 72 20.10 53.14 28.81
N GLU G 73 19.21 53.01 27.84
CA GLU G 73 17.94 52.35 28.08
C GLU G 73 18.13 50.86 28.40
N LEU G 74 19.07 50.21 27.74
CA LEU G 74 19.39 48.80 28.00
C LEU G 74 19.91 48.67 29.43
N GLU G 75 20.81 49.56 29.84
CA GLU G 75 21.32 49.46 31.22
C GLU G 75 20.20 49.52 32.25
N LYS G 76 19.23 50.42 32.06
CA LYS G 76 18.08 50.49 32.98
C LYS G 76 17.07 49.31 32.86
N LEU G 77 16.87 48.82 31.64
CA LEU G 77 16.02 47.65 31.38
C LEU G 77 16.62 46.36 31.90
N LEU G 78 17.95 46.26 31.90
CA LEU G 78 18.58 45.08 32.48
C LEU G 78 18.24 44.80 33.95
N GLU G 79 17.88 45.82 34.72
CA GLU G 79 17.53 45.62 36.13
C GLU G 79 16.18 44.94 36.32
N GLN G 80 15.38 44.94 35.26
CA GLN G 80 14.12 44.18 35.15
C GLN G 80 14.32 42.70 34.84
N LEU G 81 15.49 42.36 34.33
CA LEU G 81 15.81 41.00 33.90
C LEU G 81 16.65 40.30 34.97
N ASN G 82 16.88 39.01 34.78
CA ASN G 82 17.64 38.18 35.70
C ASN G 82 19.01 37.91 35.13
N GLN G 83 19.52 38.77 34.27
CA GLN G 83 20.85 38.56 33.72
C GLN G 83 21.90 38.95 34.77
N PRO G 84 22.84 38.06 35.11
CA PRO G 84 23.82 38.48 36.09
C PRO G 84 24.85 39.45 35.51
N GLU G 85 25.19 39.34 34.23
CA GLU G 85 26.04 40.36 33.62
C GLU G 85 25.35 41.13 32.50
N ALA G 86 25.83 42.36 32.33
CA ALA G 86 25.43 43.21 31.21
C ALA G 86 26.37 42.94 30.05
N HIS G 87 25.89 42.31 28.98
CA HIS G 87 26.76 42.10 27.84
C HIS G 87 26.25 42.99 26.72
N LEU G 88 26.84 44.16 26.52
CA LEU G 88 26.33 45.13 25.54
C LEU G 88 27.37 45.54 24.51
N TYR G 89 26.95 45.68 23.26
CA TYR G 89 27.88 45.91 22.18
C TYR G 89 27.28 46.88 21.18
N GLN G 90 28.07 47.84 20.76
CA GLN G 90 27.56 48.84 19.84
C GLN G 90 27.81 48.31 18.45
N ILE G 91 26.72 48.04 17.74
CA ILE G 91 26.83 47.56 16.38
C ILE G 91 25.88 48.36 15.48
N ASP G 92 26.49 49.24 14.70
CA ASP G 92 25.78 49.81 13.56
C ASP G 92 25.87 48.86 12.36
N VAL G 93 24.74 48.27 11.98
CA VAL G 93 24.77 47.29 10.90
C VAL G 93 25.09 47.89 9.51
N GLN G 94 25.23 49.22 9.44
CA GLN G 94 25.70 49.85 8.20
C GLN G 94 27.19 49.60 7.97
N SER G 95 27.91 49.25 9.03
CA SER G 95 29.36 49.08 8.98
C SER G 95 29.74 47.61 9.00
N ASP G 96 30.40 47.15 7.95
CA ASP G 96 30.99 45.81 7.99
C ASP G 96 31.88 45.60 9.22
N GLU G 97 32.76 46.57 9.51
CA GLU G 97 33.75 46.43 10.58
C GLU G 97 33.04 46.24 11.92
N GLU G 98 32.01 47.05 12.15
CA GLU G 98 31.32 46.97 13.43
C GLU G 98 30.59 45.64 13.62
N VAL G 99 30.01 45.09 12.56
CA VAL G 99 29.35 43.78 12.66
C VAL G 99 30.40 42.69 12.86
N ILE G 100 31.46 42.77 12.06
CA ILE G 100 32.52 41.76 12.11
C ILE G 100 33.20 41.74 13.47
N ASN G 101 33.68 42.91 13.93
CA ASN G 101 34.36 43.01 15.22
C ASN G 101 33.42 42.86 16.42
N GLY G 102 32.17 43.30 16.28
CA GLY G 102 31.19 43.05 17.34
C GLY G 102 30.96 41.56 17.63
N PHE G 103 30.69 40.79 16.58
CA PHE G 103 30.46 39.37 16.78
C PHE G 103 31.73 38.66 17.24
N GLU G 104 32.85 39.04 16.65
CA GLU G 104 34.15 38.47 17.08
C GLU G 104 34.43 38.74 18.57
N GLN G 105 34.13 39.96 19.02
CA GLN G 105 34.20 40.30 20.44
C GLN G 105 33.17 39.55 21.31
N ILE G 106 31.94 39.41 20.83
CA ILE G 106 30.93 38.66 21.55
C ILE G 106 31.46 37.26 21.84
N GLY G 107 32.10 36.68 20.82
CA GLY G 107 32.64 35.33 20.90
C GLY G 107 33.75 35.19 21.94
N LYS G 108 34.61 36.19 22.06
CA LYS G 108 35.65 36.18 23.10
C LYS G 108 35.08 36.34 24.50
N ASP G 109 34.06 37.18 24.64
CA ASP G 109 33.42 37.43 25.92
C ASP G 109 32.55 36.29 26.43
N VAL G 110 31.75 35.67 25.55
CA VAL G 110 30.84 34.62 25.99
C VAL G 110 31.02 33.25 25.29
N GLY G 111 31.91 33.17 24.31
CA GLY G 111 32.06 31.92 23.56
C GLY G 111 30.92 31.68 22.56
N ASN G 112 30.68 30.42 22.22
CA ASN G 112 29.74 30.05 21.18
C ASN G 112 28.31 30.46 21.54
N ILE G 113 27.50 30.80 20.55
CA ILE G 113 26.11 31.17 20.83
C ILE G 113 25.14 30.16 20.23
N ASP G 114 23.86 30.33 20.55
CA ASP G 114 22.80 29.45 20.08
C ASP G 114 21.90 30.10 19.04
N GLY G 115 21.91 31.43 18.95
CA GLY G 115 21.06 32.09 17.99
C GLY G 115 21.12 33.59 18.08
N VAL G 116 20.38 34.24 17.18
CA VAL G 116 20.39 35.70 17.00
C VAL G 116 18.96 36.10 16.69
N TYR G 117 18.43 37.01 17.51
CA TYR G 117 17.18 37.67 17.21
C TYR G 117 17.46 39.03 16.57
N HIS G 118 17.03 39.21 15.33
CA HIS G 118 17.32 40.43 14.59
C HIS G 118 16.04 41.26 14.57
N SER G 119 16.09 42.42 15.19
CA SER G 119 14.93 43.31 15.28
C SER G 119 15.34 44.70 14.78
N ILE G 120 15.87 44.76 13.56
CA ILE G 120 16.47 45.99 13.03
C ILE G 120 15.84 46.41 11.70
N ALA G 121 15.39 47.66 11.64
CA ALA G 121 14.97 48.27 10.37
C ALA G 121 15.09 49.78 10.41
N PHE G 122 15.24 50.40 9.25
CA PHE G 122 15.23 51.86 9.21
C PHE G 122 14.72 52.35 7.87
N ALA G 123 14.02 53.47 7.86
CA ALA G 123 13.78 54.18 6.59
C ALA G 123 13.56 55.61 6.96
N ASN G 124 13.92 56.55 6.09
CA ASN G 124 13.57 57.96 6.31
C ASN G 124 12.06 58.16 6.36
N MET G 125 11.66 59.12 7.19
CA MET G 125 10.25 59.47 7.32
C MET G 125 9.56 59.95 6.04
N GLU G 126 10.17 60.75 5.18
CA GLU G 126 9.55 61.03 3.87
C GLU G 126 8.94 59.79 3.20
N ASP G 127 9.55 58.63 3.45
CA ASP G 127 9.41 57.46 2.62
C ASP G 127 8.42 56.52 3.28
N LEU G 128 7.69 57.00 4.29
CA LEU G 128 6.72 56.15 4.97
C LEU G 128 5.30 56.77 4.95
N ARG G 129 5.03 57.42 3.82
CA ARG G 129 3.80 58.22 3.64
C ARG G 129 3.81 58.77 2.21
N GLY G 130 2.66 59.24 1.74
CA GLY G 130 2.60 59.84 0.39
C GLY G 130 2.91 58.78 -0.64
N ARG G 131 3.62 59.17 -1.71
CA ARG G 131 3.64 58.37 -2.94
C ARG G 131 4.89 57.48 -3.03
N PHE G 132 4.71 56.17 -3.03
CA PHE G 132 5.83 55.26 -3.17
C PHE G 132 6.63 55.54 -4.41
N SER G 133 5.96 55.91 -5.49
CA SER G 133 6.70 56.14 -6.76
C SER G 133 7.65 57.34 -6.69
N GLU G 134 7.52 58.18 -5.64
CA GLU G 134 8.45 59.31 -5.55
C GLU G 134 9.70 58.97 -4.72
N THR G 135 9.77 57.75 -4.17
CA THR G 135 10.91 57.31 -3.35
C THR G 135 12.28 57.63 -4.02
N SER G 136 13.23 58.18 -3.24
CA SER G 136 14.57 58.48 -3.78
C SER G 136 15.41 57.18 -3.79
N ARG G 137 16.36 57.10 -4.70
CA ARG G 137 17.31 55.99 -4.76
C ARG G 137 17.99 55.83 -3.41
N GLU G 138 18.38 56.97 -2.84
CA GLU G 138 19.18 56.98 -1.62
C GLU G 138 18.32 56.42 -0.48
N GLY G 139 17.05 56.84 -0.38
CA GLY G 139 16.16 56.32 0.65
C GLY G 139 15.82 54.85 0.48
N PHE G 140 15.65 54.41 -0.76
CA PHE G 140 15.36 53.00 -1.07
C PHE G 140 16.53 52.11 -0.69
N LEU G 141 17.76 52.53 -1.01
CA LEU G 141 18.91 51.68 -0.78
C LEU G 141 19.27 51.70 0.71
N LEU G 142 19.06 52.84 1.37
CA LEU G 142 19.21 52.93 2.83
C LEU G 142 18.38 51.88 3.54
N ALA G 143 17.09 51.85 3.20
CA ALA G 143 16.17 50.91 3.82
C ALA G 143 16.56 49.43 3.59
N GLN G 144 16.98 49.08 2.37
CA GLN G 144 17.49 47.76 2.01
C GLN G 144 18.75 47.41 2.78
N ASP G 145 19.64 48.38 2.94
CA ASP G 145 20.93 48.20 3.56
C ASP G 145 20.69 47.81 5.00
N ILE G 146 19.98 48.66 5.72
CA ILE G 146 19.80 48.44 7.18
C ILE G 146 18.78 47.34 7.47
N SER G 147 17.73 47.26 6.65
CA SER G 147 16.60 46.40 7.01
C SER G 147 16.68 45.06 6.32
N SER G 148 17.59 44.87 5.38
CA SER G 148 17.67 43.53 4.73
C SER G 148 19.12 43.02 4.66
N TYR G 149 20.02 43.79 4.07
CA TYR G 149 21.39 43.30 3.95
C TYR G 149 21.96 42.96 5.32
N SER G 150 21.63 43.75 6.36
CA SER G 150 22.19 43.51 7.68
C SER G 150 22.01 42.06 8.16
N LEU G 151 20.92 41.41 7.79
CA LEU G 151 20.69 40.04 8.22
C LEU G 151 21.73 39.12 7.58
N THR G 152 22.04 39.38 6.31
CA THR G 152 22.98 38.54 5.58
C THR G 152 24.35 38.55 6.25
N ILE G 153 24.84 39.75 6.48
CA ILE G 153 26.17 39.89 7.06
C ILE G 153 26.19 39.46 8.53
N VAL G 154 25.12 39.77 9.28
CA VAL G 154 25.02 39.28 10.65
C VAL G 154 25.09 37.76 10.66
N ALA G 155 24.34 37.12 9.76
CA ALA G 155 24.33 35.66 9.67
C ALA G 155 25.73 35.11 9.39
N HIS G 156 26.43 35.71 8.44
CA HIS G 156 27.77 35.29 8.09
C HIS G 156 28.67 35.33 9.33
N GLU G 157 28.57 36.41 10.12
CA GLU G 157 29.45 36.60 11.28
C GLU G 157 29.00 35.76 12.46
N ALA G 158 27.69 35.64 12.65
CA ALA G 158 27.15 34.85 13.76
C ALA G 158 27.41 33.35 13.57
N LYS G 159 27.48 32.88 12.33
CA LYS G 159 27.76 31.46 12.00
C LYS G 159 29.10 30.98 12.60
N LYS G 160 30.09 31.86 12.60
CA LYS G 160 31.38 31.60 13.27
C LYS G 160 31.23 31.19 14.74
N LEU G 161 30.14 31.58 15.39
CA LEU G 161 29.93 31.31 16.81
C LEU G 161 28.94 30.18 17.03
N MET G 162 28.62 29.46 15.95
CA MET G 162 27.57 28.45 16.01
C MET G 162 28.06 27.19 15.34
N PRO G 163 29.21 26.65 15.80
CA PRO G 163 29.81 25.48 15.18
C PRO G 163 28.86 24.30 15.17
N GLU G 164 28.11 24.09 16.25
CA GLU G 164 27.15 22.99 16.36
C GLU G 164 25.78 23.30 15.76
N GLY G 165 25.57 24.45 15.13
CA GLY G 165 24.24 24.82 14.65
C GLY G 165 23.56 25.82 15.57
N GLY G 166 22.41 26.34 15.14
CA GLY G 166 21.66 27.31 15.91
C GLY G 166 20.51 27.88 15.11
N SER G 167 20.02 29.04 15.54
CA SER G 167 18.76 29.61 15.03
C SER G 167 18.82 31.14 14.90
N ILE G 168 18.48 31.67 13.72
CA ILE G 168 18.45 33.10 13.49
C ILE G 168 17.02 33.50 13.11
N VAL G 169 16.48 34.53 13.78
CA VAL G 169 15.12 35.00 13.58
C VAL G 169 15.16 36.50 13.29
N ALA G 170 14.51 36.94 12.23
CA ALA G 170 14.36 38.36 11.93
C ALA G 170 12.88 38.76 12.02
N THR G 171 12.60 40.05 12.10
CA THR G 171 11.24 40.48 12.34
C THR G 171 10.73 41.14 11.08
N THR G 172 9.56 40.72 10.60
CA THR G 172 9.05 41.33 9.38
C THR G 172 7.60 41.80 9.55
N TYR G 173 7.01 42.32 8.48
CA TYR G 173 5.64 42.82 8.57
C TYR G 173 4.91 42.43 7.28
N LEU G 174 3.59 42.18 7.40
CA LEU G 174 2.74 41.81 6.26
C LEU G 174 2.94 42.70 5.04
N GLY G 175 3.31 43.96 5.25
CA GLY G 175 3.70 44.86 4.13
C GLY G 175 4.77 44.34 3.20
N GLY G 176 5.54 43.33 3.62
CA GLY G 176 6.49 42.64 2.74
C GLY G 176 5.81 41.71 1.72
N GLU G 177 4.60 41.29 2.04
CA GLU G 177 3.84 40.30 1.28
C GLU G 177 2.73 40.94 0.44
N PHE G 178 2.17 42.09 0.86
CA PHE G 178 1.10 42.82 0.13
C PHE G 178 1.40 44.30 0.16
N ALA G 179 0.81 45.10 -0.73
CA ALA G 179 1.05 46.55 -0.73
C ALA G 179 0.14 47.16 0.34
N VAL G 180 0.71 47.61 1.45
CA VAL G 180 -0.05 48.29 2.51
C VAL G 180 0.17 49.80 2.37
N GLN G 181 -0.91 50.59 2.27
CA GLN G 181 -0.78 52.02 2.03
C GLN G 181 0.15 52.65 3.08
N ASN G 182 1.08 53.53 2.68
CA ASN G 182 2.04 54.21 3.56
C ASN G 182 3.30 53.41 3.94
N TYR G 183 3.21 52.08 4.02
CA TYR G 183 4.39 51.32 4.38
C TYR G 183 5.46 51.43 3.30
N ASN G 184 5.03 51.59 2.05
CA ASN G 184 5.87 52.15 0.99
C ASN G 184 7.26 51.49 0.97
N VAL G 185 8.33 52.24 1.19
CA VAL G 185 9.70 51.76 0.94
C VAL G 185 10.06 50.59 1.88
N MET G 186 9.51 50.62 3.10
CA MET G 186 9.76 49.51 4.02
C MET G 186 9.08 48.21 3.55
N GLY G 187 7.97 48.31 2.82
CA GLY G 187 7.38 47.12 2.25
C GLY G 187 8.33 46.37 1.31
N VAL G 188 9.02 47.13 0.45
CA VAL G 188 9.92 46.51 -0.51
C VAL G 188 11.15 46.03 0.26
N ALA G 189 11.55 46.75 1.32
CA ALA G 189 12.66 46.27 2.15
C ALA G 189 12.30 44.97 2.85
N LYS G 190 11.05 44.86 3.30
CA LYS G 190 10.66 43.60 3.97
C LYS G 190 10.49 42.42 3.01
N ALA G 191 10.03 42.67 1.77
CA ALA G 191 10.01 41.60 0.76
C ALA G 191 11.44 41.04 0.59
N SER G 192 12.37 41.97 0.47
CA SER G 192 13.79 41.68 0.34
C SER G 192 14.28 40.89 1.56
N LEU G 193 13.89 41.33 2.75
CA LEU G 193 14.23 40.59 3.97
C LEU G 193 13.66 39.17 4.02
N GLU G 194 12.40 39.03 3.66
CA GLU G 194 11.77 37.71 3.64
C GLU G 194 12.42 36.73 2.64
N ALA G 195 12.89 37.23 1.51
CA ALA G 195 13.62 36.39 0.56
C ALA G 195 15.01 36.10 1.13
N ASN G 196 15.58 37.06 1.86
CA ASN G 196 16.89 36.91 2.47
C ASN G 196 16.84 35.73 3.47
N VAL G 197 15.79 35.68 4.30
CA VAL G 197 15.58 34.57 5.23
C VAL G 197 15.52 33.20 4.52
N LYS G 198 14.82 33.12 3.38
CA LYS G 198 14.78 31.87 2.58
C LYS G 198 16.14 31.47 2.01
N TYR G 199 16.85 32.42 1.39
CA TYR G 199 18.17 32.14 0.83
C TYR G 199 19.21 31.75 1.90
N LEU G 200 19.13 32.42 3.06
CA LEU G 200 20.02 32.09 4.17
C LEU G 200 19.67 30.71 4.70
N ALA G 201 18.37 30.43 4.79
CA ALA G 201 17.88 29.13 5.23
C ALA G 201 18.49 27.99 4.41
N LEU G 202 18.50 28.17 3.09
CA LEU G 202 19.00 27.14 2.18
C LEU G 202 20.51 27.04 2.34
N ASP G 203 21.14 28.20 2.44
CA ASP G 203 22.61 28.28 2.43
C ASP G 203 23.20 27.70 3.72
N LEU G 204 22.53 27.97 4.84
CA LEU G 204 23.08 27.61 6.15
C LEU G 204 22.44 26.38 6.78
N GLY G 205 21.34 25.89 6.20
CA GLY G 205 20.76 24.58 6.56
C GLY G 205 21.73 23.42 6.70
N PRO G 206 22.65 23.25 5.74
CA PRO G 206 23.58 22.12 5.90
C PRO G 206 24.51 22.29 7.10
N ASP G 207 24.55 23.49 7.69
CA ASP G 207 25.36 23.72 8.89
C ASP G 207 24.52 23.62 10.16
N ASN G 208 23.29 23.12 9.99
CA ASN G 208 22.32 23.08 11.07
C ASN G 208 22.02 24.47 11.68
N ILE G 209 22.05 25.51 10.84
CA ILE G 209 21.57 26.80 11.32
C ILE G 209 20.22 27.08 10.67
N ARG G 210 19.17 27.17 11.49
CA ARG G 210 17.85 27.54 10.97
C ARG G 210 17.70 29.06 10.85
N VAL G 211 16.94 29.50 9.83
CA VAL G 211 16.69 30.92 9.70
C VAL G 211 15.20 31.12 9.43
N ASN G 212 14.54 31.95 10.22
CA ASN G 212 13.11 32.14 10.08
C ASN G 212 12.77 33.60 10.35
N ALA G 213 11.52 33.97 10.07
CA ALA G 213 11.00 35.31 10.29
C ALA G 213 9.77 35.18 11.16
N ILE G 214 9.53 36.22 11.94
CA ILE G 214 8.23 36.44 12.58
C ILE G 214 7.60 37.67 11.97
N SER G 215 6.38 37.53 11.47
CA SER G 215 5.67 38.66 10.86
C SER G 215 4.77 39.24 11.94
N ALA G 216 5.24 40.30 12.62
CA ALA G 216 4.48 40.85 13.73
C ALA G 216 3.35 41.76 13.25
N GLY G 217 2.21 41.67 13.93
CA GLY G 217 1.16 42.64 13.77
C GLY G 217 1.61 44.02 14.24
N PRO G 218 0.82 45.06 13.94
CA PRO G 218 1.29 46.37 14.45
C PRO G 218 1.32 46.52 15.99
N ILE G 219 2.39 47.14 16.49
CA ILE G 219 2.71 47.32 17.91
C ILE G 219 3.28 48.74 18.10
N ARG G 220 2.77 49.47 19.08
CA ARG G 220 3.20 50.84 19.33
CA ARG G 220 3.20 50.84 19.33
C ARG G 220 4.63 50.84 19.83
N THR G 221 5.56 51.26 18.98
CA THR G 221 6.95 51.33 19.36
C THR G 221 7.48 52.68 18.88
N LEU G 222 8.74 52.99 19.19
CA LEU G 222 9.33 54.21 18.70
C LEU G 222 9.28 54.25 17.16
N SER G 223 9.71 53.18 16.51
CA SER G 223 9.66 53.13 15.05
C SER G 223 8.28 53.32 14.42
N ALA G 224 7.22 52.82 15.05
CA ALA G 224 5.84 52.95 14.54
C ALA G 224 5.42 54.42 14.46
N LYS G 225 6.08 55.27 15.25
CA LYS G 225 5.70 56.69 15.26
C LYS G 225 6.05 57.31 13.91
N GLY G 226 6.90 56.66 13.13
CA GLY G 226 7.20 57.24 11.83
C GLY G 226 6.37 56.76 10.65
N VAL G 227 5.52 55.77 10.87
CA VAL G 227 4.68 55.25 9.80
C VAL G 227 3.34 55.98 9.70
N GLY G 228 3.06 56.59 8.56
CA GLY G 228 1.74 57.23 8.41
C GLY G 228 0.62 56.24 8.56
N GLY G 229 -0.50 56.64 9.14
CA GLY G 229 -1.69 55.79 9.21
C GLY G 229 -1.58 54.62 10.16
N PHE G 230 -0.55 54.58 10.99
CA PHE G 230 -0.38 53.48 11.95
C PHE G 230 -1.62 53.29 12.85
N ASN G 231 -2.12 54.38 13.43
CA ASN G 231 -3.30 54.29 14.29
C ASN G 231 -4.56 53.75 13.58
N THR G 232 -4.75 54.14 12.32
CA THR G 232 -5.86 53.62 11.55
C THR G 232 -5.79 52.08 11.40
N ILE G 233 -4.59 51.56 11.10
CA ILE G 233 -4.38 50.12 10.94
C ILE G 233 -4.53 49.37 12.28
N LEU G 234 -4.09 49.93 13.40
CA LEU G 234 -4.26 49.29 14.72
C LEU G 234 -5.73 48.97 15.01
N LYS G 235 -6.57 49.96 14.75
CA LYS G 235 -8.01 49.83 14.94
C LYS G 235 -8.65 48.85 13.94
N GLU G 236 -8.16 48.83 12.69
CA GLU G 236 -8.69 47.90 11.69
C GLU G 236 -8.39 46.47 12.17
N ILE G 237 -7.20 46.23 12.70
CA ILE G 237 -6.90 44.91 13.26
C ILE G 237 -7.97 44.50 14.27
N GLU G 238 -8.28 45.37 15.23
CA GLU G 238 -9.25 45.01 16.28
C GLU G 238 -10.61 44.68 15.70
N GLU G 239 -11.01 45.44 14.69
CA GLU G 239 -12.32 45.22 14.11
C GLU G 239 -12.38 44.00 13.20
N ARG G 240 -11.27 43.61 12.57
CA ARG G 240 -11.32 42.69 11.44
CA ARG G 240 -11.33 42.70 11.43
C ARG G 240 -10.49 41.41 11.62
N ALA G 241 -9.43 41.44 12.41
CA ALA G 241 -8.60 40.24 12.54
C ALA G 241 -9.41 39.16 13.30
N PRO G 242 -9.23 37.88 12.96
CA PRO G 242 -9.90 36.79 13.67
C PRO G 242 -9.96 36.95 15.20
N LEU G 243 -8.85 37.31 15.85
CA LEU G 243 -8.90 37.41 17.29
C LEU G 243 -9.48 38.74 17.77
N LYS G 244 -9.77 39.69 16.89
CA LYS G 244 -10.42 40.95 17.29
C LYS G 244 -9.66 41.69 18.38
N ARG G 245 -8.34 41.66 18.31
CA ARG G 245 -7.50 42.38 19.25
C ARG G 245 -6.11 42.47 18.61
N ASN G 246 -5.34 43.45 19.06
CA ASN G 246 -3.95 43.57 18.66
C ASN G 246 -3.01 42.66 19.45
N VAL G 247 -1.77 42.48 18.99
CA VAL G 247 -0.84 41.59 19.64
C VAL G 247 0.15 42.50 20.38
N ASP G 248 0.99 41.94 21.23
CA ASP G 248 2.02 42.74 21.89
C ASP G 248 3.38 42.09 21.81
N GLN G 249 4.38 42.82 22.33
CA GLN G 249 5.79 42.45 22.18
C GLN G 249 6.07 41.08 22.82
N VAL G 250 5.41 40.78 23.92
CA VAL G 250 5.62 39.50 24.60
C VAL G 250 5.12 38.32 23.74
N GLU G 251 4.03 38.54 23.02
CA GLU G 251 3.56 37.52 22.11
C GLU G 251 4.56 37.23 20.99
N VAL G 252 5.17 38.27 20.42
CA VAL G 252 6.29 38.08 19.52
C VAL G 252 7.39 37.33 20.27
N GLY G 253 7.72 37.73 21.49
CA GLY G 253 8.76 37.03 22.27
C GLY G 253 8.53 35.50 22.42
N LYS G 254 7.30 35.12 22.71
CA LYS G 254 6.93 33.72 22.89
C LYS G 254 7.10 32.94 21.59
N THR G 255 6.72 33.52 20.45
CA THR G 255 6.99 32.81 19.20
C THR G 255 8.48 32.74 18.94
N ALA G 256 9.23 33.79 19.28
CA ALA G 256 10.69 33.78 19.17
C ALA G 256 11.35 32.65 19.96
N ALA G 257 10.88 32.44 21.20
CA ALA G 257 11.39 31.37 22.06
C ALA G 257 11.21 30.00 21.36
N TYR G 258 10.10 29.86 20.62
CA TYR G 258 9.84 28.65 19.85
C TYR G 258 10.84 28.52 18.71
N LEU G 259 11.00 29.61 17.97
CA LEU G 259 11.82 29.60 16.79
C LEU G 259 13.29 29.40 17.15
N LEU G 260 13.70 29.90 18.32
CA LEU G 260 15.10 29.91 18.71
C LEU G 260 15.49 28.66 19.49
N SER G 261 14.51 27.82 19.85
CA SER G 261 14.75 26.66 20.68
C SER G 261 14.59 25.35 19.87
N ASP G 262 14.95 24.24 20.48
CA ASP G 262 14.76 22.94 19.86
C ASP G 262 13.28 22.63 19.57
N LEU G 263 12.31 23.34 20.15
CA LEU G 263 10.93 23.01 19.84
C LEU G 263 10.65 23.15 18.34
N SER G 264 11.42 23.97 17.65
CA SER G 264 11.16 24.21 16.25
C SER G 264 12.17 23.52 15.33
N SER G 265 12.83 22.49 15.83
N SER G 265 12.71 22.37 15.72
CA SER G 265 13.74 21.72 14.98
CA SER G 265 13.89 21.81 15.04
C SER G 265 12.91 21.21 13.82
C SER G 265 13.73 21.53 13.54
N GLY G 266 13.48 21.22 12.62
N GLY G 266 12.50 21.24 13.12
CA GLY G 266 12.69 20.88 11.45
CA GLY G 266 12.26 20.84 11.73
C GLY G 266 12.08 22.08 10.74
C GLY G 266 11.94 22.03 10.84
N VAL G 267 12.03 23.23 11.41
CA VAL G 267 11.43 24.44 10.79
C VAL G 267 12.49 25.45 10.37
N THR G 268 12.50 25.80 9.10
CA THR G 268 13.44 26.78 8.59
C THR G 268 12.87 27.36 7.30
N GLY G 269 13.32 28.56 6.93
CA GLY G 269 12.81 29.31 5.77
C GLY G 269 11.35 29.72 5.94
N GLU G 270 10.82 29.62 7.17
CA GLU G 270 9.40 29.86 7.50
C GLU G 270 9.15 31.30 8.02
N ASN G 271 7.93 31.80 7.82
CA ASN G 271 7.52 33.12 8.29
C ASN G 271 6.24 32.89 9.11
N ILE G 272 6.34 33.11 10.41
CA ILE G 272 5.21 32.90 11.32
C ILE G 272 4.53 34.22 11.68
N HIS G 273 3.29 34.43 11.22
CA HIS G 273 2.47 35.59 11.55
C HIS G 273 1.99 35.58 13.01
N VAL G 274 2.45 36.56 13.78
CA VAL G 274 1.96 36.73 15.15
C VAL G 274 1.15 38.03 15.13
N ASP G 275 -0.12 37.91 14.73
CA ASP G 275 -0.85 39.08 14.20
C ASP G 275 -2.35 38.90 14.28
N SER G 276 -2.78 38.09 15.26
CA SER G 276 -4.18 37.87 15.49
C SER G 276 -4.94 37.28 14.31
N GLY G 277 -4.21 36.77 13.32
CA GLY G 277 -4.83 36.07 12.19
C GLY G 277 -5.04 36.95 10.97
N PHE G 278 -4.59 38.21 11.01
CA PHE G 278 -5.01 39.20 10.05
C PHE G 278 -4.49 38.80 8.69
N HIS G 279 -3.32 38.17 8.67
CA HIS G 279 -2.72 37.72 7.40
C HIS G 279 -3.63 36.74 6.64
N ALA G 280 -4.50 36.05 7.37
CA ALA G 280 -5.27 34.98 6.74
C ALA G 280 -6.58 35.45 6.13
N ILE G 281 -6.90 36.74 6.24
CA ILE G 281 -8.25 37.19 5.87
C ILE G 281 -8.12 38.27 4.81
N LYS G 282 -9.18 38.47 4.06
CA LYS G 282 -9.24 39.58 3.15
C LYS G 282 -10.63 40.16 3.21
N ASN H 29 -4.71 44.12 -31.33
CA ASN H 29 -4.11 45.11 -32.24
C ASN H 29 -3.55 46.36 -31.55
N LEU H 30 -2.27 46.66 -31.75
CA LEU H 30 -1.62 47.76 -31.03
C LEU H 30 -1.22 48.91 -31.97
N GLU H 31 -1.94 49.09 -33.07
CA GLU H 31 -1.70 50.24 -33.94
C GLU H 31 -2.02 51.45 -33.11
N ASN H 32 -1.27 52.54 -33.28
CA ASN H 32 -1.48 53.73 -32.45
C ASN H 32 -1.18 53.60 -30.96
N LYS H 33 -0.54 52.49 -30.59
CA LYS H 33 0.15 52.41 -29.31
C LYS H 33 1.63 52.68 -29.47
N THR H 34 2.23 53.16 -28.40
CA THR H 34 3.67 53.39 -28.35
C THR H 34 4.21 52.82 -27.08
N TYR H 35 5.20 51.95 -27.20
CA TYR H 35 5.77 51.36 -25.99
C TYR H 35 7.28 51.58 -25.91
N VAL H 36 7.79 51.76 -24.70
CA VAL H 36 9.23 51.94 -24.53
C VAL H 36 9.71 50.59 -23.98
N ILE H 37 10.72 50.02 -24.63
CA ILE H 37 11.25 48.72 -24.23
C ILE H 37 12.67 48.92 -23.73
N MET H 38 12.91 48.55 -22.49
CA MET H 38 14.21 48.81 -21.91
C MET H 38 14.91 47.46 -21.73
N GLY H 39 16.12 47.33 -22.28
CA GLY H 39 16.97 46.21 -21.91
C GLY H 39 17.20 45.19 -23.01
N ILE H 40 17.14 45.61 -24.28
CA ILE H 40 17.72 44.79 -25.36
C ILE H 40 19.26 44.86 -25.44
N ALA H 41 19.90 43.69 -25.27
CA ALA H 41 21.35 43.52 -25.49
C ALA H 41 21.71 42.87 -26.84
N ASN H 42 21.04 41.77 -27.20
CA ASN H 42 21.27 41.13 -28.51
C ASN H 42 20.00 40.39 -28.96
N LYS H 43 20.13 39.61 -30.04
CA LYS H 43 19.02 38.81 -30.60
C LYS H 43 18.37 37.85 -29.60
N ARG H 44 19.05 37.57 -28.51
CA ARG H 44 18.55 36.62 -27.54
C ARG H 44 17.86 37.27 -26.34
N SER H 45 17.88 38.60 -26.26
CA SER H 45 17.28 39.21 -25.06
C SER H 45 15.77 38.92 -24.95
N ILE H 46 15.27 38.70 -23.74
CA ILE H 46 13.83 38.60 -23.55
C ILE H 46 13.10 39.82 -24.15
N ALA H 47 13.63 41.01 -23.90
CA ALA H 47 13.08 42.25 -24.46
C ALA H 47 13.00 42.29 -26.00
N PHE H 48 13.83 41.52 -26.69
CA PHE H 48 13.69 41.51 -28.15
C PHE H 48 12.51 40.65 -28.67
N GLY H 49 12.26 39.56 -27.99
CA GLY H 49 11.02 38.81 -28.14
C GLY H 49 9.74 39.60 -27.89
N VAL H 50 9.70 40.36 -26.79
CA VAL H 50 8.73 41.43 -26.62
C VAL H 50 8.62 42.32 -27.83
N ALA H 51 9.76 42.88 -28.25
CA ALA H 51 9.79 43.74 -29.39
C ALA H 51 9.12 43.11 -30.61
N LYS H 52 9.45 41.86 -30.91
CA LYS H 52 9.04 41.27 -32.20
C LYS H 52 7.52 41.11 -32.17
N VAL H 53 7.03 40.77 -30.98
CA VAL H 53 5.61 40.56 -30.84
C VAL H 53 4.80 41.86 -30.94
N LEU H 54 5.28 42.92 -30.29
CA LEU H 54 4.56 44.18 -30.26
C LEU H 54 4.66 44.77 -31.65
N ASP H 55 5.82 44.55 -32.26
CA ASP H 55 6.03 45.13 -33.57
C ASP H 55 5.09 44.47 -34.59
N GLN H 56 4.89 43.16 -34.45
CA GLN H 56 4.05 42.41 -35.39
C GLN H 56 2.59 42.84 -35.17
N LEU H 57 2.24 43.20 -33.94
CA LEU H 57 0.89 43.67 -33.61
C LEU H 57 0.63 45.16 -33.94
N GLY H 58 1.53 45.81 -34.68
CA GLY H 58 1.35 47.18 -35.15
C GLY H 58 1.76 48.35 -34.25
N ALA H 59 2.57 48.10 -33.23
CA ALA H 59 2.87 49.15 -32.25
C ALA H 59 4.07 49.99 -32.68
N LYS H 60 4.13 51.26 -32.28
CA LYS H 60 5.37 52.04 -32.40
C LYS H 60 6.25 51.74 -31.19
N LEU H 61 7.53 51.45 -31.40
CA LEU H 61 8.41 51.11 -30.31
C LEU H 61 9.58 52.10 -30.18
N VAL H 62 9.94 52.35 -28.92
CA VAL H 62 11.11 53.12 -28.54
C VAL H 62 12.00 52.20 -27.72
N PHE H 63 13.31 52.24 -27.91
CA PHE H 63 14.20 51.29 -27.23
C PHE H 63 15.18 52.03 -26.35
N THR H 64 15.42 51.51 -25.14
CA THR H 64 16.53 52.07 -24.39
C THR H 64 17.62 51.02 -24.17
N TYR H 65 18.87 51.49 -24.18
CA TYR H 65 20.03 50.65 -23.96
C TYR H 65 21.03 51.32 -23.02
N ARG H 66 21.87 50.51 -22.39
CA ARG H 66 22.93 51.00 -21.49
C ARG H 66 24.25 51.38 -22.19
N LYS H 67 24.99 50.44 -22.76
CA LYS H 67 26.33 50.78 -23.28
C LYS H 67 26.31 51.00 -24.81
N GLU H 68 27.45 51.22 -25.45
CA GLU H 68 27.39 51.32 -26.92
C GLU H 68 27.23 49.97 -27.64
N ARG H 69 28.03 48.97 -27.27
CA ARG H 69 27.80 47.57 -27.61
C ARG H 69 26.33 47.23 -27.88
N SER H 70 25.45 47.56 -26.94
CA SER H 70 24.06 47.23 -27.19
C SER H 70 23.42 48.15 -28.25
N ARG H 71 24.07 49.29 -28.55
CA ARG H 71 23.55 50.23 -29.56
C ARG H 71 23.71 49.75 -30.98
N LYS H 72 24.94 49.66 -31.46
CA LYS H 72 25.23 49.19 -32.82
C LYS H 72 24.48 47.90 -33.13
N GLU H 73 24.67 46.91 -32.27
CA GLU H 73 23.77 45.77 -32.11
C GLU H 73 22.27 46.01 -32.33
N LEU H 74 21.72 46.92 -31.53
CA LEU H 74 20.34 47.33 -31.63
C LEU H 74 19.99 47.83 -33.01
N GLU H 75 20.79 48.74 -33.55
CA GLU H 75 20.48 49.32 -34.84
C GLU H 75 20.35 48.22 -35.90
N LYS H 76 21.15 47.16 -35.76
CA LYS H 76 21.11 45.98 -36.65
C LYS H 76 19.90 45.09 -36.45
N LEU H 77 19.58 44.77 -35.20
CA LEU H 77 18.39 44.00 -34.91
C LEU H 77 17.11 44.63 -35.46
N LEU H 78 17.00 45.95 -35.40
CA LEU H 78 15.77 46.68 -35.72
C LEU H 78 15.34 46.55 -37.18
N GLU H 79 16.27 46.11 -38.03
CA GLU H 79 15.89 45.87 -39.40
C GLU H 79 15.01 44.64 -39.57
N GLN H 80 15.11 43.70 -38.63
CA GLN H 80 14.16 42.60 -38.53
C GLN H 80 12.72 43.07 -38.24
N LEU H 81 12.57 44.24 -37.62
CA LEU H 81 11.27 44.75 -37.18
C LEU H 81 10.72 45.62 -38.30
N ASN H 82 9.45 45.98 -38.28
CA ASN H 82 8.93 46.88 -39.31
C ASN H 82 8.84 48.27 -38.73
N GLN H 83 9.68 48.60 -37.76
CA GLN H 83 9.67 49.98 -37.27
C GLN H 83 10.16 50.90 -38.39
N PRO H 84 9.33 51.89 -38.84
CA PRO H 84 9.85 52.76 -39.89
C PRO H 84 10.90 53.74 -39.40
N GLU H 85 10.92 54.06 -38.09
CA GLU H 85 12.15 54.64 -37.57
C GLU H 85 12.71 54.12 -36.26
N ALA H 86 14.01 54.30 -36.16
CA ALA H 86 14.82 53.80 -35.06
C ALA H 86 14.84 54.85 -33.95
N HIS H 87 13.95 54.69 -32.97
CA HIS H 87 13.96 55.57 -31.80
C HIS H 87 14.74 54.88 -30.67
N LEU H 88 15.96 55.33 -30.46
CA LEU H 88 16.89 54.68 -29.56
C LEU H 88 17.43 55.69 -28.58
N TYR H 89 17.41 55.37 -27.30
CA TYR H 89 17.93 56.27 -26.28
C TYR H 89 18.84 55.55 -25.29
N GLN H 90 19.91 56.22 -24.91
CA GLN H 90 20.82 55.61 -23.95
C GLN H 90 20.34 55.94 -22.54
N ILE H 91 20.10 54.90 -21.76
CA ILE H 91 19.75 55.08 -20.38
C ILE H 91 20.39 53.99 -19.51
N ASP H 92 21.38 54.41 -18.72
CA ASP H 92 21.78 53.67 -17.53
C ASP H 92 20.88 54.00 -16.34
N VAL H 93 20.13 52.99 -15.88
CA VAL H 93 19.18 53.16 -14.78
C VAL H 93 19.85 53.39 -13.43
N GLN H 94 21.18 53.34 -13.40
CA GLN H 94 21.88 53.81 -12.21
C GLN H 94 21.91 55.32 -12.08
N SER H 95 21.59 56.06 -13.14
CA SER H 95 21.65 57.51 -13.08
C SER H 95 20.25 58.11 -13.15
N ASP H 96 19.77 58.74 -12.08
CA ASP H 96 18.52 59.49 -12.13
C ASP H 96 18.50 60.39 -13.38
N GLU H 97 19.59 61.12 -13.59
CA GLU H 97 19.64 62.08 -14.69
C GLU H 97 19.29 61.45 -16.01
N GLU H 98 19.91 60.30 -16.28
CA GLU H 98 19.75 59.68 -17.59
C GLU H 98 18.31 59.13 -17.74
N VAL H 99 17.73 58.62 -16.64
CA VAL H 99 16.33 58.17 -16.64
C VAL H 99 15.43 59.39 -16.88
N ILE H 100 15.61 60.43 -16.05
CA ILE H 100 14.86 61.68 -16.16
C ILE H 100 14.97 62.26 -17.56
N ASN H 101 16.19 62.51 -18.04
CA ASN H 101 16.41 63.16 -19.34
C ASN H 101 16.02 62.28 -20.52
N GLY H 102 16.23 60.97 -20.34
CA GLY H 102 15.83 59.96 -21.32
C GLY H 102 14.33 59.96 -21.57
N PHE H 103 13.52 59.90 -20.50
CA PHE H 103 12.08 59.92 -20.72
C PHE H 103 11.57 61.30 -21.18
N GLU H 104 12.23 62.35 -20.71
CA GLU H 104 11.97 63.68 -21.24
C GLU H 104 12.14 63.76 -22.75
N GLN H 105 13.29 63.34 -23.31
CA GLN H 105 13.45 63.35 -24.78
C GLN H 105 12.44 62.48 -25.56
N ILE H 106 12.19 61.28 -25.05
CA ILE H 106 11.17 60.39 -25.61
C ILE H 106 9.86 61.16 -25.80
N GLY H 107 9.33 61.72 -24.72
CA GLY H 107 8.22 62.66 -24.77
C GLY H 107 8.31 63.71 -25.87
N LYS H 108 9.42 64.44 -25.97
CA LYS H 108 9.51 65.45 -27.01
C LYS H 108 9.59 64.82 -28.39
N ASP H 109 10.12 63.60 -28.51
CA ASP H 109 10.41 63.09 -29.86
C ASP H 109 9.23 62.34 -30.46
N VAL H 110 8.41 61.78 -29.58
CA VAL H 110 7.54 60.71 -29.95
C VAL H 110 6.15 60.99 -29.36
N GLY H 111 6.07 61.69 -28.22
CA GLY H 111 4.80 62.11 -27.64
C GLY H 111 4.42 61.23 -26.45
N ASN H 112 3.14 61.20 -26.10
CA ASN H 112 2.70 60.36 -24.98
C ASN H 112 2.81 58.89 -25.36
N ILE H 113 3.07 58.06 -24.36
CA ILE H 113 3.27 56.64 -24.55
C ILE H 113 2.17 55.86 -23.86
N ASP H 114 2.07 54.58 -24.23
CA ASP H 114 1.06 53.70 -23.64
C ASP H 114 1.61 52.70 -22.64
N GLY H 115 2.92 52.51 -22.62
CA GLY H 115 3.46 51.68 -21.54
C GLY H 115 4.95 51.46 -21.68
N VAL H 116 5.50 50.72 -20.72
CA VAL H 116 6.94 50.45 -20.66
C VAL H 116 7.15 48.98 -20.33
N TYR H 117 7.99 48.32 -21.12
CA TYR H 117 8.47 46.98 -20.77
C TYR H 117 9.89 47.11 -20.16
N HIS H 118 10.02 46.73 -18.90
CA HIS H 118 11.29 46.80 -18.19
C HIS H 118 11.94 45.43 -18.22
N SER H 119 13.10 45.34 -18.89
CA SER H 119 13.78 44.04 -18.98
C SER H 119 15.24 44.20 -18.54
N ILE H 120 15.46 44.71 -17.32
CA ILE H 120 16.77 45.16 -16.88
C ILE H 120 17.09 44.51 -15.53
N ALA H 121 18.27 43.90 -15.43
CA ALA H 121 18.73 43.38 -14.14
C ALA H 121 20.23 43.23 -14.12
N PHE H 122 20.85 43.21 -12.94
CA PHE H 122 22.30 43.00 -12.87
C PHE H 122 22.73 42.53 -11.50
N ALA H 123 23.75 41.68 -11.49
CA ALA H 123 24.49 41.38 -10.27
C ALA H 123 25.93 41.03 -10.67
N ASN H 124 26.88 41.19 -9.77
CA ASN H 124 28.22 40.62 -10.00
C ASN H 124 28.23 39.10 -10.05
N MET H 125 28.92 38.61 -11.07
CA MET H 125 28.92 37.20 -11.40
C MET H 125 29.37 36.34 -10.21
N GLU H 126 30.26 36.83 -9.35
CA GLU H 126 30.72 36.02 -8.22
C GLU H 126 29.64 35.76 -7.17
N ASP H 127 28.60 36.60 -7.22
CA ASP H 127 27.52 36.50 -6.29
C ASP H 127 26.55 35.42 -6.77
N LEU H 128 26.62 35.00 -8.04
CA LEU H 128 25.57 34.13 -8.62
C LEU H 128 25.97 32.65 -8.59
N ARG H 129 26.75 32.35 -7.56
CA ARG H 129 27.23 30.99 -7.33
C ARG H 129 27.71 30.91 -5.89
N GLY H 130 28.01 29.70 -5.44
CA GLY H 130 28.51 29.48 -4.10
C GLY H 130 27.51 29.94 -3.06
N ARG H 131 28.02 30.59 -2.02
CA ARG H 131 27.27 30.77 -0.75
C ARG H 131 26.63 32.16 -0.65
N PHE H 132 25.30 32.19 -0.65
CA PHE H 132 24.59 33.44 -0.47
C PHE H 132 25.06 34.26 0.72
N SER H 133 25.41 33.59 1.82
CA SER H 133 25.76 34.28 3.05
C SER H 133 27.08 35.07 2.96
N GLU H 134 27.86 34.80 1.91
CA GLU H 134 29.08 35.52 1.67
C GLU H 134 28.88 36.74 0.75
N THR H 135 27.65 37.06 0.36
CA THR H 135 27.42 38.23 -0.47
C THR H 135 27.98 39.56 0.12
N SER H 136 28.73 40.34 -0.68
CA SER H 136 29.16 41.66 -0.23
C SER H 136 28.02 42.71 -0.20
N ARG H 137 28.20 43.72 0.66
CA ARG H 137 27.22 44.77 0.81
C ARG H 137 27.05 45.50 -0.51
N GLU H 138 28.19 45.71 -1.18
CA GLU H 138 28.26 46.42 -2.44
CA GLU H 138 28.23 46.44 -2.44
C GLU H 138 27.50 45.63 -3.51
N GLY H 139 27.75 44.33 -3.55
CA GLY H 139 27.04 43.47 -4.50
C GLY H 139 25.55 43.41 -4.26
N PHE H 140 25.16 43.41 -2.99
CA PHE H 140 23.76 43.26 -2.65
C PHE H 140 23.04 44.55 -3.05
N LEU H 141 23.67 45.70 -2.79
CA LEU H 141 23.03 46.99 -3.03
C LEU H 141 23.04 47.28 -4.54
N LEU H 142 24.06 46.84 -5.26
CA LEU H 142 24.09 46.98 -6.74
C LEU H 142 22.91 46.27 -7.43
N ALA H 143 22.65 45.05 -6.96
CA ALA H 143 21.62 44.24 -7.57
C ALA H 143 20.25 44.87 -7.27
N GLN H 144 20.02 45.32 -6.02
CA GLN H 144 18.81 46.07 -5.69
C GLN H 144 18.64 47.34 -6.53
N ASP H 145 19.72 48.08 -6.70
CA ASP H 145 19.70 49.36 -7.38
C ASP H 145 19.21 49.14 -8.83
N ILE H 146 19.93 48.28 -9.56
CA ILE H 146 19.67 48.11 -10.99
C ILE H 146 18.43 47.27 -11.29
N SER H 147 18.14 46.31 -10.41
CA SER H 147 17.16 45.27 -10.68
C SER H 147 15.78 45.56 -10.02
N SER H 148 15.77 46.44 -9.03
CA SER H 148 14.54 46.78 -8.39
C SER H 148 14.26 48.27 -8.41
N TYR H 149 15.15 49.09 -7.84
CA TYR H 149 14.86 50.52 -7.70
C TYR H 149 14.65 51.12 -9.09
N SER H 150 15.34 50.58 -10.10
CA SER H 150 15.21 51.18 -11.43
C SER H 150 13.75 51.19 -11.87
N LEU H 151 12.96 50.20 -11.47
CA LEU H 151 11.54 50.22 -11.83
C LEU H 151 10.81 51.42 -11.23
N THR H 152 11.15 51.77 -10.00
CA THR H 152 10.46 52.88 -9.27
C THR H 152 10.66 54.22 -9.96
N ILE H 153 11.89 54.49 -10.38
CA ILE H 153 12.15 55.79 -10.96
C ILE H 153 11.76 55.82 -12.44
N VAL H 154 11.94 54.71 -13.13
CA VAL H 154 11.36 54.57 -14.45
C VAL H 154 9.83 54.78 -14.44
N ALA H 155 9.13 54.17 -13.47
CA ALA H 155 7.68 54.37 -13.34
C ALA H 155 7.32 55.84 -13.12
N HIS H 156 8.01 56.48 -12.16
CA HIS H 156 7.84 57.91 -11.92
C HIS H 156 8.02 58.79 -13.16
N GLU H 157 9.04 58.52 -13.97
CA GLU H 157 9.30 59.38 -15.12
C GLU H 157 8.34 59.07 -16.27
N ALA H 158 8.08 57.77 -16.47
CA ALA H 158 7.17 57.29 -17.50
C ALA H 158 5.73 57.79 -17.28
N LYS H 159 5.28 57.87 -16.02
CA LYS H 159 3.96 58.37 -15.68
C LYS H 159 3.71 59.72 -16.37
N LYS H 160 4.74 60.55 -16.49
CA LYS H 160 4.60 61.86 -17.10
C LYS H 160 4.18 61.81 -18.58
N LEU H 161 4.44 60.68 -19.23
CA LEU H 161 4.02 60.44 -20.62
C LEU H 161 2.73 59.62 -20.77
N MET H 162 2.09 59.32 -19.64
CA MET H 162 0.84 58.55 -19.66
C MET H 162 -0.31 59.31 -18.98
N PRO H 163 -0.59 60.55 -19.40
CA PRO H 163 -1.64 61.28 -18.68
C PRO H 163 -3.00 60.55 -18.71
N GLU H 164 -3.30 59.74 -19.71
CA GLU H 164 -4.57 59.01 -19.66
C GLU H 164 -4.46 57.58 -19.17
N GLY H 165 -3.33 57.19 -18.59
CA GLY H 165 -3.21 55.83 -18.10
C GLY H 165 -2.30 55.02 -18.99
N GLY H 166 -1.97 53.80 -18.57
CA GLY H 166 -0.97 53.07 -19.33
C GLY H 166 -0.63 51.80 -18.61
N SER H 167 0.44 51.16 -19.05
CA SER H 167 0.70 49.84 -18.48
C SER H 167 2.21 49.63 -18.39
N ILE H 168 2.66 49.11 -17.25
CA ILE H 168 4.11 48.91 -17.00
C ILE H 168 4.38 47.46 -16.55
N VAL H 169 5.30 46.78 -17.22
CA VAL H 169 5.55 45.37 -17.00
C VAL H 169 7.03 45.17 -16.79
N ALA H 170 7.38 44.51 -15.70
CA ALA H 170 8.76 44.09 -15.46
C ALA H 170 8.88 42.55 -15.53
N THR H 171 10.12 42.06 -15.57
CA THR H 171 10.43 40.65 -15.77
C THR H 171 11.10 40.12 -14.56
N THR H 172 10.55 39.06 -13.98
CA THR H 172 11.11 38.52 -12.76
C THR H 172 11.38 37.02 -12.97
N TYR H 173 11.78 36.33 -11.91
CA TYR H 173 12.05 34.91 -12.04
C TYR H 173 11.53 34.31 -10.73
N LEU H 174 11.21 33.02 -10.75
CA LEU H 174 10.66 32.30 -9.57
C LEU H 174 11.60 32.35 -8.38
N GLY H 175 12.90 32.57 -8.61
CA GLY H 175 13.84 32.75 -7.51
C GLY H 175 13.50 33.94 -6.62
N GLY H 176 12.61 34.82 -7.06
CA GLY H 176 12.16 35.91 -6.18
C GLY H 176 11.16 35.43 -5.15
N GLU H 177 10.53 34.28 -5.40
CA GLU H 177 9.48 33.72 -4.55
C GLU H 177 9.97 32.56 -3.70
N PHE H 178 10.96 31.81 -4.19
CA PHE H 178 11.52 30.66 -3.49
C PHE H 178 13.02 30.75 -3.61
N ALA H 179 13.76 30.24 -2.62
CA ALA H 179 15.22 30.09 -2.72
C ALA H 179 15.63 28.99 -3.72
N VAL H 180 16.29 29.43 -4.78
CA VAL H 180 16.82 28.60 -5.86
C VAL H 180 18.36 28.66 -5.76
N GLN H 181 18.96 27.51 -5.49
CA GLN H 181 20.40 27.36 -5.44
C GLN H 181 21.08 28.21 -6.54
N ASN H 182 22.07 29.02 -6.16
CA ASN H 182 22.89 29.81 -7.11
C ASN H 182 22.35 31.18 -7.50
N TYR H 183 21.02 31.33 -7.59
CA TYR H 183 20.42 32.60 -7.94
C TYR H 183 20.68 33.69 -6.90
N ASN H 184 20.71 33.29 -5.62
CA ASN H 184 21.38 34.01 -4.55
C ASN H 184 20.95 35.47 -4.47
N VAL H 185 21.87 36.42 -4.69
CA VAL H 185 21.57 37.85 -4.59
C VAL H 185 20.47 38.32 -5.57
N MET H 186 20.44 37.74 -6.77
CA MET H 186 19.38 38.10 -7.70
C MET H 186 17.99 37.67 -7.16
N GLY H 187 17.91 36.61 -6.37
CA GLY H 187 16.63 36.17 -5.82
C GLY H 187 16.05 37.23 -4.88
N VAL H 188 16.93 37.79 -4.06
CA VAL H 188 16.54 38.81 -3.09
C VAL H 188 16.21 40.09 -3.85
N ALA H 189 16.96 40.41 -4.91
CA ALA H 189 16.58 41.54 -5.76
C ALA H 189 15.24 41.35 -6.51
N LYS H 190 14.93 40.15 -7.04
CA LYS H 190 13.63 39.89 -7.65
C LYS H 190 12.50 39.90 -6.61
N ALA H 191 12.74 39.44 -5.40
CA ALA H 191 11.71 39.56 -4.36
C ALA H 191 11.39 41.05 -4.10
N SER H 192 12.45 41.82 -3.91
CA SER H 192 12.33 43.29 -3.86
C SER H 192 11.55 43.81 -5.09
N LEU H 193 11.95 43.41 -6.29
CA LEU H 193 11.21 43.84 -7.49
C LEU H 193 9.71 43.48 -7.51
N GLU H 194 9.37 42.25 -7.17
CA GLU H 194 7.97 41.83 -7.15
C GLU H 194 7.15 42.66 -6.18
N ALA H 195 7.74 43.03 -5.04
CA ALA H 195 7.01 43.92 -4.14
C ALA H 195 6.96 45.36 -4.68
N ASN H 196 7.99 45.76 -5.41
CA ASN H 196 8.03 47.08 -6.02
C ASN H 196 6.82 47.19 -6.96
N VAL H 197 6.56 46.09 -7.69
CA VAL H 197 5.40 46.00 -8.56
C VAL H 197 4.09 46.19 -7.78
N LYS H 198 3.89 45.44 -6.71
CA LYS H 198 2.69 45.69 -5.91
C LYS H 198 2.54 47.15 -5.43
N TYR H 199 3.62 47.73 -4.91
CA TYR H 199 3.53 49.11 -4.41
C TYR H 199 3.30 50.15 -5.50
N LEU H 200 3.89 49.97 -6.68
CA LEU H 200 3.61 50.91 -7.78
C LEU H 200 2.15 50.72 -8.25
N ALA H 201 1.67 49.46 -8.23
CA ALA H 201 0.31 49.22 -8.66
C ALA H 201 -0.66 49.98 -7.79
N LEU H 202 -0.42 49.93 -6.49
CA LEU H 202 -1.30 50.60 -5.54
C LEU H 202 -1.20 52.13 -5.75
N ASP H 203 0.04 52.62 -5.85
CA ASP H 203 0.30 54.06 -5.99
C ASP H 203 -0.31 54.61 -7.29
N LEU H 204 -0.04 53.93 -8.40
CA LEU H 204 -0.35 54.49 -9.73
C LEU H 204 -1.70 54.06 -10.25
N GLY H 205 -2.35 53.14 -9.52
CA GLY H 205 -3.71 52.65 -9.88
C GLY H 205 -4.69 53.80 -10.11
N PRO H 206 -4.69 54.80 -9.23
CA PRO H 206 -5.67 55.90 -9.42
C PRO H 206 -5.41 56.73 -10.67
N ASP H 207 -4.19 56.65 -11.22
CA ASP H 207 -3.89 57.36 -12.44
C ASP H 207 -4.12 56.48 -13.67
N ASN H 208 -4.71 55.30 -13.41
CA ASN H 208 -5.00 54.31 -14.45
C ASN H 208 -3.74 53.78 -15.10
N ILE H 209 -2.68 53.65 -14.29
CA ILE H 209 -1.48 53.02 -14.77
C ILE H 209 -1.44 51.68 -14.03
N ARG H 210 -1.41 50.61 -14.82
CA ARG H 210 -1.31 49.25 -14.27
C ARG H 210 0.15 48.85 -14.23
N VAL H 211 0.56 48.08 -13.22
CA VAL H 211 1.96 47.65 -13.12
C VAL H 211 1.92 46.18 -12.79
N ASN H 212 2.54 45.36 -13.66
CA ASN H 212 2.55 43.91 -13.48
C ASN H 212 3.93 43.33 -13.75
N ALA H 213 4.12 42.07 -13.37
CA ALA H 213 5.34 41.35 -13.68
C ALA H 213 5.02 40.10 -14.50
N ILE H 214 5.99 39.72 -15.33
CA ILE H 214 6.02 38.41 -15.95
C ILE H 214 7.16 37.68 -15.32
N SER H 215 6.85 36.53 -14.71
CA SER H 215 7.87 35.60 -14.22
C SER H 215 8.25 34.52 -15.25
N ALA H 216 9.32 34.76 -16.03
CA ALA H 216 9.74 33.92 -17.14
C ALA H 216 10.49 32.74 -16.58
N GLY H 217 10.32 31.59 -17.23
CA GLY H 217 11.14 30.41 -16.93
C GLY H 217 12.53 30.62 -17.53
N PRO H 218 13.45 29.70 -17.21
CA PRO H 218 14.80 29.86 -17.69
C PRO H 218 14.87 29.85 -19.23
N ILE H 219 15.62 30.82 -19.75
CA ILE H 219 15.80 31.12 -21.16
C ILE H 219 17.27 31.45 -21.36
N ARG H 220 17.91 30.83 -22.35
CA ARG H 220 19.32 31.03 -22.67
C ARG H 220 19.53 32.43 -23.27
N THR H 221 20.06 33.34 -22.46
CA THR H 221 20.37 34.70 -22.87
C THR H 221 21.77 35.09 -22.41
N LEU H 222 22.25 36.26 -22.84
CA LEU H 222 23.56 36.76 -22.46
C LEU H 222 23.65 36.84 -20.93
N SER H 223 22.59 37.26 -20.25
CA SER H 223 22.63 37.32 -18.79
C SER H 223 22.64 35.95 -18.17
N ALA H 224 21.92 34.99 -18.77
CA ALA H 224 21.95 33.61 -18.28
C ALA H 224 23.36 33.01 -18.21
N LYS H 225 24.29 33.43 -19.06
CA LYS H 225 25.64 32.85 -18.99
C LYS H 225 26.26 33.09 -17.62
N GLY H 226 25.79 34.12 -16.92
CA GLY H 226 26.41 34.51 -15.66
C GLY H 226 25.90 33.77 -14.43
N VAL H 227 24.86 32.95 -14.58
CA VAL H 227 24.24 32.29 -13.42
C VAL H 227 24.75 30.87 -13.27
N GLY H 228 25.28 30.54 -12.11
CA GLY H 228 25.69 29.16 -11.85
C GLY H 228 24.55 28.17 -12.06
N GLY H 229 24.85 27.06 -12.74
CA GLY H 229 23.93 25.93 -12.82
C GLY H 229 22.71 26.18 -13.70
N PHE H 230 22.80 27.15 -14.60
CA PHE H 230 21.67 27.47 -15.48
C PHE H 230 21.29 26.27 -16.37
N ASN H 231 22.29 25.65 -16.99
CA ASN H 231 22.05 24.47 -17.83
C ASN H 231 21.28 23.37 -17.11
N THR H 232 21.68 23.06 -15.89
CA THR H 232 20.94 22.06 -15.11
C THR H 232 19.48 22.40 -14.91
N ILE H 233 19.19 23.68 -14.65
CA ILE H 233 17.83 24.11 -14.38
C ILE H 233 17.00 24.00 -15.65
N LEU H 234 17.59 24.39 -16.78
CA LEU H 234 16.97 24.20 -18.09
C LEU H 234 16.44 22.78 -18.30
N LYS H 235 17.29 21.79 -18.07
CA LYS H 235 16.89 20.42 -18.25
C LYS H 235 15.87 19.99 -17.18
N GLU H 236 15.95 20.55 -15.99
CA GLU H 236 14.96 20.17 -15.00
C GLU H 236 13.55 20.62 -15.43
N ILE H 237 13.40 21.80 -16.03
CA ILE H 237 12.11 22.24 -16.51
C ILE H 237 11.51 21.21 -17.47
N GLU H 238 12.29 20.81 -18.47
CA GLU H 238 11.85 19.84 -19.47
C GLU H 238 11.28 18.62 -18.83
N GLU H 239 12.00 18.15 -17.82
CA GLU H 239 11.67 16.88 -17.21
C GLU H 239 10.47 16.99 -16.27
N ARG H 240 10.33 18.12 -15.58
CA ARG H 240 9.41 18.21 -14.47
CA ARG H 240 9.44 18.24 -14.45
C ARG H 240 8.26 19.19 -14.68
N ALA H 241 8.41 20.19 -15.55
CA ALA H 241 7.31 21.17 -15.69
C ALA H 241 6.08 20.51 -16.34
N PRO H 242 4.86 20.97 -15.97
CA PRO H 242 3.62 20.45 -16.58
C PRO H 242 3.69 20.35 -18.10
N LEU H 243 4.23 21.36 -18.78
CA LEU H 243 4.28 21.28 -20.24
C LEU H 243 5.47 20.47 -20.72
N LYS H 244 6.38 20.10 -19.83
CA LYS H 244 7.46 19.21 -20.24
C LYS H 244 8.32 19.84 -21.35
N ARG H 245 8.51 21.15 -21.32
CA ARG H 245 9.36 21.81 -22.32
C ARG H 245 9.72 23.16 -21.71
N ASN H 246 10.69 23.84 -22.33
CA ASN H 246 11.07 25.17 -21.93
C ASN H 246 10.27 26.23 -22.68
N VAL H 247 10.25 27.46 -22.14
CA VAL H 247 9.61 28.58 -22.82
C VAL H 247 10.64 29.37 -23.66
N ASP H 248 10.19 30.29 -24.53
CA ASP H 248 11.12 31.16 -25.25
C ASP H 248 10.72 32.65 -25.17
N GLN H 249 11.56 33.51 -25.74
CA GLN H 249 11.38 34.96 -25.62
C GLN H 249 10.03 35.41 -26.21
N VAL H 250 9.61 34.75 -27.29
CA VAL H 250 8.37 35.10 -27.97
C VAL H 250 7.16 34.76 -27.08
N GLU H 251 7.21 33.68 -26.30
CA GLU H 251 6.11 33.40 -25.38
C GLU H 251 5.99 34.47 -24.30
N VAL H 252 7.13 34.92 -23.75
CA VAL H 252 7.14 36.09 -22.88
C VAL H 252 6.51 37.31 -23.57
N GLY H 253 6.93 37.62 -24.79
CA GLY H 253 6.40 38.73 -25.60
C GLY H 253 4.90 38.73 -25.84
N LYS H 254 4.33 37.54 -26.00
CA LYS H 254 2.87 37.36 -26.14
C LYS H 254 2.12 37.71 -24.87
N THR H 255 2.57 37.18 -23.73
CA THR H 255 2.02 37.56 -22.45
C THR H 255 2.27 39.06 -22.18
N ALA H 256 3.40 39.59 -22.64
CA ALA H 256 3.66 41.03 -22.57
C ALA H 256 2.64 41.87 -23.34
N ALA H 257 2.28 41.46 -24.57
CA ALA H 257 1.17 42.08 -25.32
C ALA H 257 -0.14 42.08 -24.52
N TYR H 258 -0.46 40.92 -23.94
CA TYR H 258 -1.70 40.88 -23.16
C TYR H 258 -1.64 41.97 -22.08
N LEU H 259 -0.56 41.96 -21.29
CA LEU H 259 -0.38 42.87 -20.15
C LEU H 259 -0.28 44.37 -20.54
N LEU H 260 0.34 44.66 -21.68
CA LEU H 260 0.44 46.02 -22.24
C LEU H 260 -0.80 46.56 -22.94
N SER H 261 -1.75 45.69 -23.28
CA SER H 261 -2.93 46.15 -24.03
C SER H 261 -4.16 46.21 -23.12
N ASP H 262 -5.29 46.63 -23.71
CA ASP H 262 -6.57 46.65 -23.02
C ASP H 262 -7.12 45.25 -22.70
N LEU H 263 -6.61 44.17 -23.30
CA LEU H 263 -7.02 42.82 -22.86
C LEU H 263 -6.86 42.54 -21.38
N SER H 264 -5.80 43.07 -20.77
CA SER H 264 -5.65 42.94 -19.31
C SER H 264 -6.18 44.13 -18.51
N SER H 265 -7.19 44.85 -19.00
N SER H 265 -7.11 44.88 -19.09
CA SER H 265 -7.56 46.13 -18.34
CA SER H 265 -7.74 45.92 -18.30
C SER H 265 -7.87 46.08 -16.84
C SER H 265 -8.27 45.15 -17.10
N GLY H 266 -8.36 44.93 -16.38
N GLY H 266 -8.24 45.75 -15.92
CA GLY H 266 -8.72 44.74 -14.97
CA GLY H 266 -8.65 45.05 -14.71
C GLY H 266 -7.64 44.11 -14.08
C GLY H 266 -7.51 44.41 -13.91
N VAL H 267 -6.42 44.10 -14.59
CA VAL H 267 -5.32 43.30 -13.99
C VAL H 267 -4.17 44.20 -13.59
N THR H 268 -3.90 44.29 -12.29
CA THR H 268 -2.73 45.06 -11.86
C THR H 268 -2.15 44.46 -10.59
N GLY H 269 -0.88 44.73 -10.30
CA GLY H 269 -0.27 44.12 -9.12
C GLY H 269 -0.09 42.62 -9.29
N GLU H 270 -0.12 42.10 -10.54
CA GLU H 270 -0.16 40.66 -10.78
C GLU H 270 1.21 40.16 -11.28
N ASN H 271 1.46 38.86 -11.06
CA ASN H 271 2.71 38.25 -11.52
C ASN H 271 2.33 37.00 -12.29
N ILE H 272 2.43 37.07 -13.61
CA ILE H 272 1.99 35.98 -14.46
C ILE H 272 3.19 35.13 -14.82
N HIS H 273 3.15 33.85 -14.45
CA HIS H 273 4.28 32.93 -14.71
C HIS H 273 4.22 32.37 -16.14
N VAL H 274 5.24 32.64 -16.92
CA VAL H 274 5.35 32.08 -18.27
C VAL H 274 6.53 31.09 -18.19
N ASP H 275 6.25 29.88 -17.73
CA ASP H 275 7.28 29.00 -17.21
C ASP H 275 6.89 27.53 -17.37
N SER H 276 5.99 27.21 -18.31
CA SER H 276 5.51 25.85 -18.51
C SER H 276 4.81 25.22 -17.30
N GLY H 277 4.31 26.06 -16.39
CA GLY H 277 3.61 25.63 -15.17
C GLY H 277 4.50 25.19 -14.01
N PHE H 278 5.80 25.41 -14.16
CA PHE H 278 6.76 25.00 -13.14
C PHE H 278 6.48 25.64 -11.81
N HIS H 279 6.00 26.89 -11.79
CA HIS H 279 5.68 27.54 -10.52
C HIS H 279 4.67 26.71 -9.72
N ALA H 280 3.87 25.86 -10.38
CA ALA H 280 2.67 25.33 -9.70
C ALA H 280 2.90 23.97 -9.06
N ILE H 281 4.13 23.47 -9.17
CA ILE H 281 4.45 22.11 -8.81
C ILE H 281 5.58 22.15 -7.76
N LYS H 282 5.65 21.12 -6.93
CA LYS H 282 6.78 20.89 -6.04
C LYS H 282 7.17 19.40 -6.08
#